data_5VSN
# 
_entry.id   5VSN 
# 
_audit_conform.dict_name       mmcif_pdbx.dic 
_audit_conform.dict_version    5.379 
_audit_conform.dict_location   http://mmcif.pdb.org/dictionaries/ascii/mmcif_pdbx.dic 
# 
loop_
_database_2.database_id 
_database_2.database_code 
_database_2.pdbx_database_accession 
_database_2.pdbx_DOI 
PDB   5VSN         pdb_00005vsn 10.2210/pdb5vsn/pdb 
WWPDB D_1000227942 ?            ?                   
# 
_pdbx_database_status.status_code                     REL 
_pdbx_database_status.status_code_sf                  REL 
_pdbx_database_status.status_code_mr                  ? 
_pdbx_database_status.entry_id                        5VSN 
_pdbx_database_status.recvd_initial_deposition_date   2017-05-12 
_pdbx_database_status.SG_entry                        N 
_pdbx_database_status.deposit_site                    RCSB 
_pdbx_database_status.process_site                    RCSB 
_pdbx_database_status.status_code_cs                  ? 
_pdbx_database_status.methods_development_category    ? 
_pdbx_database_status.pdb_format_compatible           Y 
_pdbx_database_status.status_code_nmr_data            ? 
# 
loop_
_audit_author.name 
_audit_author.pdbx_ordinal 
_audit_author.identifier_ORCID 
'Yuchi, Z.'       1 ? 
'Van Petegem, F.' 2 ? 
# 
_citation.abstract                  ? 
_citation.abstract_id_CAS           ? 
_citation.book_id_ISBN              ? 
_citation.book_publisher            ? 
_citation.book_publisher_city       ? 
_citation.book_title                ? 
_citation.coordinate_linkage        ? 
_citation.country                   ? 
_citation.database_id_Medline       ? 
_citation.details                   ? 
_citation.id                        primary 
_citation.journal_abbrev            'JCI Insight' 
_citation.journal_id_ASTM           ? 
_citation.journal_id_CSD            ? 
_citation.journal_id_ISSN           2379-3708 
_citation.journal_full              ? 
_citation.journal_issue             ? 
_citation.journal_volume            5 
_citation.language                  ? 
_citation.page_first                ? 
_citation.page_last                 ? 
_citation.title                     'Cardiac hypertrophy and arrhythmia in mice induced by a mutation in ryanodine receptor 2.' 
_citation.year                      2019 
_citation.database_id_CSD           ? 
_citation.pdbx_database_id_DOI      10.1172/jci.insight.126544 
_citation.pdbx_database_id_PubMed   30835254 
_citation.unpublished_flag          ? 
# 
loop_
_citation_author.citation_id 
_citation_author.name 
_citation_author.ordinal 
_citation_author.identifier_ORCID 
primary 'Alvarado, F.J.'   1  ? 
primary 'Bos, J.M.'        2  ? 
primary 'Yuchi, Z.'        3  ? 
primary 'Valdivia, C.R.'   4  ? 
primary 'Hernandez, J.J.'  5  ? 
primary 'Zhao, Y.T.'       6  ? 
primary 'Henderlong, D.S.' 7  ? 
primary 'Chen, Y.'         8  ? 
primary 'Booher, T.R.'     9  ? 
primary 'Marcou, C.A.'     10 ? 
primary 'Van Petegem, F.'  11 ? 
primary 'Ackerman, M.J.'   12 ? 
primary 'Valdivia, H.H.'   13 ? 
# 
_cell.angle_alpha                  90.000 
_cell.angle_alpha_esd              ? 
_cell.angle_beta                   90.000 
_cell.angle_beta_esd               ? 
_cell.angle_gamma                  90.000 
_cell.angle_gamma_esd              ? 
_cell.entry_id                     5VSN 
_cell.details                      ? 
_cell.formula_units_Z              ? 
_cell.length_a                     36.290 
_cell.length_a_esd                 ? 
_cell.length_b                     66.230 
_cell.length_b_esd                 ? 
_cell.length_c                     66.980 
_cell.length_c_esd                 ? 
_cell.volume                       ? 
_cell.volume_esd                   ? 
_cell.Z_PDB                        4 
_cell.reciprocal_angle_alpha       ? 
_cell.reciprocal_angle_beta        ? 
_cell.reciprocal_angle_gamma       ? 
_cell.reciprocal_angle_alpha_esd   ? 
_cell.reciprocal_angle_beta_esd    ? 
_cell.reciprocal_angle_gamma_esd   ? 
_cell.reciprocal_length_a          ? 
_cell.reciprocal_length_b          ? 
_cell.reciprocal_length_c          ? 
_cell.reciprocal_length_a_esd      ? 
_cell.reciprocal_length_b_esd      ? 
_cell.reciprocal_length_c_esd      ? 
_cell.pdbx_unique_axis             ? 
# 
_symmetry.entry_id                         5VSN 
_symmetry.cell_setting                     ? 
_symmetry.Int_Tables_number                18 
_symmetry.space_group_name_Hall            ? 
_symmetry.space_group_name_H-M             'P 2 21 21' 
_symmetry.pdbx_full_space_group_name_H-M   ? 
# 
loop_
_entity.id 
_entity.type 
_entity.src_method 
_entity.pdbx_description 
_entity.formula_weight 
_entity.pdbx_number_of_molecules 
_entity.pdbx_ec 
_entity.pdbx_mutation 
_entity.pdbx_fragment 
_entity.details 
1 polymer     man 'Ryanodine receptor 2' 19164.535 1   ? P1124L 'SPRY2 domain (UNP residues 1084-1252)' ? 
2 non-polymer syn GLYCEROL               92.094    1   ? ?      ?                                       ? 
3 non-polymer syn 'POTASSIUM ION'        39.098    1   ? ?      ?                                       ? 
4 water       nat water                  18.015    111 ? ?      ?                                       ? 
# 
_entity_name_com.entity_id   1 
_entity_name_com.name        
'RyR2, Cardiac muscle ryanodine receptor, Cardiac muscle ryanodine receptor-calcium release channel, Type 2 ryanodine receptor' 
# 
_entity_poly.entity_id                      1 
_entity_poly.type                           'polypeptide(L)' 
_entity_poly.nstd_linkage                   no 
_entity_poly.nstd_monomer                   no 
_entity_poly.pdbx_seq_one_letter_code       
;RFRIFRAEKTYAVKAGRWYFEFEAVTAGDMRVGWSRPGCQLDLELGSDDRAFAFDGFKAQRWHQGNEHYGRSWQAGDVVG
CMVDMNEHTMMFTLNGEILLDDSGSELAFKDFDVGDGFIPVCSLGVAQVGRMNFGKDVSTLKYFTICGLQEGYEPFAVNT
NRDITMWLS
;
_entity_poly.pdbx_seq_one_letter_code_can   
;RFRIFRAEKTYAVKAGRWYFEFEAVTAGDMRVGWSRPGCQLDLELGSDDRAFAFDGFKAQRWHQGNEHYGRSWQAGDVVG
CMVDMNEHTMMFTLNGEILLDDSGSELAFKDFDVGDGFIPVCSLGVAQVGRMNFGKDVSTLKYFTICGLQEGYEPFAVNT
NRDITMWLS
;
_entity_poly.pdbx_strand_id                 A 
_entity_poly.pdbx_target_identifier         ? 
# 
loop_
_entity_poly_seq.entity_id 
_entity_poly_seq.num 
_entity_poly_seq.mon_id 
_entity_poly_seq.hetero 
1 1   ARG n 
1 2   PHE n 
1 3   ARG n 
1 4   ILE n 
1 5   PHE n 
1 6   ARG n 
1 7   ALA n 
1 8   GLU n 
1 9   LYS n 
1 10  THR n 
1 11  TYR n 
1 12  ALA n 
1 13  VAL n 
1 14  LYS n 
1 15  ALA n 
1 16  GLY n 
1 17  ARG n 
1 18  TRP n 
1 19  TYR n 
1 20  PHE n 
1 21  GLU n 
1 22  PHE n 
1 23  GLU n 
1 24  ALA n 
1 25  VAL n 
1 26  THR n 
1 27  ALA n 
1 28  GLY n 
1 29  ASP n 
1 30  MET n 
1 31  ARG n 
1 32  VAL n 
1 33  GLY n 
1 34  TRP n 
1 35  SER n 
1 36  ARG n 
1 37  PRO n 
1 38  GLY n 
1 39  CYS n 
1 40  GLN n 
1 41  LEU n 
1 42  ASP n 
1 43  LEU n 
1 44  GLU n 
1 45  LEU n 
1 46  GLY n 
1 47  SER n 
1 48  ASP n 
1 49  ASP n 
1 50  ARG n 
1 51  ALA n 
1 52  PHE n 
1 53  ALA n 
1 54  PHE n 
1 55  ASP n 
1 56  GLY n 
1 57  PHE n 
1 58  LYS n 
1 59  ALA n 
1 60  GLN n 
1 61  ARG n 
1 62  TRP n 
1 63  HIS n 
1 64  GLN n 
1 65  GLY n 
1 66  ASN n 
1 67  GLU n 
1 68  HIS n 
1 69  TYR n 
1 70  GLY n 
1 71  ARG n 
1 72  SER n 
1 73  TRP n 
1 74  GLN n 
1 75  ALA n 
1 76  GLY n 
1 77  ASP n 
1 78  VAL n 
1 79  VAL n 
1 80  GLY n 
1 81  CYS n 
1 82  MET n 
1 83  VAL n 
1 84  ASP n 
1 85  MET n 
1 86  ASN n 
1 87  GLU n 
1 88  HIS n 
1 89  THR n 
1 90  MET n 
1 91  MET n 
1 92  PHE n 
1 93  THR n 
1 94  LEU n 
1 95  ASN n 
1 96  GLY n 
1 97  GLU n 
1 98  ILE n 
1 99  LEU n 
1 100 LEU n 
1 101 ASP n 
1 102 ASP n 
1 103 SER n 
1 104 GLY n 
1 105 SER n 
1 106 GLU n 
1 107 LEU n 
1 108 ALA n 
1 109 PHE n 
1 110 LYS n 
1 111 ASP n 
1 112 PHE n 
1 113 ASP n 
1 114 VAL n 
1 115 GLY n 
1 116 ASP n 
1 117 GLY n 
1 118 PHE n 
1 119 ILE n 
1 120 PRO n 
1 121 VAL n 
1 122 CYS n 
1 123 SER n 
1 124 LEU n 
1 125 GLY n 
1 126 VAL n 
1 127 ALA n 
1 128 GLN n 
1 129 VAL n 
1 130 GLY n 
1 131 ARG n 
1 132 MET n 
1 133 ASN n 
1 134 PHE n 
1 135 GLY n 
1 136 LYS n 
1 137 ASP n 
1 138 VAL n 
1 139 SER n 
1 140 THR n 
1 141 LEU n 
1 142 LYS n 
1 143 TYR n 
1 144 PHE n 
1 145 THR n 
1 146 ILE n 
1 147 CYS n 
1 148 GLY n 
1 149 LEU n 
1 150 GLN n 
1 151 GLU n 
1 152 GLY n 
1 153 TYR n 
1 154 GLU n 
1 155 PRO n 
1 156 PHE n 
1 157 ALA n 
1 158 VAL n 
1 159 ASN n 
1 160 THR n 
1 161 ASN n 
1 162 ARG n 
1 163 ASP n 
1 164 ILE n 
1 165 THR n 
1 166 MET n 
1 167 TRP n 
1 168 LEU n 
1 169 SER n 
# 
_entity_src_gen.entity_id                          1 
_entity_src_gen.pdbx_src_id                        1 
_entity_src_gen.pdbx_alt_source_flag               sample 
_entity_src_gen.pdbx_seq_type                      'Biological sequence' 
_entity_src_gen.pdbx_beg_seq_num                   1 
_entity_src_gen.pdbx_end_seq_num                   169 
_entity_src_gen.gene_src_common_name               Mouse 
_entity_src_gen.gene_src_genus                     ? 
_entity_src_gen.pdbx_gene_src_gene                 Ryr2 
_entity_src_gen.gene_src_species                   ? 
_entity_src_gen.gene_src_strain                    ? 
_entity_src_gen.gene_src_tissue                    ? 
_entity_src_gen.gene_src_tissue_fraction           ? 
_entity_src_gen.gene_src_details                   ? 
_entity_src_gen.pdbx_gene_src_fragment             ? 
_entity_src_gen.pdbx_gene_src_scientific_name      'Mus musculus' 
_entity_src_gen.pdbx_gene_src_ncbi_taxonomy_id     10090 
_entity_src_gen.pdbx_gene_src_variant              ? 
_entity_src_gen.pdbx_gene_src_cell_line            ? 
_entity_src_gen.pdbx_gene_src_atcc                 ? 
_entity_src_gen.pdbx_gene_src_organ                ? 
_entity_src_gen.pdbx_gene_src_organelle            ? 
_entity_src_gen.pdbx_gene_src_cell                 ? 
_entity_src_gen.pdbx_gene_src_cellular_location    ? 
_entity_src_gen.host_org_common_name               ? 
_entity_src_gen.pdbx_host_org_scientific_name      'Escherichia coli' 
_entity_src_gen.pdbx_host_org_ncbi_taxonomy_id     562 
_entity_src_gen.host_org_genus                     ? 
_entity_src_gen.pdbx_host_org_gene                 ? 
_entity_src_gen.pdbx_host_org_organ                ? 
_entity_src_gen.host_org_species                   ? 
_entity_src_gen.pdbx_host_org_tissue               ? 
_entity_src_gen.pdbx_host_org_tissue_fraction      ? 
_entity_src_gen.pdbx_host_org_strain               ? 
_entity_src_gen.pdbx_host_org_variant              ? 
_entity_src_gen.pdbx_host_org_cell_line            ? 
_entity_src_gen.pdbx_host_org_atcc                 ? 
_entity_src_gen.pdbx_host_org_culture_collection   ? 
_entity_src_gen.pdbx_host_org_cell                 ? 
_entity_src_gen.pdbx_host_org_organelle            ? 
_entity_src_gen.pdbx_host_org_cellular_location    ? 
_entity_src_gen.pdbx_host_org_vector_type          ? 
_entity_src_gen.pdbx_host_org_vector               ? 
_entity_src_gen.host_org_details                   ? 
_entity_src_gen.expression_system_id               ? 
_entity_src_gen.plasmid_name                       ? 
_entity_src_gen.plasmid_details                    ? 
_entity_src_gen.pdbx_description                   ? 
# 
_struct_ref.id                         1 
_struct_ref.db_name                    UNP 
_struct_ref.db_code                    RYR2_MOUSE 
_struct_ref.pdbx_db_accession          E9Q401 
_struct_ref.pdbx_db_isoform            ? 
_struct_ref.entity_id                  1 
_struct_ref.pdbx_seq_one_letter_code   
;RFRIFRAEKTYAVKAGRWYFEFEAVTAGDMRVGWSRPGCQPDLELGSDDRAFAFDGFKAQRWHQGNEHYGRSWQAGDVVG
CMVDMNEHTMMFTLNGEILLDDSGSELAFKDFDVGDGFIPVCSLGVAQVGRMNFGKDVSTLKYFTICGLQEGYEPFAVNT
NRDITMWLS
;
_struct_ref.pdbx_align_begin           1084 
# 
_struct_ref_seq.align_id                      1 
_struct_ref_seq.ref_id                        1 
_struct_ref_seq.pdbx_PDB_id_code              5VSN 
_struct_ref_seq.pdbx_strand_id                A 
_struct_ref_seq.seq_align_beg                 1 
_struct_ref_seq.pdbx_seq_align_beg_ins_code   ? 
_struct_ref_seq.seq_align_end                 169 
_struct_ref_seq.pdbx_seq_align_end_ins_code   ? 
_struct_ref_seq.pdbx_db_accession             E9Q401 
_struct_ref_seq.db_align_beg                  1084 
_struct_ref_seq.pdbx_db_align_beg_ins_code    ? 
_struct_ref_seq.db_align_end                  1252 
_struct_ref_seq.pdbx_db_align_end_ins_code    ? 
_struct_ref_seq.pdbx_auth_seq_align_beg       1084 
_struct_ref_seq.pdbx_auth_seq_align_end       1252 
# 
_struct_ref_seq_dif.align_id                     1 
_struct_ref_seq_dif.pdbx_pdb_id_code             5VSN 
_struct_ref_seq_dif.mon_id                       LEU 
_struct_ref_seq_dif.pdbx_pdb_strand_id           A 
_struct_ref_seq_dif.seq_num                      41 
_struct_ref_seq_dif.pdbx_pdb_ins_code            ? 
_struct_ref_seq_dif.pdbx_seq_db_name             UNP 
_struct_ref_seq_dif.pdbx_seq_db_accession_code   E9Q401 
_struct_ref_seq_dif.db_mon_id                    PRO 
_struct_ref_seq_dif.pdbx_seq_db_seq_num          1124 
_struct_ref_seq_dif.details                      'engineered mutation' 
_struct_ref_seq_dif.pdbx_auth_seq_num            1124 
_struct_ref_seq_dif.pdbx_ordinal                 1 
# 
loop_
_chem_comp.id 
_chem_comp.type 
_chem_comp.mon_nstd_flag 
_chem_comp.name 
_chem_comp.pdbx_synonyms 
_chem_comp.formula 
_chem_comp.formula_weight 
ALA 'L-peptide linking' y ALANINE         ?                               'C3 H7 N O2'     89.093  
ARG 'L-peptide linking' y ARGININE        ?                               'C6 H15 N4 O2 1' 175.209 
ASN 'L-peptide linking' y ASPARAGINE      ?                               'C4 H8 N2 O3'    132.118 
ASP 'L-peptide linking' y 'ASPARTIC ACID' ?                               'C4 H7 N O4'     133.103 
CYS 'L-peptide linking' y CYSTEINE        ?                               'C3 H7 N O2 S'   121.158 
GLN 'L-peptide linking' y GLUTAMINE       ?                               'C5 H10 N2 O3'   146.144 
GLU 'L-peptide linking' y 'GLUTAMIC ACID' ?                               'C5 H9 N O4'     147.129 
GLY 'peptide linking'   y GLYCINE         ?                               'C2 H5 N O2'     75.067  
GOL non-polymer         . GLYCEROL        'GLYCERIN; PROPANE-1,2,3-TRIOL' 'C3 H8 O3'       92.094  
HIS 'L-peptide linking' y HISTIDINE       ?                               'C6 H10 N3 O2 1' 156.162 
HOH non-polymer         . WATER           ?                               'H2 O'           18.015  
ILE 'L-peptide linking' y ISOLEUCINE      ?                               'C6 H13 N O2'    131.173 
K   non-polymer         . 'POTASSIUM ION' ?                               'K 1'            39.098  
LEU 'L-peptide linking' y LEUCINE         ?                               'C6 H13 N O2'    131.173 
LYS 'L-peptide linking' y LYSINE          ?                               'C6 H15 N2 O2 1' 147.195 
MET 'L-peptide linking' y METHIONINE      ?                               'C5 H11 N O2 S'  149.211 
PHE 'L-peptide linking' y PHENYLALANINE   ?                               'C9 H11 N O2'    165.189 
PRO 'L-peptide linking' y PROLINE         ?                               'C5 H9 N O2'     115.130 
SER 'L-peptide linking' y SERINE          ?                               'C3 H7 N O3'     105.093 
THR 'L-peptide linking' y THREONINE       ?                               'C4 H9 N O3'     119.119 
TRP 'L-peptide linking' y TRYPTOPHAN      ?                               'C11 H12 N2 O2'  204.225 
TYR 'L-peptide linking' y TYROSINE        ?                               'C9 H11 N O3'    181.189 
VAL 'L-peptide linking' y VALINE          ?                               'C5 H11 N O2'    117.146 
# 
_exptl.absorpt_coefficient_mu     ? 
_exptl.absorpt_correction_T_max   ? 
_exptl.absorpt_correction_T_min   ? 
_exptl.absorpt_correction_type    ? 
_exptl.absorpt_process_details    ? 
_exptl.entry_id                   5VSN 
_exptl.crystals_number            1 
_exptl.details                    ? 
_exptl.method                     'X-RAY DIFFRACTION' 
_exptl.method_details             ? 
# 
_exptl_crystal.colour                      ? 
_exptl_crystal.density_diffrn              ? 
_exptl_crystal.density_Matthews            2.10 
_exptl_crystal.density_method              ? 
_exptl_crystal.density_percent_sol         41.43 
_exptl_crystal.description                 ? 
_exptl_crystal.F_000                       ? 
_exptl_crystal.id                          1 
_exptl_crystal.preparation                 ? 
_exptl_crystal.size_max                    ? 
_exptl_crystal.size_mid                    ? 
_exptl_crystal.size_min                    ? 
_exptl_crystal.size_rad                    ? 
_exptl_crystal.colour_lustre               ? 
_exptl_crystal.colour_modifier             ? 
_exptl_crystal.colour_primary              ? 
_exptl_crystal.density_meas                ? 
_exptl_crystal.density_meas_esd            ? 
_exptl_crystal.density_meas_gt             ? 
_exptl_crystal.density_meas_lt             ? 
_exptl_crystal.density_meas_temp           ? 
_exptl_crystal.density_meas_temp_esd       ? 
_exptl_crystal.density_meas_temp_gt        ? 
_exptl_crystal.density_meas_temp_lt        ? 
_exptl_crystal.pdbx_crystal_image_url      ? 
_exptl_crystal.pdbx_crystal_image_format   ? 
_exptl_crystal.pdbx_mosaicity              ? 
_exptl_crystal.pdbx_mosaicity_esd          ? 
# 
_exptl_crystal_grow.apparatus       ? 
_exptl_crystal_grow.atmosphere      ? 
_exptl_crystal_grow.crystal_id      1 
_exptl_crystal_grow.details         ? 
_exptl_crystal_grow.method          'VAPOR DIFFUSION, HANGING DROP' 
_exptl_crystal_grow.method_ref      ? 
_exptl_crystal_grow.pH              ? 
_exptl_crystal_grow.pressure        ? 
_exptl_crystal_grow.pressure_esd    ? 
_exptl_crystal_grow.seeding         ? 
_exptl_crystal_grow.seeding_ref     ? 
_exptl_crystal_grow.temp            298 
_exptl_crystal_grow.temp_details    ? 
_exptl_crystal_grow.temp_esd        ? 
_exptl_crystal_grow.time            ? 
_exptl_crystal_grow.pdbx_details    '0.1 M potassium thiocyanate, 30% PEG2000 MME' 
_exptl_crystal_grow.pdbx_pH_range   ? 
# 
_diffrn.ambient_environment    ? 
_diffrn.ambient_temp           100 
_diffrn.ambient_temp_details   ? 
_diffrn.ambient_temp_esd       ? 
_diffrn.crystal_id             1 
_diffrn.crystal_support        ? 
_diffrn.crystal_treatment      ? 
_diffrn.details                ? 
_diffrn.id                     1 
_diffrn.ambient_pressure       ? 
_diffrn.ambient_pressure_esd   ? 
_diffrn.ambient_pressure_gt    ? 
_diffrn.ambient_pressure_lt    ? 
_diffrn.ambient_temp_gt        ? 
_diffrn.ambient_temp_lt        ? 
# 
_diffrn_detector.details                      ? 
_diffrn_detector.detector                     PIXEL 
_diffrn_detector.diffrn_id                    1 
_diffrn_detector.type                         'DECTRIS PILATUS3 6M' 
_diffrn_detector.area_resol_mean              ? 
_diffrn_detector.dtime                        ? 
_diffrn_detector.pdbx_frames_total            ? 
_diffrn_detector.pdbx_collection_time_total   ? 
_diffrn_detector.pdbx_collection_date         2015-12-06 
# 
_diffrn_radiation.collimation                      ? 
_diffrn_radiation.diffrn_id                        1 
_diffrn_radiation.filter_edge                      ? 
_diffrn_radiation.inhomogeneity                    ? 
_diffrn_radiation.monochromator                    'Double crystal cryo-cooled Si(111)' 
_diffrn_radiation.polarisn_norm                    ? 
_diffrn_radiation.polarisn_ratio                   ? 
_diffrn_radiation.probe                            ? 
_diffrn_radiation.type                             ? 
_diffrn_radiation.xray_symbol                      ? 
_diffrn_radiation.wavelength_id                    1 
_diffrn_radiation.pdbx_monochromatic_or_laue_m_l   M 
_diffrn_radiation.pdbx_wavelength_list             ? 
_diffrn_radiation.pdbx_wavelength                  ? 
_diffrn_radiation.pdbx_diffrn_protocol             'SINGLE WAVELENGTH' 
_diffrn_radiation.pdbx_analyzer                    ? 
_diffrn_radiation.pdbx_scattering_type             x-ray 
# 
_diffrn_radiation_wavelength.id           1 
_diffrn_radiation_wavelength.wavelength   1.0000 
_diffrn_radiation_wavelength.wt           1.0 
# 
_diffrn_source.current                     ? 
_diffrn_source.details                     ? 
_diffrn_source.diffrn_id                   1 
_diffrn_source.power                       ? 
_diffrn_source.size                        ? 
_diffrn_source.source                      SYNCHROTRON 
_diffrn_source.target                      ? 
_diffrn_source.type                        'APS BEAMLINE 23-ID-D' 
_diffrn_source.voltage                     ? 
_diffrn_source.take-off_angle              ? 
_diffrn_source.pdbx_wavelength_list        1.0000 
_diffrn_source.pdbx_wavelength             ? 
_diffrn_source.pdbx_synchrotron_beamline   23-ID-D 
_diffrn_source.pdbx_synchrotron_site       APS 
# 
_reflns.B_iso_Wilson_estimate            21.660 
_reflns.entry_id                         5VSN 
_reflns.data_reduction_details           ? 
_reflns.data_reduction_method            ? 
_reflns.d_resolution_high                1.439 
_reflns.d_resolution_low                 50.000 
_reflns.details                          ? 
_reflns.limit_h_max                      ? 
_reflns.limit_h_min                      ? 
_reflns.limit_k_max                      ? 
_reflns.limit_k_min                      ? 
_reflns.limit_l_max                      ? 
_reflns.limit_l_min                      ? 
_reflns.number_all                       ? 
_reflns.number_obs                       29741 
_reflns.observed_criterion               ? 
_reflns.observed_criterion_F_max         ? 
_reflns.observed_criterion_F_min         ? 
_reflns.observed_criterion_I_max         ? 
_reflns.observed_criterion_I_min         ? 
_reflns.observed_criterion_sigma_F       ? 
_reflns.observed_criterion_sigma_I       ? 
_reflns.percent_possible_obs             99.900 
_reflns.R_free_details                   ? 
_reflns.Rmerge_F_all                     ? 
_reflns.Rmerge_F_obs                     ? 
_reflns.Friedel_coverage                 ? 
_reflns.number_gt                        ? 
_reflns.threshold_expression             ? 
_reflns.pdbx_redundancy                  6.700 
_reflns.pdbx_Rmerge_I_obs                0.109 
_reflns.pdbx_Rmerge_I_all                ? 
_reflns.pdbx_Rsym_value                  ? 
_reflns.pdbx_netI_over_av_sigmaI         ? 
_reflns.pdbx_netI_over_sigmaI            11.700 
_reflns.pdbx_res_netI_over_av_sigmaI_2   ? 
_reflns.pdbx_res_netI_over_sigmaI_2      ? 
_reflns.pdbx_chi_squared                 1.044 
_reflns.pdbx_scaling_rejects             ? 
_reflns.pdbx_d_res_high_opt              ? 
_reflns.pdbx_d_res_low_opt               ? 
_reflns.pdbx_d_res_opt_method            ? 
_reflns.phase_calculation_details        ? 
_reflns.pdbx_Rrim_I_all                  0.118 
_reflns.pdbx_Rpim_I_all                  0.045 
_reflns.pdbx_d_opt                       ? 
_reflns.pdbx_number_measured_all         ? 
_reflns.pdbx_diffrn_id                   1 
_reflns.pdbx_ordinal                     1 
_reflns.pdbx_CC_half                     ? 
_reflns.pdbx_R_split                     ? 
# 
loop_
_reflns_shell.pdbx_diffrn_id 
_reflns_shell.pdbx_ordinal 
_reflns_shell.d_res_high 
_reflns_shell.d_res_low 
_reflns_shell.number_measured_obs 
_reflns_shell.number_measured_all 
_reflns_shell.number_unique_obs 
_reflns_shell.pdbx_rejects 
_reflns_shell.Rmerge_I_obs 
_reflns_shell.meanI_over_sigI_obs 
_reflns_shell.pdbx_Rsym_value 
_reflns_shell.pdbx_chi_squared 
_reflns_shell.pdbx_redundancy 
_reflns_shell.percent_possible_obs 
_reflns_shell.pdbx_netI_over_sigmaI_obs 
_reflns_shell.number_possible 
_reflns_shell.number_unique_all 
_reflns_shell.Rmerge_F_all 
_reflns_shell.Rmerge_F_obs 
_reflns_shell.Rmerge_I_all 
_reflns_shell.meanI_over_sigI_all 
_reflns_shell.percent_possible_all 
_reflns_shell.pdbx_Rrim_I_all 
_reflns_shell.pdbx_Rpim_I_all 
_reflns_shell.pdbx_CC_half 
1 1  1.440 1.460  ? ? ? ? 0.830 ? ? 1.107 5.200 ? ? ? 1447 ? ? ? ? 99.900  0.918 0.384 0.863 
1 2  1.460 1.490  ? ? ? ? 0.752 ? ? 1.116 5.500 ? ? ? 1460 ? ? ? ? 99.900  0.828 0.341 0.913 
1 3  1.490 1.520  ? ? ? ? 0.793 ? ? 1.109 5.900 ? ? ? 1458 ? ? ? ? 100.000 0.869 0.350 0.882 
1 4  1.520 1.550  ? ? ? ? 0.678 ? ? 1.094 6.200 ? ? ? 1459 ? ? ? ? 100.000 0.740 0.291 0.926 
1 5  1.550 1.580  ? ? ? ? 0.646 ? ? 1.100 6.500 ? ? ? 1481 ? ? ? ? 100.000 0.701 0.270 0.933 
1 6  1.580 1.620  ? ? ? ? 0.646 ? ? 1.028 6.700 ? ? ? 1458 ? ? ? ? 100.000 0.700 0.266 0.934 
1 7  1.620 1.660  ? ? ? ? 0.536 ? ? 1.058 6.900 ? ? ? 1468 ? ? ? ? 100.000 0.579 0.218 0.971 
1 8  1.660 1.710  ? ? ? ? 0.486 ? ? 1.046 6.900 ? ? ? 1471 ? ? ? ? 100.000 0.525 0.196 0.967 
1 9  1.710 1.760  ? ? ? ? 0.396 ? ? 1.008 7.000 ? ? ? 1471 ? ? ? ? 100.000 0.428 0.160 0.981 
1 10 1.760 1.810  ? ? ? ? 0.340 ? ? 1.018 7.000 ? ? ? 1474 ? ? ? ? 100.000 0.367 0.138 0.977 
1 11 1.810 1.880  ? ? ? ? 0.268 ? ? 1.030 7.000 ? ? ? 1473 ? ? ? ? 100.000 0.289 0.108 0.986 
1 12 1.880 1.950  ? ? ? ? 0.218 ? ? 1.018 7.000 ? ? ? 1473 ? ? ? ? 100.000 0.236 0.088 0.987 
1 13 1.950 2.040  ? ? ? ? 0.194 ? ? 1.092 7.100 ? ? ? 1494 ? ? ? ? 100.000 0.209 0.078 0.987 
1 14 2.040 2.150  ? ? ? ? 0.161 ? ? 1.019 7.100 ? ? ? 1484 ? ? ? ? 100.000 0.173 0.064 0.987 
1 15 2.150 2.290  ? ? ? ? 0.157 ? ? 1.007 7.100 ? ? ? 1503 ? ? ? ? 100.000 0.169 0.063 0.985 
1 16 2.290 2.460  ? ? ? ? 0.150 ? ? 1.075 7.200 ? ? ? 1490 ? ? ? ? 100.000 0.162 0.060 0.986 
1 17 2.460 2.710  ? ? ? ? 0.125 ? ? 1.016 7.200 ? ? ? 1491 ? ? ? ? 100.000 0.135 0.050 0.990 
1 18 2.710 3.100  ? ? ? ? 0.105 ? ? 1.035 7.100 ? ? ? 1510 ? ? ? ? 100.000 0.113 0.042 0.990 
1 19 3.100 3.910  ? ? ? ? 0.087 ? ? 0.974 6.900 ? ? ? 1557 ? ? ? ? 100.000 0.094 0.035 0.993 
1 20 3.910 50.000 ? ? ? ? 0.077 ? ? 0.986 6.300 ? ? ? 1619 ? ? ? ? 98.600  0.084 0.033 0.992 
# 
_refine.aniso_B[1][1]                            ? 
_refine.aniso_B[1][2]                            ? 
_refine.aniso_B[1][3]                            ? 
_refine.aniso_B[2][2]                            ? 
_refine.aniso_B[2][3]                            ? 
_refine.aniso_B[3][3]                            ? 
_refine.B_iso_max                                120.610 
_refine.B_iso_mean                               31.4909 
_refine.B_iso_min                                17.040 
_refine.correlation_coeff_Fo_to_Fc               ? 
_refine.correlation_coeff_Fo_to_Fc_free          ? 
_refine.details                                  ? 
_refine.diff_density_max                         ? 
_refine.diff_density_max_esd                     ? 
_refine.diff_density_min                         ? 
_refine.diff_density_min_esd                     ? 
_refine.diff_density_rms                         ? 
_refine.diff_density_rms_esd                     ? 
_refine.entry_id                                 5VSN 
_refine.pdbx_refine_id                           'X-RAY DIFFRACTION' 
_refine.ls_abs_structure_details                 ? 
_refine.ls_abs_structure_Flack                   ? 
_refine.ls_abs_structure_Flack_esd               ? 
_refine.ls_abs_structure_Rogers                  ? 
_refine.ls_abs_structure_Rogers_esd              ? 
_refine.ls_d_res_high                            1.4390 
_refine.ls_d_res_low                             24.6110 
_refine.ls_extinction_coef                       ? 
_refine.ls_extinction_coef_esd                   ? 
_refine.ls_extinction_expression                 ? 
_refine.ls_extinction_method                     ? 
_refine.ls_goodness_of_fit_all                   ? 
_refine.ls_goodness_of_fit_all_esd               ? 
_refine.ls_goodness_of_fit_obs                   ? 
_refine.ls_goodness_of_fit_obs_esd               ? 
_refine.ls_hydrogen_treatment                    ? 
_refine.ls_matrix_type                           ? 
_refine.ls_number_constraints                    ? 
_refine.ls_number_parameters                     ? 
_refine.ls_number_reflns_all                     ? 
_refine.ls_number_reflns_obs                     29666 
_refine.ls_number_reflns_R_free                  1480 
_refine.ls_number_reflns_R_work                  ? 
_refine.ls_number_restraints                     ? 
_refine.ls_percent_reflns_obs                    98.9100 
_refine.ls_percent_reflns_R_free                 4.9900 
_refine.ls_R_factor_all                          ? 
_refine.ls_R_factor_obs                          0.1746 
_refine.ls_R_factor_R_free                       0.1926 
_refine.ls_R_factor_R_free_error                 ? 
_refine.ls_R_factor_R_free_error_details         ? 
_refine.ls_R_factor_R_work                       0.1736 
_refine.ls_R_Fsqd_factor_obs                     ? 
_refine.ls_R_I_factor_obs                        ? 
_refine.ls_redundancy_reflns_all                 ? 
_refine.ls_redundancy_reflns_obs                 ? 
_refine.ls_restrained_S_all                      ? 
_refine.ls_restrained_S_obs                      ? 
_refine.ls_shift_over_esd_max                    ? 
_refine.ls_shift_over_esd_mean                   ? 
_refine.ls_structure_factor_coef                 ? 
_refine.ls_weighting_details                     ? 
_refine.ls_weighting_scheme                      ? 
_refine.ls_wR_factor_all                         ? 
_refine.ls_wR_factor_obs                         ? 
_refine.ls_wR_factor_R_free                      ? 
_refine.ls_wR_factor_R_work                      ? 
_refine.occupancy_max                            ? 
_refine.occupancy_min                            ? 
_refine.solvent_model_details                    ? 
_refine.solvent_model_param_bsol                 ? 
_refine.solvent_model_param_ksol                 ? 
_refine.ls_R_factor_gt                           ? 
_refine.ls_goodness_of_fit_gt                    ? 
_refine.ls_goodness_of_fit_ref                   ? 
_refine.ls_shift_over_su_max                     ? 
_refine.ls_shift_over_su_max_lt                  ? 
_refine.ls_shift_over_su_mean                    ? 
_refine.ls_shift_over_su_mean_lt                 ? 
_refine.pdbx_ls_sigma_I                          ? 
_refine.pdbx_ls_sigma_F                          1.340 
_refine.pdbx_ls_sigma_Fsqd                       ? 
_refine.pdbx_data_cutoff_high_absF               ? 
_refine.pdbx_data_cutoff_high_rms_absF           ? 
_refine.pdbx_data_cutoff_low_absF                ? 
_refine.pdbx_isotropic_thermal_model             ? 
_refine.pdbx_ls_cross_valid_method               'FREE R-VALUE' 
_refine.pdbx_method_to_determine_struct          'MOLECULAR REPLACEMENT' 
_refine.pdbx_starting_model                      'PDB entry 4P9I' 
_refine.pdbx_stereochemistry_target_values       ? 
_refine.pdbx_R_Free_selection_details            ? 
_refine.pdbx_stereochem_target_val_spec_case     ? 
_refine.pdbx_overall_ESU_R                       ? 
_refine.pdbx_overall_ESU_R_Free                  ? 
_refine.pdbx_solvent_vdw_probe_radii             1.1100 
_refine.pdbx_solvent_ion_probe_radii             ? 
_refine.pdbx_solvent_shrinkage_radii             0.9000 
_refine.pdbx_real_space_R                        ? 
_refine.pdbx_density_correlation                 ? 
_refine.pdbx_pd_number_of_powder_patterns        ? 
_refine.pdbx_pd_number_of_points                 ? 
_refine.pdbx_pd_meas_number_of_points            ? 
_refine.pdbx_pd_proc_ls_prof_R_factor            ? 
_refine.pdbx_pd_proc_ls_prof_wR_factor           ? 
_refine.pdbx_pd_Marquardt_correlation_coeff      ? 
_refine.pdbx_pd_Fsqrd_R_factor                   ? 
_refine.pdbx_pd_ls_matrix_band_width             ? 
_refine.pdbx_overall_phase_error                 22.5200 
_refine.pdbx_overall_SU_R_free_Cruickshank_DPI   ? 
_refine.pdbx_overall_SU_R_free_Blow_DPI          ? 
_refine.pdbx_overall_SU_R_Blow_DPI               ? 
_refine.pdbx_TLS_residual_ADP_flag               ? 
_refine.pdbx_diffrn_id                           1 
_refine.overall_SU_B                             ? 
_refine.overall_SU_ML                            0.1300 
_refine.overall_SU_R_Cruickshank_DPI             ? 
_refine.overall_SU_R_free                        ? 
_refine.overall_FOM_free_R_set                   ? 
_refine.overall_FOM_work_R_set                   ? 
_refine.pdbx_average_fsc_overall                 ? 
_refine.pdbx_average_fsc_work                    ? 
_refine.pdbx_average_fsc_free                    ? 
# 
_refine_hist.cycle_id                         final 
_refine_hist.pdbx_refine_id                   'X-RAY DIFFRACTION' 
_refine_hist.d_res_high                       1.4390 
_refine_hist.d_res_low                        24.6110 
_refine_hist.pdbx_number_atoms_ligand         7 
_refine_hist.number_atoms_solvent             111 
_refine_hist.number_atoms_total               1442 
_refine_hist.pdbx_number_residues_total       169 
_refine_hist.pdbx_B_iso_mean_ligand           49.03 
_refine_hist.pdbx_B_iso_mean_solvent          40.45 
_refine_hist.pdbx_number_atoms_protein        1324 
_refine_hist.pdbx_number_atoms_nucleic_acid   0 
# 
loop_
_refine_ls_restr.pdbx_refine_id 
_refine_ls_restr.criterion 
_refine_ls_restr.dev_ideal 
_refine_ls_restr.dev_ideal_target 
_refine_ls_restr.number 
_refine_ls_restr.rejects 
_refine_ls_restr.type 
_refine_ls_restr.weight 
_refine_ls_restr.pdbx_restraint_function 
'X-RAY DIFFRACTION' ? 0.005 ? 1445 ? f_bond_d           ? ? 
'X-RAY DIFFRACTION' ? 0.757 ? 1958 ? f_angle_d          ? ? 
'X-RAY DIFFRACTION' ? 0.079 ? 194  ? f_chiral_restr     ? ? 
'X-RAY DIFFRACTION' ? 0.004 ? 264  ? f_plane_restr      ? ? 
'X-RAY DIFFRACTION' ? 3.772 ? 785  ? f_dihedral_angle_d ? ? 
# 
loop_
_refine_ls_shell.pdbx_refine_id 
_refine_ls_shell.d_res_high 
_refine_ls_shell.d_res_low 
_refine_ls_shell.number_reflns_all 
_refine_ls_shell.number_reflns_obs 
_refine_ls_shell.number_reflns_R_free 
_refine_ls_shell.number_reflns_R_work 
_refine_ls_shell.percent_reflns_obs 
_refine_ls_shell.percent_reflns_R_free 
_refine_ls_shell.R_factor_all 
_refine_ls_shell.R_factor_obs 
_refine_ls_shell.R_factor_R_free 
_refine_ls_shell.R_factor_R_free_error 
_refine_ls_shell.R_factor_R_work 
_refine_ls_shell.redundancy_reflns_all 
_refine_ls_shell.redundancy_reflns_obs 
_refine_ls_shell.wR_factor_all 
_refine_ls_shell.wR_factor_obs 
_refine_ls_shell.wR_factor_R_free 
_refine_ls_shell.wR_factor_R_work 
_refine_ls_shell.pdbx_total_number_of_bins_used 
_refine_ls_shell.pdbx_phase_error 
_refine_ls_shell.pdbx_fsc_work 
_refine_ls_shell.pdbx_fsc_free 
'X-RAY DIFFRACTION' 1.4394 1.4859  2371 . 115 2256 89.0000  . . . 0.2998 0.0000 0.3006 . . . . . . 11 . . . 
'X-RAY DIFFRACTION' 1.4859 1.5390  2672 . 133 2539 100.0000 . . . 0.2830 0.0000 0.2565 . . . . . . 11 . . . 
'X-RAY DIFFRACTION' 1.5390 1.6006  2680 . 134 2546 100.0000 . . . 0.2414 0.0000 0.2200 . . . . . . 11 . . . 
'X-RAY DIFFRACTION' 1.6006 1.6734  2700 . 135 2565 100.0000 . . . 0.1987 0.0000 0.2009 . . . . . . 11 . . . 
'X-RAY DIFFRACTION' 1.6734 1.7616  2690 . 135 2555 100.0000 . . . 0.2619 0.0000 0.1925 . . . . . . 11 . . . 
'X-RAY DIFFRACTION' 1.7616 1.8719  2691 . 135 2556 100.0000 . . . 0.2027 0.0000 0.1863 . . . . . . 11 . . . 
'X-RAY DIFFRACTION' 1.8719 2.0164  2736 . 136 2600 100.0000 . . . 0.1812 0.0000 0.1792 . . . . . . 11 . . . 
'X-RAY DIFFRACTION' 2.0164 2.2192  2701 . 137 2564 100.0000 . . . 0.1912 0.0000 0.1680 . . . . . . 11 . . . 
'X-RAY DIFFRACTION' 2.2192 2.5401  2747 . 136 2611 100.0000 . . . 0.2153 0.0000 0.1799 . . . . . . 11 . . . 
'X-RAY DIFFRACTION' 2.5401 3.1991  2780 . 139 2641 100.0000 . . . 0.2017 0.0000 0.1746 . . . . . . 11 . . . 
'X-RAY DIFFRACTION' 3.1991 24.6150 2898 . 145 2753 100.0000 . . . 0.1619 0.0000 0.1547 . . . . . . 11 . . . 
# 
_struct.entry_id                     5VSN 
_struct.title                        
'Crystal structure of mouse ryanodine receptor 2 SPRY2 domain (1080-1253) disease mutant P1124L' 
_struct.pdbx_model_details           ? 
_struct.pdbx_formula_weight          ? 
_struct.pdbx_formula_weight_method   ? 
_struct.pdbx_model_type_details      ? 
_struct.pdbx_CASP_flag               N 
# 
_struct_keywords.entry_id        5VSN 
_struct_keywords.text            'Ryanodine Receptor, Disease Mutant, TRANSPORT PROTEIN' 
_struct_keywords.pdbx_keywords   'TRANSPORT PROTEIN' 
# 
loop_
_struct_asym.id 
_struct_asym.pdbx_blank_PDB_chainid_flag 
_struct_asym.pdbx_modified 
_struct_asym.entity_id 
_struct_asym.details 
A N N 1 ? 
B N N 2 ? 
C N N 3 ? 
D N N 4 ? 
# 
loop_
_struct_conf.conf_type_id 
_struct_conf.id 
_struct_conf.pdbx_PDB_helix_id 
_struct_conf.beg_label_comp_id 
_struct_conf.beg_label_asym_id 
_struct_conf.beg_label_seq_id 
_struct_conf.pdbx_beg_PDB_ins_code 
_struct_conf.end_label_comp_id 
_struct_conf.end_label_asym_id 
_struct_conf.end_label_seq_id 
_struct_conf.pdbx_end_PDB_ins_code 
_struct_conf.beg_auth_comp_id 
_struct_conf.beg_auth_asym_id 
_struct_conf.beg_auth_seq_id 
_struct_conf.end_auth_comp_id 
_struct_conf.end_auth_asym_id 
_struct_conf.end_auth_seq_id 
_struct_conf.pdbx_PDB_helix_class 
_struct_conf.details 
_struct_conf.pdbx_PDB_helix_length 
HELX_P HELX_P1 AA1 GLU A 8   ? ALA A 12  ? GLU A 1091 ALA A 1095 5 ? 5 
HELX_P HELX_P2 AA2 ASP A 137 ? LEU A 141 ? ASP A 1220 LEU A 1224 5 ? 5 
HELX_P HELX_P3 AA3 ALA A 157 ? THR A 160 ? ALA A 1240 THR A 1243 5 ? 4 
# 
_struct_conf_type.id          HELX_P 
_struct_conf_type.criteria    ? 
_struct_conf_type.reference   ? 
# 
loop_
_struct_conn.id 
_struct_conn.conn_type_id 
_struct_conn.pdbx_leaving_atom_flag 
_struct_conn.pdbx_PDB_id 
_struct_conn.ptnr1_label_asym_id 
_struct_conn.ptnr1_label_comp_id 
_struct_conn.ptnr1_label_seq_id 
_struct_conn.ptnr1_label_atom_id 
_struct_conn.pdbx_ptnr1_label_alt_id 
_struct_conn.pdbx_ptnr1_PDB_ins_code 
_struct_conn.pdbx_ptnr1_standard_comp_id 
_struct_conn.ptnr1_symmetry 
_struct_conn.ptnr2_label_asym_id 
_struct_conn.ptnr2_label_comp_id 
_struct_conn.ptnr2_label_seq_id 
_struct_conn.ptnr2_label_atom_id 
_struct_conn.pdbx_ptnr2_label_alt_id 
_struct_conn.pdbx_ptnr2_PDB_ins_code 
_struct_conn.ptnr1_auth_asym_id 
_struct_conn.ptnr1_auth_comp_id 
_struct_conn.ptnr1_auth_seq_id 
_struct_conn.ptnr2_auth_asym_id 
_struct_conn.ptnr2_auth_comp_id 
_struct_conn.ptnr2_auth_seq_id 
_struct_conn.ptnr2_symmetry 
_struct_conn.pdbx_ptnr3_label_atom_id 
_struct_conn.pdbx_ptnr3_label_seq_id 
_struct_conn.pdbx_ptnr3_label_comp_id 
_struct_conn.pdbx_ptnr3_label_asym_id 
_struct_conn.pdbx_ptnr3_label_alt_id 
_struct_conn.pdbx_ptnr3_PDB_ins_code 
_struct_conn.details 
_struct_conn.pdbx_dist_value 
_struct_conn.pdbx_value_order 
_struct_conn.pdbx_role 
metalc1 metalc ? ? A TYR 11  OH ? ? ? 1_555 C K   . K ? ? A TYR 1094 A K   1302 1_555 ? ? ? ? ? ? ? 2.928 ? ? 
metalc2 metalc ? ? A TYR 11  OH ? ? ? 1_555 C K   . K ? ? A TYR 1094 A K   1302 2_555 ? ? ? ? ? ? ? 2.928 ? ? 
metalc3 metalc ? ? A THR 160 O  ? ? ? 1_555 C K   . K ? ? A THR 1243 A K   1302 1_555 ? ? ? ? ? ? ? 2.717 ? ? 
metalc4 metalc ? ? A THR 160 O  ? ? ? 1_555 C K   . K ? ? A THR 1243 A K   1302 2_555 ? ? ? ? ? ? ? 2.717 ? ? 
metalc5 metalc ? ? C K   .   K  ? ? ? 1_555 D HOH . O ? ? A K   1302 A HOH 1459 1_555 ? ? ? ? ? ? ? 2.741 ? ? 
metalc6 metalc ? ? C K   .   K  ? ? ? 1_555 D HOH . O ? ? A K   1302 A HOH 1459 2_555 ? ? ? ? ? ? ? 2.741 ? ? 
# 
_struct_conn_type.id          metalc 
_struct_conn_type.criteria    ? 
_struct_conn_type.reference   ? 
# 
loop_
_struct_sheet.id 
_struct_sheet.type 
_struct_sheet.number_strands 
_struct_sheet.details 
AA1 ? 6 ? 
AA2 ? 5 ? 
AA3 ? 5 ? 
# 
loop_
_struct_sheet_order.sheet_id 
_struct_sheet_order.range_id_1 
_struct_sheet_order.range_id_2 
_struct_sheet_order.offset 
_struct_sheet_order.sense 
AA1 1 2 ? anti-parallel 
AA1 2 3 ? anti-parallel 
AA1 3 4 ? anti-parallel 
AA1 4 5 ? anti-parallel 
AA1 5 6 ? anti-parallel 
AA2 1 2 ? anti-parallel 
AA2 2 3 ? anti-parallel 
AA2 3 4 ? anti-parallel 
AA2 4 5 ? anti-parallel 
AA3 1 2 ? anti-parallel 
AA3 2 3 ? anti-parallel 
AA3 3 4 ? anti-parallel 
AA3 4 5 ? parallel      
# 
loop_
_struct_sheet_range.sheet_id 
_struct_sheet_range.id 
_struct_sheet_range.beg_label_comp_id 
_struct_sheet_range.beg_label_asym_id 
_struct_sheet_range.beg_label_seq_id 
_struct_sheet_range.pdbx_beg_PDB_ins_code 
_struct_sheet_range.end_label_comp_id 
_struct_sheet_range.end_label_asym_id 
_struct_sheet_range.end_label_seq_id 
_struct_sheet_range.pdbx_end_PDB_ins_code 
_struct_sheet_range.beg_auth_comp_id 
_struct_sheet_range.beg_auth_asym_id 
_struct_sheet_range.beg_auth_seq_id 
_struct_sheet_range.end_auth_comp_id 
_struct_sheet_range.end_auth_asym_id 
_struct_sheet_range.end_auth_seq_id 
AA1 1 ARG A 3   ? ARG A 6   ? ARG A 1086 ARG A 1089 
AA1 2 ILE A 119 ? LEU A 124 ? ILE A 1202 LEU A 1207 
AA1 3 MET A 30  ? SER A 35  ? MET A 1113 SER A 1118 
AA1 4 ALA A 51  ? ASP A 55  ? ALA A 1134 ASP A 1138 
AA1 5 GLN A 60  ? TRP A 62  ? GLN A 1143 TRP A 1145 
AA1 6 ASN A 66  ? HIS A 68  ? ASN A 1149 HIS A 1151 
AA2 1 GLU A 97  ? ILE A 98  ? GLU A 1180 ILE A 1181 
AA2 2 THR A 89  ? LEU A 94  ? THR A 1172 LEU A 1177 
AA2 3 VAL A 78  ? ASP A 84  ? VAL A 1161 ASP A 1167 
AA2 4 ARG A 17  ? ALA A 24  ? ARG A 1100 ALA A 1107 
AA2 5 GLY A 130 ? ASN A 133 ? GLY A 1213 ASN A 1216 
AA3 1 PHE A 109 ? LYS A 110 ? PHE A 1192 LYS A 1193 
AA3 2 THR A 89  ? LEU A 94  ? THR A 1172 LEU A 1177 
AA3 3 VAL A 78  ? ASP A 84  ? VAL A 1161 ASP A 1167 
AA3 4 ARG A 17  ? ALA A 24  ? ARG A 1100 ALA A 1107 
AA3 5 GLU A 154 ? PRO A 155 ? GLU A 1237 PRO A 1238 
# 
loop_
_pdbx_struct_sheet_hbond.sheet_id 
_pdbx_struct_sheet_hbond.range_id_1 
_pdbx_struct_sheet_hbond.range_id_2 
_pdbx_struct_sheet_hbond.range_1_label_atom_id 
_pdbx_struct_sheet_hbond.range_1_label_comp_id 
_pdbx_struct_sheet_hbond.range_1_label_asym_id 
_pdbx_struct_sheet_hbond.range_1_label_seq_id 
_pdbx_struct_sheet_hbond.range_1_PDB_ins_code 
_pdbx_struct_sheet_hbond.range_1_auth_atom_id 
_pdbx_struct_sheet_hbond.range_1_auth_comp_id 
_pdbx_struct_sheet_hbond.range_1_auth_asym_id 
_pdbx_struct_sheet_hbond.range_1_auth_seq_id 
_pdbx_struct_sheet_hbond.range_2_label_atom_id 
_pdbx_struct_sheet_hbond.range_2_label_comp_id 
_pdbx_struct_sheet_hbond.range_2_label_asym_id 
_pdbx_struct_sheet_hbond.range_2_label_seq_id 
_pdbx_struct_sheet_hbond.range_2_PDB_ins_code 
_pdbx_struct_sheet_hbond.range_2_auth_atom_id 
_pdbx_struct_sheet_hbond.range_2_auth_comp_id 
_pdbx_struct_sheet_hbond.range_2_auth_asym_id 
_pdbx_struct_sheet_hbond.range_2_auth_seq_id 
AA1 1 2 N ARG A 3   ? N ARG A 1086 O LEU A 124 ? O LEU A 1207 
AA1 2 3 O ILE A 119 ? O ILE A 1202 N SER A 35  ? N SER A 1118 
AA1 3 4 N VAL A 32  ? N VAL A 1115 O PHE A 54  ? O PHE A 1137 
AA1 4 5 N ALA A 53  ? N ALA A 1136 O TRP A 62  ? O TRP A 1145 
AA1 5 6 N ARG A 61  ? N ARG A 1144 O GLU A 67  ? O GLU A 1150 
AA2 1 2 O GLU A 97  ? O GLU A 1180 N LEU A 94  ? N LEU A 1177 
AA2 2 3 O THR A 89  ? O THR A 1172 N ASP A 84  ? N ASP A 1167 
AA2 3 4 O CYS A 81  ? O CYS A 1164 N PHE A 20  ? N PHE A 1103 
AA2 4 5 N GLU A 21  ? N GLU A 1104 O ASN A 133 ? O ASN A 1216 
AA3 1 2 O PHE A 109 ? O PHE A 1192 N MET A 90  ? N MET A 1173 
AA3 2 3 O THR A 89  ? O THR A 1172 N ASP A 84  ? N ASP A 1167 
AA3 3 4 O CYS A 81  ? O CYS A 1164 N PHE A 20  ? N PHE A 1103 
AA3 4 5 N TYR A 19  ? N TYR A 1102 O GLU A 154 ? O GLU A 1237 
# 
loop_
_struct_site.id 
_struct_site.pdbx_evidence_code 
_struct_site.pdbx_auth_asym_id 
_struct_site.pdbx_auth_comp_id 
_struct_site.pdbx_auth_seq_id 
_struct_site.pdbx_auth_ins_code 
_struct_site.pdbx_num_residues 
_struct_site.details 
AC1 Software A GOL 1301 ? 8 'binding site for residue GOL A 1301' 
AC2 Software A K   1302 ? 6 'binding site for residue K A 1302'   
# 
loop_
_struct_site_gen.id 
_struct_site_gen.site_id 
_struct_site_gen.pdbx_num_res 
_struct_site_gen.label_comp_id 
_struct_site_gen.label_asym_id 
_struct_site_gen.label_seq_id 
_struct_site_gen.pdbx_auth_ins_code 
_struct_site_gen.auth_comp_id 
_struct_site_gen.auth_asym_id 
_struct_site_gen.auth_seq_id 
_struct_site_gen.label_atom_id 
_struct_site_gen.label_alt_id 
_struct_site_gen.symmetry 
_struct_site_gen.details 
1  AC1 8 ARG A 3   ? ARG A 1086 . ? 4_555 ? 
2  AC1 8 SER A 105 ? SER A 1188 . ? 1_555 ? 
3  AC1 8 GLU A 106 ? GLU A 1189 . ? 1_555 ? 
4  AC1 8 LEU A 124 ? LEU A 1207 . ? 4_555 ? 
5  AC1 8 VAL A 129 ? VAL A 1212 . ? 4_555 ? 
6  AC1 8 GLY A 130 ? GLY A 1213 . ? 4_555 ? 
7  AC1 8 ARG A 131 ? ARG A 1214 . ? 4_555 ? 
8  AC1 8 HOH D .   ? HOH A 1479 . ? 1_555 ? 
9  AC2 6 TYR A 11  ? TYR A 1094 . ? 1_555 ? 
10 AC2 6 TYR A 11  ? TYR A 1094 . ? 2_555 ? 
11 AC2 6 THR A 160 ? THR A 1243 . ? 1_555 ? 
12 AC2 6 THR A 160 ? THR A 1243 . ? 2_555 ? 
13 AC2 6 HOH D .   ? HOH A 1459 . ? 2_555 ? 
14 AC2 6 HOH D .   ? HOH A 1459 . ? 1_555 ? 
# 
_atom_sites.entry_id                    5VSN 
_atom_sites.fract_transf_matrix[1][1]   -0.00329590 
_atom_sites.fract_transf_matrix[1][2]   -0.00816585 
_atom_sites.fract_transf_matrix[1][3]   0.02611109 
_atom_sites.fract_transf_matrix[2][1]   -0.01498679 
_atom_sites.fract_transf_matrix[2][2]   0.00086407 
_atom_sites.fract_transf_matrix[2][3]   -0.00162150 
_atom_sites.fract_transf_matrix[3][1]   -0.00033447 
_atom_sites.fract_transf_matrix[3][2]   -0.01423378 
_atom_sites.fract_transf_matrix[3][3]   -0.00449362 
_atom_sites.fract_transf_vector[1]      -0.065396 
_atom_sites.fract_transf_vector[2]      0.195871 
_atom_sites.fract_transf_vector[3]      0.185851 
# 
loop_
_atom_type.symbol 
C 
K 
N 
O 
S 
# 
loop_
_atom_site.group_PDB 
_atom_site.id 
_atom_site.type_symbol 
_atom_site.label_atom_id 
_atom_site.label_alt_id 
_atom_site.label_comp_id 
_atom_site.label_asym_id 
_atom_site.label_entity_id 
_atom_site.label_seq_id 
_atom_site.pdbx_PDB_ins_code 
_atom_site.Cartn_x 
_atom_site.Cartn_y 
_atom_site.Cartn_z 
_atom_site.occupancy 
_atom_site.B_iso_or_equiv 
_atom_site.pdbx_formal_charge 
_atom_site.auth_seq_id 
_atom_site.auth_comp_id 
_atom_site.auth_asym_id 
_atom_site.auth_atom_id 
_atom_site.pdbx_PDB_model_num 
ATOM   1    N N   . ARG A 1 1   ? -11.290 18.667  -3.741  1.00 64.25  ? 1084 ARG A N   1 
ATOM   2    C CA  . ARG A 1 1   ? -10.485 17.719  -4.503  1.00 57.96  ? 1084 ARG A CA  1 
ATOM   3    C C   . ARG A 1 1   ? -10.043 16.545  -3.627  1.00 72.40  ? 1084 ARG A C   1 
ATOM   4    O O   . ARG A 1 1   ? -10.311 16.523  -2.425  1.00 65.87  ? 1084 ARG A O   1 
ATOM   5    C CB  . ARG A 1 1   ? -9.266  18.422  -5.109  1.00 53.30  ? 1084 ARG A CB  1 
ATOM   6    N N   . PHE A 1 2   ? -9.368  15.570  -4.233  1.00 46.81  ? 1085 PHE A N   1 
ATOM   7    C CA  . PHE A 1 2   ? -8.860  14.417  -3.506  1.00 39.22  ? 1085 PHE A CA  1 
ATOM   8    C C   . PHE A 1 2   ? -7.503  14.734  -2.889  1.00 38.24  ? 1085 PHE A C   1 
ATOM   9    O O   . PHE A 1 2   ? -6.700  15.482  -3.454  1.00 41.42  ? 1085 PHE A O   1 
ATOM   10   C CB  . PHE A 1 2   ? -8.718  13.213  -4.437  1.00 36.76  ? 1085 PHE A CB  1 
ATOM   11   N N   . ARG A 1 3   ? -7.257  14.158  -1.716  1.00 27.80  ? 1086 ARG A N   1 
ATOM   12   C CA  . ARG A 1 3   ? -5.974  14.281  -1.030  1.00 28.10  ? 1086 ARG A CA  1 
ATOM   13   C C   . ARG A 1 3   ? -5.158  13.008  -1.243  1.00 24.75  ? 1086 ARG A C   1 
ATOM   14   O O   . ARG A 1 3   ? -5.632  11.909  -0.947  1.00 29.34  ? 1086 ARG A O   1 
ATOM   15   C CB  . ARG A 1 3   ? -6.185  14.492  0.471   1.00 25.46  ? 1086 ARG A CB  1 
ATOM   16   C CG  . ARG A 1 3   ? -6.777  15.838  0.846   1.00 27.01  ? 1086 ARG A CG  1 
ATOM   17   C CD  . ARG A 1 3   ? -7.441  15.781  2.209   1.00 24.78  ? 1086 ARG A CD  1 
ATOM   18   N NE  . ARG A 1 3   ? -8.679  15.007  2.142   1.00 25.30  ? 1086 ARG A NE  1 
ATOM   19   C CZ  . ARG A 1 3   ? -9.215  14.350  3.165   1.00 27.33  ? 1086 ARG A CZ  1 
ATOM   20   N NH1 . ARG A 1 3   ? -8.633  14.365  4.355   1.00 34.65  ? 1086 ARG A NH1 1 
ATOM   21   N NH2 . ARG A 1 3   ? -10.337 13.662  2.988   1.00 28.13  ? 1086 ARG A NH2 1 
ATOM   22   N N   . ILE A 1 4   ? -3.928  13.164  -1.723  1.00 24.76  ? 1087 ILE A N   1 
ATOM   23   C CA  . ILE A 1 4   ? -3.012  12.049  -1.924  1.00 23.58  ? 1087 ILE A CA  1 
ATOM   24   C C   . ILE A 1 4   ? -1.923  12.158  -0.874  1.00 25.47  ? 1087 ILE A C   1 
ATOM   25   O O   . ILE A 1 4   ? -1.231  13.182  -0.802  1.00 26.68  ? 1087 ILE A O   1 
ATOM   26   C CB  . ILE A 1 4   ? -2.368  12.076  -3.317  1.00 24.26  ? 1087 ILE A CB  1 
ATOM   27   C CG1 . ILE A 1 4   ? -3.424  12.275  -4.401  1.00 42.84  ? 1087 ILE A CG1 1 
ATOM   28   C CG2 . ILE A 1 4   ? -1.549  10.803  -3.539  1.00 30.71  ? 1087 ILE A CG2 1 
ATOM   29   C CD1 . ILE A 1 4   ? -4.310  11.108  -4.571  1.00 41.69  ? 1087 ILE A CD1 1 
ATOM   30   N N   . PHE A 1 5   ? -1.745  11.105  -0.081  1.00 21.46  ? 1088 PHE A N   1 
ATOM   31   C CA  . PHE A 1 5   ? -0.672  11.026  0.899   1.00 20.45  ? 1088 PHE A CA  1 
ATOM   32   C C   . PHE A 1 5   ? 0.305   9.957   0.438   1.00 22.10  ? 1088 PHE A C   1 
ATOM   33   O O   . PHE A 1 5   ? -0.108  8.875   0.007   1.00 22.09  ? 1088 PHE A O   1 
ATOM   34   C CB  . PHE A 1 5   ? -1.232  10.636  2.271   1.00 19.84  ? 1088 PHE A CB  1 
ATOM   35   C CG  . PHE A 1 5   ? -2.207  11.637  2.834   1.00 22.37  ? 1088 PHE A CG  1 
ATOM   36   C CD1 . PHE A 1 5   ? -1.786  12.612  3.726   1.00 24.58  ? 1088 PHE A CD1 1 
ATOM   37   C CD2 . PHE A 1 5   ? -3.546  11.597  2.468   1.00 20.23  ? 1088 PHE A CD2 1 
ATOM   38   C CE1 . PHE A 1 5   ? -2.681  13.530  4.247   1.00 27.05  ? 1088 PHE A CE1 1 
ATOM   39   C CE2 . PHE A 1 5   ? -4.441  12.513  2.984   1.00 23.83  ? 1088 PHE A CE2 1 
ATOM   40   C CZ  . PHE A 1 5   ? -4.022  13.477  3.864   1.00 25.33  ? 1088 PHE A CZ  1 
ATOM   41   N N   . ARG A 1 6   ? 1.600   10.252  0.530   1.00 21.32  ? 1089 ARG A N   1 
ATOM   42   C CA  . ARG A 1 6   ? 2.613   9.341   0.021   1.00 22.84  ? 1089 ARG A CA  1 
ATOM   43   C C   . ARG A 1 6   ? 3.844   9.439   0.904   1.00 23.67  ? 1089 ARG A C   1 
ATOM   44   O O   . ARG A 1 6   ? 4.185   10.526  1.386   1.00 23.97  ? 1089 ARG A O   1 
ATOM   45   C CB  . ARG A 1 6   ? 2.989   9.725   -1.413  1.00 26.91  ? 1089 ARG A CB  1 
ATOM   46   C CG  . ARG A 1 6   ? 3.506   8.567   -2.230  1.00 47.21  ? 1089 ARG A CG  1 
ATOM   47   C CD  . ARG A 1 6   ? 3.401   8.851   -3.713  1.00 58.45  ? 1089 ARG A CD  1 
ATOM   48   N NE  . ARG A 1 6   ? 4.324   9.896   -4.143  1.00 45.94  ? 1089 ARG A NE  1 
ATOM   49   C CZ  . ARG A 1 6   ? 4.652   10.113  -5.412  1.00 65.56  ? 1089 ARG A CZ  1 
ATOM   50   N NH1 . ARG A 1 6   ? 4.137   9.349   -6.372  1.00 43.38  ? 1089 ARG A NH1 1 
ATOM   51   N NH2 . ARG A 1 6   ? 5.500   11.083  -5.722  1.00 55.58  ? 1089 ARG A NH2 1 
ATOM   52   N N   . ALA A 1 7   ? 4.503   8.306   1.134   1.00 20.30  ? 1090 ALA A N   1 
ATOM   53   C CA  . ALA A 1 7   ? 5.792   8.378   1.812   1.00 19.17  ? 1090 ALA A CA  1 
ATOM   54   C C   . ALA A 1 7   ? 6.768   9.219   0.998   1.00 21.11  ? 1090 ALA A C   1 
ATOM   55   O O   . ALA A 1 7   ? 6.659   9.326   -0.227  1.00 22.64  ? 1090 ALA A O   1 
ATOM   56   C CB  . ALA A 1 7   ? 6.383   6.979   2.019   1.00 21.13  ? 1090 ALA A CB  1 
ATOM   57   N N   . GLU A 1 8   ? 7.721   9.835   1.699   1.00 21.12  ? 1091 GLU A N   1 
ATOM   58   C CA  . GLU A 1 8   ? 8.794   10.559  1.030   1.00 22.22  ? 1091 GLU A CA  1 
ATOM   59   C C   . GLU A 1 8   ? 9.471   9.641   0.023   1.00 20.58  ? 1091 GLU A C   1 
ATOM   60   O O   . GLU A 1 8   ? 9.835   8.508   0.348   1.00 22.79  ? 1091 GLU A O   1 
ATOM   61   C CB  . GLU A 1 8   ? 9.815   11.059  2.060   1.00 23.17  ? 1091 GLU A CB  1 
ATOM   62   C CG  . GLU A 1 8   ? 9.322   12.244  2.905   1.00 25.30  ? 1091 GLU A CG  1 
ATOM   63   C CD  . GLU A 1 8   ? 9.374   13.559  2.154   1.00 27.68  ? 1091 GLU A CD  1 
ATOM   64   O OE1 . GLU A 1 8   ? 9.919   13.591  1.028   1.00 28.44  ? 1091 GLU A OE1 1 
ATOM   65   O OE2 . GLU A 1 8   ? 8.868   14.571  2.695   1.00 30.36  ? 1091 GLU A OE2 1 
ATOM   66   N N   . LYS A 1 9   ? 9.628   10.135  -1.209  1.00 24.19  ? 1092 LYS A N   1 
ATOM   67   C CA  . LYS A 1 9   ? 10.106  9.288   -2.300  1.00 25.26  ? 1092 LYS A CA  1 
ATOM   68   C C   . LYS A 1 9   ? 11.513  8.741   -2.068  1.00 23.50  ? 1092 LYS A C   1 
ATOM   69   O O   . LYS A 1 9   ? 11.867  7.690   -2.619  1.00 24.76  ? 1092 LYS A O   1 
ATOM   70   C CB  . LYS A 1 9   ? 10.039  10.055  -3.624  1.00 32.82  ? 1092 LYS A CB  1 
ATOM   71   C CG  . LYS A 1 9   ? 11.258  10.918  -3.904  1.00 49.62  ? 1092 LYS A CG  1 
ATOM   72   C CD  . LYS A 1 9   ? 11.111  11.710  -5.196  1.00 61.07  ? 1092 LYS A CD  1 
ATOM   73   C CE  . LYS A 1 9   ? 10.184  12.902  -5.023  1.00 77.98  ? 1092 LYS A CE  1 
ATOM   74   N NZ  . LYS A 1 9   ? 10.474  13.973  -6.022  1.00 72.27  ? 1092 LYS A NZ  1 
ATOM   75   N N   . THR A 1 10  ? 12.324  9.410   -1.247  1.00 23.31  ? 1093 THR A N   1 
ATOM   76   C CA  . THR A 1 10  ? 13.676  8.917   -1.011  1.00 22.23  ? 1093 THR A CA  1 
ATOM   77   C C   . THR A 1 10  ? 13.683  7.578   -0.292  1.00 23.03  ? 1093 THR A C   1 
ATOM   78   O O   . THR A 1 10  ? 14.714  6.888   -0.280  1.00 26.51  ? 1093 THR A O   1 
ATOM   79   C CB  . THR A 1 10  ? 14.491  9.947   -0.231  1.00 23.52  ? 1093 THR A CB  1 
ATOM   80   O OG1 . THR A 1 10  ? 15.876  9.587   -0.297  1.00 26.79  ? 1093 THR A OG1 1 
ATOM   81   C CG2 . THR A 1 10  ? 14.062  10.007  1.231   1.00 27.36  ? 1093 THR A CG2 1 
ATOM   82   N N   . TYR A 1 11  ? 12.552  7.178   0.285   1.00 21.73  ? 1094 TYR A N   1 
ATOM   83   C CA  . TYR A 1 11  ? 12.466  5.942   1.043   1.00 21.99  ? 1094 TYR A CA  1 
ATOM   84   C C   . TYR A 1 11  ? 11.857  4.792   0.244   1.00 24.43  ? 1094 TYR A C   1 
ATOM   85   O O   . TYR A 1 11  ? 11.481  3.776   0.838   1.00 24.96  ? 1094 TYR A O   1 
ATOM   86   C CB  . TYR A 1 11  ? 11.703  6.183   2.345   1.00 23.08  ? 1094 TYR A CB  1 
ATOM   87   C CG  . TYR A 1 11  ? 12.430  7.075   3.331   1.00 21.70  ? 1094 TYR A CG  1 
ATOM   88   C CD1 . TYR A 1 11  ? 13.727  6.793   3.729   1.00 21.76  ? 1094 TYR A CD1 1 
ATOM   89   C CD2 . TYR A 1 11  ? 11.792  8.190   3.882   1.00 24.33  ? 1094 TYR A CD2 1 
ATOM   90   C CE1 . TYR A 1 11  ? 14.392  7.614   4.639   1.00 22.22  ? 1094 TYR A CE1 1 
ATOM   91   C CE2 . TYR A 1 11  ? 12.441  9.009   4.794   1.00 22.65  ? 1094 TYR A CE2 1 
ATOM   92   C CZ  . TYR A 1 11  ? 13.731  8.711   5.169   1.00 21.56  ? 1094 TYR A CZ  1 
ATOM   93   O OH  . TYR A 1 11  ? 14.366  9.515   6.076   1.00 23.21  ? 1094 TYR A OH  1 
ATOM   94   N N   . ALA A 1 12  ? 11.757  4.929   -1.077  1.00 22.33  ? 1095 ALA A N   1 
ATOM   95   C CA  . ALA A 1 12  ? 11.210  3.869   -1.914  1.00 22.14  ? 1095 ALA A CA  1 
ATOM   96   C C   . ALA A 1 12  ? 11.985  2.577   -1.715  1.00 25.93  ? 1095 ALA A C   1 
ATOM   97   O O   . ALA A 1 12  ? 13.213  2.585   -1.562  1.00 26.49  ? 1095 ALA A O   1 
ATOM   98   C CB  . ALA A 1 12  ? 11.263  4.285   -3.381  1.00 24.91  ? 1095 ALA A CB  1 
ATOM   99   N N   . VAL A 1 13  ? 11.253  1.461   -1.695  1.00 25.29  ? 1096 VAL A N   1 
ATOM   100  C CA  . VAL A 1 13  ? 11.842  0.140   -1.513  1.00 24.19  ? 1096 VAL A CA  1 
ATOM   101  C C   . VAL A 1 13  ? 11.981  -0.538  -2.872  1.00 23.02  ? 1096 VAL A C   1 
ATOM   102  O O   . VAL A 1 13  ? 11.074  -0.489  -3.708  1.00 25.15  ? 1096 VAL A O   1 
ATOM   103  C CB  . VAL A 1 13  ? 11.026  -0.721  -0.523  1.00 24.76  ? 1096 VAL A CB  1 
ATOM   104  C CG1 . VAL A 1 13  ? 11.111  -0.152  0.894   1.00 27.12  ? 1096 VAL A CG1 1 
ATOM   105  C CG2 . VAL A 1 13  ? 9.573   -0.860  -0.974  1.00 26.47  ? 1096 VAL A CG2 1 
ATOM   106  N N   . LYS A 1 14  ? 13.132  -1.176  -3.102  1.00 25.33  ? 1097 LYS A N   1 
ATOM   107  C CA  . LYS A 1 14  ? 13.352  -1.929  -4.330  1.00 26.33  ? 1097 LYS A CA  1 
ATOM   108  C C   . LYS A 1 14  ? 13.639  -3.399  -4.073  1.00 22.29  ? 1097 LYS A C   1 
ATOM   109  O O   . LYS A 1 14  ? 13.919  -4.137  -5.025  1.00 27.71  ? 1097 LYS A O   1 
ATOM   110  C CB  . LYS A 1 14  ? 14.498  -1.311  -5.151  1.00 33.78  ? 1097 LYS A CB  1 
ATOM   111  C CG  . LYS A 1 14  ? 14.194  0.077   -5.683  1.00 52.51  ? 1097 LYS A CG  1 
ATOM   112  C CD  . LYS A 1 14  ? 15.393  0.685   -6.393  1.00 53.64  ? 1097 LYS A CD  1 
ATOM   113  C CE  . LYS A 1 14  ? 15.719  -0.063  -7.675  1.00 61.12  ? 1097 LYS A CE  1 
ATOM   114  N NZ  . LYS A 1 14  ? 16.777  0.638   -8.461  1.00 74.05  ? 1097 LYS A NZ  1 
ATOM   115  N N   . ALA A 1 15  ? 13.578  -3.846  -2.823  1.00 20.63  ? 1098 ALA A N   1 
ATOM   116  C CA  . ALA A 1 15  ? 13.844  -5.231  -2.468  1.00 21.38  ? 1098 ALA A CA  1 
ATOM   117  C C   . ALA A 1 15  ? 13.228  -5.468  -1.103  1.00 21.69  ? 1098 ALA A C   1 
ATOM   118  O O   . ALA A 1 15  ? 12.913  -4.520  -0.376  1.00 27.11  ? 1098 ALA A O   1 
ATOM   119  C CB  . ALA A 1 15  ? 15.353  -5.549  -2.446  1.00 22.29  ? 1098 ALA A CB  1 
ATOM   120  N N   . GLY A 1 16  ? 13.041  -6.735  -0.771  1.00 21.37  ? 1099 GLY A N   1 
ATOM   121  C CA  . GLY A 1 16  ? 12.552  -7.095  0.543   1.00 23.26  ? 1099 GLY A CA  1 
ATOM   122  C C   . GLY A 1 16  ? 11.042  -7.130  0.610   1.00 21.83  ? 1099 GLY A C   1 
ATOM   123  O O   . GLY A 1 16  ? 10.328  -6.898  -0.370  1.00 22.23  ? 1099 GLY A O   1 
ATOM   124  N N   A ARG A 1 17  ? 10.562  -7.461  1.803   0.49 21.01  ? 1100 ARG A N   1 
ATOM   125  N N   B ARG A 1 17  ? 10.548  -7.391  1.821   0.51 20.88  ? 1100 ARG A N   1 
ATOM   126  C CA  A ARG A 1 17  ? 9.141   -7.568  2.099   0.49 19.64  ? 1100 ARG A CA  1 
ATOM   127  C CA  B ARG A 1 17  ? 9.124   -7.585  2.086   0.51 19.37  ? 1100 ARG A CA  1 
ATOM   128  C C   A ARG A 1 17  ? 8.753   -6.419  3.019   0.49 20.20  ? 1100 ARG A C   1 
ATOM   129  C C   B ARG A 1 17  ? 8.649   -6.544  3.096   0.51 21.30  ? 1100 ARG A C   1 
ATOM   130  O O   A ARG A 1 17  ? 9.449   -6.142  4.002   0.49 24.95  ? 1100 ARG A O   1 
ATOM   131  O O   B ARG A 1 17  ? 9.157   -6.488  4.221   0.51 18.73  ? 1100 ARG A O   1 
ATOM   132  C CB  A ARG A 1 17  ? 8.851   -8.900  2.790   0.49 21.45  ? 1100 ARG A CB  1 
ATOM   133  C CB  B ARG A 1 17  ? 8.878   -8.991  2.629   0.51 22.67  ? 1100 ARG A CB  1 
ATOM   134  C CG  A ARG A 1 17  ? 9.265   -10.114 1.970   0.49 23.84  ? 1100 ARG A CG  1 
ATOM   135  C CG  B ARG A 1 17  ? 9.078   -10.082 1.591   0.51 23.42  ? 1100 ARG A CG  1 
ATOM   136  C CD  A ARG A 1 17  ? 8.957   -11.411 2.700   0.49 22.86  ? 1100 ARG A CD  1 
ATOM   137  C CD  B ARG A 1 17  ? 9.982   -11.191 2.105   0.51 28.20  ? 1100 ARG A CD  1 
ATOM   138  N NE  A ARG A 1 17  ? 9.293   -12.576 1.887   0.49 35.72  ? 1100 ARG A NE  1 
ATOM   139  N NE  B ARG A 1 17  ? 11.370  -10.752 2.212   0.51 31.96  ? 1100 ARG A NE  1 
ATOM   140  C CZ  A ARG A 1 17  ? 9.345   -13.823 2.346   0.49 36.08  ? 1100 ARG A CZ  1 
ATOM   141  C CZ  B ARG A 1 17  ? 12.206  -10.654 1.181   0.51 29.42  ? 1100 ARG A CZ  1 
ATOM   142  N NH1 A ARG A 1 17  ? 9.081   -14.076 3.621   0.49 35.30  ? 1100 ARG A NH1 1 
ATOM   143  N NH1 B ARG A 1 17  ? 11.800  -10.971 -0.041  0.51 32.24  ? 1100 ARG A NH1 1 
ATOM   144  N NH2 A ARG A 1 17  ? 9.667   -14.817 1.529   0.49 31.88  ? 1100 ARG A NH2 1 
ATOM   145  N NH2 B ARG A 1 17  ? 13.448  -10.231 1.371   0.51 26.43  ? 1100 ARG A NH2 1 
ATOM   146  N N   . TRP A 1 18  ? 7.636   -5.758  2.716   1.00 18.64  ? 1101 TRP A N   1 
ATOM   147  C CA  . TRP A 1 18  ? 7.281   -4.559  3.456   1.00 20.36  ? 1101 TRP A CA  1 
ATOM   148  C C   . TRP A 1 18  ? 5.787   -4.489  3.738   1.00 19.71  ? 1101 TRP A C   1 
ATOM   149  O O   . TRP A 1 18  ? 4.964   -4.920  2.928   1.00 20.36  ? 1101 TRP A O   1 
ATOM   150  C CB  . TRP A 1 18  ? 7.719   -3.315  2.687   1.00 20.70  ? 1101 TRP A CB  1 
ATOM   151  C CG  . TRP A 1 18  ? 9.198   -3.252  2.530   1.00 20.31  ? 1101 TRP A CG  1 
ATOM   152  C CD1 . TRP A 1 18  ? 9.936   -3.654  1.451   1.00 23.10  ? 1101 TRP A CD1 1 
ATOM   153  C CD2 . TRP A 1 18  ? 10.129  -2.804  3.511   1.00 21.12  ? 1101 TRP A CD2 1 
ATOM   154  N NE1 . TRP A 1 18  ? 11.280  -3.456  1.697   1.00 24.10  ? 1101 TRP A NE1 1 
ATOM   155  C CE2 . TRP A 1 18  ? 11.421  -2.937  2.958   1.00 22.21  ? 1101 TRP A CE2 1 
ATOM   156  C CE3 . TRP A 1 18  ? 9.999   -2.287  4.804   1.00 21.72  ? 1101 TRP A CE3 1 
ATOM   157  C CZ2 . TRP A 1 18  ? 12.568  -2.564  3.655   1.00 24.79  ? 1101 TRP A CZ2 1 
ATOM   158  C CZ3 . TRP A 1 18  ? 11.133  -1.923  5.494   1.00 22.63  ? 1101 TRP A CZ3 1 
ATOM   159  C CH2 . TRP A 1 18  ? 12.405  -2.067  4.920   1.00 23.22  ? 1101 TRP A CH2 1 
ATOM   160  N N   . TYR A 1 19  ? 5.459   -3.868  4.871   1.00 19.72  ? 1102 TYR A N   1 
ATOM   161  C CA  . TYR A 1 19  ? 4.110   -3.849  5.417   1.00 19.01  ? 1102 TYR A CA  1 
ATOM   162  C C   . TYR A 1 19  ? 3.772   -2.459  5.938   1.00 20.29  ? 1102 TYR A C   1 
ATOM   163  O O   . TYR A 1 19  ? 4.590   -1.812  6.598   1.00 18.81  ? 1102 TYR A O   1 
ATOM   164  C CB  . TYR A 1 19  ? 4.032   -4.836  6.588   1.00 20.76  ? 1102 TYR A CB  1 
ATOM   165  C CG  . TYR A 1 19  ? 2.691   -4.966  7.265   1.00 20.63  ? 1102 TYR A CG  1 
ATOM   166  C CD1 . TYR A 1 19  ? 2.359   -4.174  8.364   1.00 21.56  ? 1102 TYR A CD1 1 
ATOM   167  C CD2 . TYR A 1 19  ? 1.769   -5.908  6.831   1.00 23.21  ? 1102 TYR A CD2 1 
ATOM   168  C CE1 . TYR A 1 19  ? 1.115   -4.308  9.002   1.00 22.91  ? 1102 TYR A CE1 1 
ATOM   169  C CE2 . TYR A 1 19  ? 0.531   -6.043  7.456   1.00 22.33  ? 1102 TYR A CE2 1 
ATOM   170  C CZ  . TYR A 1 19  ? 0.220   -5.245  8.538   1.00 22.07  ? 1102 TYR A CZ  1 
ATOM   171  O OH  . TYR A 1 19  ? -1.002  -5.395  9.160   1.00 22.07  ? 1102 TYR A OH  1 
ATOM   172  N N   . PHE A 1 20  ? 2.548   -2.008  5.666   1.00 18.45  ? 1103 PHE A N   1 
ATOM   173  C CA  . PHE A 1 20  ? 1.994   -0.886  6.409   1.00 17.29  ? 1103 PHE A CA  1 
ATOM   174  C C   . PHE A 1 20  ? 0.498   -1.092  6.541   1.00 17.74  ? 1103 PHE A C   1 
ATOM   175  O O   . PHE A 1 20  ? -0.101  -1.944  5.873   1.00 19.15  ? 1103 PHE A O   1 
ATOM   176  C CB  . PHE A 1 20  ? 2.338   0.489   5.813   1.00 18.17  ? 1103 PHE A CB  1 
ATOM   177  C CG  . PHE A 1 20  ? 1.627   0.801   4.526   1.00 17.75  ? 1103 PHE A CG  1 
ATOM   178  C CD1 . PHE A 1 20  ? 2.121   0.336   3.318   1.00 19.55  ? 1103 PHE A CD1 1 
ATOM   179  C CD2 . PHE A 1 20  ? 0.483   1.587   4.526   1.00 17.63  ? 1103 PHE A CD2 1 
ATOM   180  C CE1 . PHE A 1 20  ? 1.465   0.624   2.116   1.00 19.91  ? 1103 PHE A CE1 1 
ATOM   181  C CE2 . PHE A 1 20  ? -0.177  1.895   3.331   1.00 19.84  ? 1103 PHE A CE2 1 
ATOM   182  C CZ  . PHE A 1 20  ? 0.312   1.406   2.130   1.00 20.76  ? 1103 PHE A CZ  1 
ATOM   183  N N   . GLU A 1 21  ? -0.099  -0.301  7.417   1.00 18.01  ? 1104 GLU A N   1 
ATOM   184  C CA  . GLU A 1 21  ? -1.527  -0.383  7.668   1.00 17.80  ? 1104 GLU A CA  1 
ATOM   185  C C   . GLU A 1 21  ? -2.216  0.914   7.278   1.00 20.79  ? 1104 GLU A C   1 
ATOM   186  O O   . GLU A 1 21  ? -1.617  1.995   7.270   1.00 20.64  ? 1104 GLU A O   1 
ATOM   187  C CB  . GLU A 1 21  ? -1.819  -0.762  9.135   1.00 20.60  ? 1104 GLU A CB  1 
ATOM   188  C CG  . GLU A 1 21  ? -1.673  -2.242  9.381   1.00 21.66  ? 1104 GLU A CG  1 
ATOM   189  C CD  . GLU A 1 21  ? -1.885  -2.655  10.814  1.00 22.10  ? 1104 GLU A CD  1 
ATOM   190  O OE1 . GLU A 1 21  ? -1.687  -3.853  11.101  1.00 23.31  ? 1104 GLU A OE1 1 
ATOM   191  O OE2 . GLU A 1 21  ? -2.253  -1.789  11.638  1.00 24.52  ? 1104 GLU A OE2 1 
ATOM   192  N N   . PHE A 1 22  ? -3.485  0.783   6.917   1.00 18.79  ? 1105 PHE A N   1 
ATOM   193  C CA  . PHE A 1 22  ? -4.311  1.917   6.557   1.00 19.47  ? 1105 PHE A CA  1 
ATOM   194  C C   . PHE A 1 22  ? -5.617  1.758   7.317   1.00 19.64  ? 1105 PHE A C   1 
ATOM   195  O O   . PHE A 1 22  ? -6.346  0.790   7.092   1.00 20.46  ? 1105 PHE A O   1 
ATOM   196  C CB  . PHE A 1 22  ? -4.574  1.903   5.050   1.00 20.13  ? 1105 PHE A CB  1 
ATOM   197  C CG  . PHE A 1 22  ? -5.509  2.968   4.604   1.00 20.72  ? 1105 PHE A CG  1 
ATOM   198  C CD1 . PHE A 1 22  ? -6.826  2.671   4.318   1.00 20.94  ? 1105 PHE A CD1 1 
ATOM   199  C CD2 . PHE A 1 22  ? -5.071  4.270   4.480   1.00 21.41  ? 1105 PHE A CD2 1 
ATOM   200  C CE1 . PHE A 1 22  ? -7.702  3.671   3.903   1.00 20.73  ? 1105 PHE A CE1 1 
ATOM   201  C CE2 . PHE A 1 22  ? -5.924  5.276   4.072   1.00 22.84  ? 1105 PHE A CE2 1 
ATOM   202  C CZ  . PHE A 1 22  ? -7.263  4.976   3.779   1.00 22.09  ? 1105 PHE A CZ  1 
ATOM   203  N N   . GLU A 1 23  ? -5.900  2.675   8.235   1.00 20.12  ? 1106 GLU A N   1 
ATOM   204  C CA  . GLU A 1 23  ? -7.163  2.649   8.970   1.00 21.05  ? 1106 GLU A CA  1 
ATOM   205  C C   . GLU A 1 23  ? -8.192  3.456   8.196   1.00 22.77  ? 1106 GLU A C   1 
ATOM   206  O O   . GLU A 1 23  ? -8.000  4.654   7.971   1.00 23.67  ? 1106 GLU A O   1 
ATOM   207  C CB  . GLU A 1 23  ? -7.018  3.227   10.376  1.00 23.06  ? 1106 GLU A CB  1 
ATOM   208  C CG  . GLU A 1 23  ? -8.321  3.126   11.181  1.00 33.55  ? 1106 GLU A CG  1 
ATOM   209  C CD  . GLU A 1 23  ? -8.264  3.862   12.512  1.00 56.03  ? 1106 GLU A CD  1 
ATOM   210  O OE1 . GLU A 1 23  ? -7.278  4.594   12.758  1.00 42.57  ? 1106 GLU A OE1 1 
ATOM   211  O OE2 . GLU A 1 23  ? -9.211  3.709   13.315  1.00 48.46  ? 1106 GLU A OE2 1 
ATOM   212  N N   . ALA A 1 24  ? -9.271  2.793   7.774   1.00 22.95  ? 1107 ALA A N   1 
ATOM   213  C CA  . ALA A 1 24  ? -10.412 3.464   7.164   1.00 22.46  ? 1107 ALA A CA  1 
ATOM   214  C C   . ALA A 1 24  ? -11.279 3.981   8.304   1.00 24.32  ? 1107 ALA A C   1 
ATOM   215  O O   . ALA A 1 24  ? -12.074 3.231   8.879   1.00 26.38  ? 1107 ALA A O   1 
ATOM   216  C CB  . ALA A 1 24  ? -11.182 2.485   6.282   1.00 25.16  ? 1107 ALA A CB  1 
ATOM   217  N N   . VAL A 1 25  ? -11.092 5.256   8.664   1.00 25.20  ? 1108 VAL A N   1 
ATOM   218  C CA  . VAL A 1 25  ? -11.877 5.857   9.741   1.00 29.52  ? 1108 VAL A CA  1 
ATOM   219  C C   . VAL A 1 25  ? -13.303 6.081   9.274   1.00 29.40  ? 1108 VAL A C   1 
ATOM   220  O O   . VAL A 1 25  ? -14.264 5.709   9.956   1.00 29.34  ? 1108 VAL A O   1 
ATOM   221  C CB  . VAL A 1 25  ? -11.224 7.157   10.245  1.00 25.14  ? 1108 VAL A CB  1 
ATOM   222  C CG1 . VAL A 1 25  ? -12.075 7.781   11.350  1.00 32.46  ? 1108 VAL A CG1 1 
ATOM   223  C CG2 . VAL A 1 25  ? -9.788  6.892   10.721  1.00 27.16  ? 1108 VAL A CG2 1 
ATOM   224  N N   . THR A 1 26  ? -13.459 6.692   8.103   1.00 23.05  ? 1109 THR A N   1 
ATOM   225  C CA  . THR A 1 26  ? -14.711 6.642   7.370   1.00 24.32  ? 1109 THR A CA  1 
ATOM   226  C C   . THR A 1 26  ? -14.693 5.393   6.487   1.00 25.36  ? 1109 THR A C   1 
ATOM   227  O O   . THR A 1 26  ? -13.732 4.621   6.478   1.00 27.08  ? 1109 THR A O   1 
ATOM   228  C CB  . THR A 1 26  ? -14.875 7.909   6.537   1.00 27.37  ? 1109 THR A CB  1 
ATOM   229  O OG1 . THR A 1 26  ? -13.707 8.096   5.731   1.00 25.73  ? 1109 THR A OG1 1 
ATOM   230  C CG2 . THR A 1 26  ? -15.057 9.117   7.447   1.00 28.98  ? 1109 THR A CG2 1 
ATOM   231  N N   . ALA A 1 27  ? -15.774 5.173   5.735   1.00 26.22  ? 1110 ALA A N   1 
ATOM   232  C CA  . ALA A 1 27  ? -15.917 3.949   4.951   1.00 30.01  ? 1110 ALA A CA  1 
ATOM   233  C C   . ALA A 1 27  ? -16.251 4.233   3.492   1.00 22.10  ? 1110 ALA A C   1 
ATOM   234  O O   . ALA A 1 27  ? -16.748 3.343   2.781   1.00 25.12  ? 1110 ALA A O   1 
ATOM   235  C CB  . ALA A 1 27  ? -16.952 3.010   5.574   1.00 32.35  ? 1110 ALA A CB  1 
ATOM   236  N N   . GLY A 1 28  ? -15.985 5.436   3.026   1.00 22.04  ? 1111 GLY A N   1 
ATOM   237  C CA  . GLY A 1 28  ? -16.271 5.815   1.671   1.00 22.34  ? 1111 GLY A CA  1 
ATOM   238  C C   . GLY A 1 28  ? -15.090 5.667   0.739   1.00 24.07  ? 1111 GLY A C   1 
ATOM   239  O O   . GLY A 1 28  ? -14.265 4.748   0.875   1.00 23.50  ? 1111 GLY A O   1 
ATOM   240  N N   . ASP A 1 29  ? -14.997 6.604   -0.198  1.00 24.73  ? 1112 ASP A N   1 
ATOM   241  C CA  . ASP A 1 29  ? -14.116 6.537   -1.361  1.00 24.57  ? 1112 ASP A CA  1 
ATOM   242  C C   . ASP A 1 29  ? -12.690 6.857   -0.940  1.00 20.82  ? 1112 ASP A C   1 
ATOM   243  O O   . ASP A 1 29  ? -12.309 8.025   -0.841  1.00 24.54  ? 1112 ASP A O   1 
ATOM   244  C CB  . ASP A 1 29  ? -14.602 7.541   -2.402  1.00 27.79  ? 1112 ASP A CB  1 
ATOM   245  C CG  . ASP A 1 29  ? -13.804 7.494   -3.686  1.00 37.57  ? 1112 ASP A CG  1 
ATOM   246  O OD1 . ASP A 1 29  ? -12.942 6.605   -3.839  1.00 42.79  ? 1112 ASP A OD1 1 
ATOM   247  O OD2 . ASP A 1 29  ? -14.041 8.360   -4.555  1.00 50.22  ? 1112 ASP A OD2 1 
ATOM   248  N N   . MET A 1 30  ? -11.896 5.806   -0.726  1.00 20.77  ? 1113 MET A N   1 
ATOM   249  C CA  . MET A 1 30  ? -10.468 5.904   -0.469  1.00 21.08  ? 1113 MET A CA  1 
ATOM   250  C C   . MET A 1 30  ? -9.788  4.721   -1.142  1.00 20.56  ? 1113 MET A C   1 
ATOM   251  O O   . MET A 1 30  ? -10.403 3.676   -1.376  1.00 21.30  ? 1113 MET A O   1 
ATOM   252  C CB  . MET A 1 30  ? -10.165 5.871   1.040   1.00 21.41  ? 1113 MET A CB  1 
ATOM   253  C CG  . MET A 1 30  ? -10.868 6.968   1.863   1.00 21.69  ? 1113 MET A CG  1 
ATOM   254  S SD  . MET A 1 30  ? -10.676 6.774   3.646   1.00 24.22  ? 1113 MET A SD  1 
ATOM   255  C CE  . MET A 1 30  ? -11.781 5.420   3.995   1.00 24.26  ? 1113 MET A CE  1 
ATOM   256  N N   . ARG A 1 31  ? -8.504  4.878   -1.435  1.00 20.03  ? 1114 ARG A N   1 
ATOM   257  C CA  . ARG A 1 31  ? -7.725  3.801   -2.021  1.00 20.57  ? 1114 ARG A CA  1 
ATOM   258  C C   . ARG A 1 31  ? -6.362  3.818   -1.365  1.00 21.53  ? 1114 ARG A C   1 
ATOM   259  O O   . ARG A 1 31  ? -5.880  4.875   -0.947  1.00 20.98  ? 1114 ARG A O   1 
ATOM   260  C CB  . ARG A 1 31  ? -7.536  3.973   -3.527  1.00 22.46  ? 1114 ARG A CB  1 
ATOM   261  C CG  . ARG A 1 31  ? -8.849  3.983   -4.283  1.00 20.32  ? 1114 ARG A CG  1 
ATOM   262  C CD  . ARG A 1 31  ? -8.650  4.001   -5.777  1.00 21.66  ? 1114 ARG A CD  1 
ATOM   263  N NE  . ARG A 1 31  ? -9.940  4.131   -6.458  1.00 23.34  ? 1114 ARG A NE  1 
ATOM   264  C CZ  . ARG A 1 31  ? -10.072 4.179   -7.775  1.00 29.49  ? 1114 ARG A CZ  1 
ATOM   265  N NH1 . ARG A 1 31  ? -9.002  4.112   -8.549  1.00 29.43  ? 1114 ARG A NH1 1 
ATOM   266  N NH2 . ARG A 1 31  ? -11.280 4.299   -8.312  1.00 33.00  ? 1114 ARG A NH2 1 
ATOM   267  N N   . VAL A 1 32  ? -5.738  2.646   -1.280  1.00 19.09  ? 1115 VAL A N   1 
ATOM   268  C CA  . VAL A 1 32  ? -4.471  2.520   -0.572  1.00 18.43  ? 1115 VAL A CA  1 
ATOM   269  C C   . VAL A 1 32  ? -3.631  1.459   -1.258  1.00 17.18  ? 1115 VAL A C   1 
ATOM   270  O O   . VAL A 1 32  ? -4.146  0.440   -1.718  1.00 19.14  ? 1115 VAL A O   1 
ATOM   271  C CB  . VAL A 1 32  ? -4.687  2.228   0.931   1.00 18.78  ? 1115 VAL A CB  1 
ATOM   272  C CG1 . VAL A 1 32  ? -5.410  0.892   1.138   1.00 21.04  ? 1115 VAL A CG1 1 
ATOM   273  C CG2 . VAL A 1 32  ? -3.362  2.287   1.697   1.00 19.74  ? 1115 VAL A CG2 1 
ATOM   274  N N   . GLY A 1 33  ? -2.329  1.696   -1.310  1.00 18.56  ? 1116 GLY A N   1 
ATOM   275  C CA  . GLY A 1 33  ? -1.459  0.725   -1.929  1.00 18.44  ? 1116 GLY A CA  1 
ATOM   276  C C   . GLY A 1 33  ? -0.046  1.240   -2.062  1.00 19.18  ? 1116 GLY A C   1 
ATOM   277  O O   . GLY A 1 33  ? 0.492   1.867   -1.148  1.00 19.94  ? 1116 GLY A O   1 
ATOM   278  N N   . TRP A 1 34  ? 0.552   0.976   -3.219  1.00 20.14  ? 1117 TRP A N   1 
ATOM   279  C CA  . TRP A 1 34  ? 1.965   1.225   -3.460  1.00 21.44  ? 1117 TRP A CA  1 
ATOM   280  C C   . TRP A 1 34  ? 2.090   2.067   -4.717  1.00 22.03  ? 1117 TRP A C   1 
ATOM   281  O O   . TRP A 1 34  ? 1.433   1.795   -5.722  1.00 23.16  ? 1117 TRP A O   1 
ATOM   282  C CB  . TRP A 1 34  ? 2.726   -0.096  -3.630  1.00 22.53  ? 1117 TRP A CB  1 
ATOM   283  C CG  . TRP A 1 34  ? 2.598   -0.976  -2.441  1.00 19.70  ? 1117 TRP A CG  1 
ATOM   284  C CD1 . TRP A 1 34  ? 1.663   -1.966  -2.248  1.00 22.20  ? 1117 TRP A CD1 1 
ATOM   285  C CD2 . TRP A 1 34  ? 3.374   -0.914  -1.239  1.00 19.35  ? 1117 TRP A CD2 1 
ATOM   286  N NE1 . TRP A 1 34  ? 1.844   -2.544  -1.015  1.00 20.75  ? 1117 TRP A NE1 1 
ATOM   287  C CE2 . TRP A 1 34  ? 2.884   -1.921  -0.378  1.00 18.49  ? 1117 TRP A CE2 1 
ATOM   288  C CE3 . TRP A 1 34  ? 4.463   -0.133  -0.823  1.00 20.22  ? 1117 TRP A CE3 1 
ATOM   289  C CZ2 . TRP A 1 34  ? 3.435   -2.159  0.886   1.00 19.53  ? 1117 TRP A CZ2 1 
ATOM   290  C CZ3 . TRP A 1 34  ? 5.010   -0.370  0.432   1.00 20.35  ? 1117 TRP A CZ3 1 
ATOM   291  C CH2 . TRP A 1 34  ? 4.500   -1.383  1.268   1.00 20.43  ? 1117 TRP A CH2 1 
ATOM   292  N N   . SER A 1 35  ? 2.944   3.079   -4.661  1.00 22.28  ? 1118 SER A N   1 
ATOM   293  C CA  . SER A 1 35  ? 3.102   4.032   -5.741  1.00 23.46  ? 1118 SER A CA  1 
ATOM   294  C C   . SER A 1 35  ? 4.544   3.990   -6.215  1.00 21.92  ? 1118 SER A C   1 
ATOM   295  O O   . SER A 1 35  ? 5.469   3.786   -5.426  1.00 22.01  ? 1118 SER A O   1 
ATOM   296  C CB  . SER A 1 35  ? 2.814   5.455   -5.233  1.00 28.55  ? 1118 SER A CB  1 
ATOM   297  O OG  . SER A 1 35  ? 3.213   6.444   -6.164  1.00 30.31  ? 1118 SER A OG  1 
ATOM   298  N N   A ARG A 1 36  ? 4.732   4.177   -7.513  0.34 24.59  ? 1119 ARG A N   1 
ATOM   299  N N   B ARG A 1 36  ? 4.730   4.174   -7.516  0.66 23.64  ? 1119 ARG A N   1 
ATOM   300  C CA  A ARG A 1 36  ? 6.077   4.378   -8.015  0.34 25.38  ? 1119 ARG A CA  1 
ATOM   301  C CA  B ARG A 1 36  ? 6.071   4.386   -8.030  0.66 25.25  ? 1119 ARG A CA  1 
ATOM   302  C C   A ARG A 1 36  ? 6.555   5.775   -7.617  0.34 29.99  ? 1119 ARG A C   1 
ATOM   303  C C   B ARG A 1 36  ? 6.551   5.777   -7.612  0.66 30.05  ? 1119 ARG A C   1 
ATOM   304  O O   A ARG A 1 36  ? 5.750   6.700   -7.490  0.34 30.33  ? 1119 ARG A O   1 
ATOM   305  O O   B ARG A 1 36  ? 5.744   6.700   -7.475  0.66 29.60  ? 1119 ARG A O   1 
ATOM   306  C CB  A ARG A 1 36  ? 6.096   4.204   -9.530  0.34 27.95  ? 1119 ARG A CB  1 
ATOM   307  C CB  B ARG A 1 36  ? 6.056   4.262   -9.549  0.66 27.73  ? 1119 ARG A CB  1 
ATOM   308  C CG  A ARG A 1 36  ? 5.606   2.824   -9.971  0.34 29.66  ? 1119 ARG A CG  1 
ATOM   309  C CG  B ARG A 1 36  ? 5.441   2.949   -10.034 0.66 29.67  ? 1119 ARG A CG  1 
ATOM   310  C CD  A ARG A 1 36  ? 6.290   2.347   -11.240 0.34 33.78  ? 1119 ARG A CD  1 
ATOM   311  C CD  B ARG A 1 36  ? 5.953   2.554   -11.407 0.66 34.50  ? 1119 ARG A CD  1 
ATOM   312  N NE  A ARG A 1 36  ? 5.983   0.948   -11.535 0.34 33.72  ? 1119 ARG A NE  1 
ATOM   313  N NE  B ARG A 1 36  ? 5.367   1.303   -11.885 0.66 29.99  ? 1119 ARG A NE  1 
ATOM   314  C CZ  A ARG A 1 36  ? 6.646   -0.091  -11.033 0.34 32.69  ? 1119 ARG A CZ  1 
ATOM   315  C CZ  B ARG A 1 36  ? 5.861   0.093   -11.641 0.66 34.64  ? 1119 ARG A CZ  1 
ATOM   316  N NH1 A ARG A 1 36  ? 7.660   0.097   -10.202 0.34 28.55  ? 1119 ARG A NH1 1 
ATOM   317  N NH1 B ARG A 1 36  ? 6.962   -0.052  -10.912 0.66 31.06  ? 1119 ARG A NH1 1 
ATOM   318  N NH2 A ARG A 1 36  ? 6.293   -1.324  -11.364 0.34 33.00  ? 1119 ARG A NH2 1 
ATOM   319  N NH2 B ARG A 1 36  ? 5.250   -0.980  -12.132 0.66 32.31  ? 1119 ARG A NH2 1 
ATOM   320  N N   . PRO A 1 37  ? 7.854   5.942   -7.379  1.00 29.11  ? 1120 PRO A N   1 
ATOM   321  C CA  . PRO A 1 37  ? 8.355   7.227   -6.873  1.00 34.05  ? 1120 PRO A CA  1 
ATOM   322  C C   . PRO A 1 37  ? 8.381   8.292   -7.954  1.00 44.91  ? 1120 PRO A C   1 
ATOM   323  O O   . PRO A 1 37  ? 8.467   8.005   -9.151  1.00 59.13  ? 1120 PRO A O   1 
ATOM   324  C CB  . PRO A 1 37  ? 9.793   6.901   -6.433  1.00 30.34  ? 1120 PRO A CB  1 
ATOM   325  C CG  . PRO A 1 37  ? 9.991   5.430   -6.633  1.00 32.29  ? 1120 PRO A CG  1 
ATOM   326  C CD  . PRO A 1 37  ? 8.942   4.983   -7.607  1.00 29.51  ? 1120 PRO A CD  1 
ATOM   327  N N   . GLY A 1 38  ? 8.300   9.547   -7.511  1.00 52.89  ? 1121 GLY A N   1 
ATOM   328  C CA  . GLY A 1 38  ? 8.491   10.688  -8.384  1.00 72.62  ? 1121 GLY A CA  1 
ATOM   329  C C   . GLY A 1 38  ? 7.437   10.894  -9.446  1.00 63.25  ? 1121 GLY A C   1 
ATOM   330  O O   . GLY A 1 38  ? 7.437   11.949  -10.094 1.00 77.73  ? 1121 GLY A O   1 
ATOM   331  N N   A CYS A 1 39  ? 6.544   9.939   -9.662  0.44 63.81  ? 1122 CYS A N   1 
ATOM   332  N N   B CYS A 1 39  ? 6.544   9.928   -9.655  0.56 63.84  ? 1122 CYS A N   1 
ATOM   333  C CA  A CYS A 1 39  ? 5.499   10.125  -10.653 0.44 70.52  ? 1122 CYS A CA  1 
ATOM   334  C CA  B CYS A 1 39  ? 5.462   10.081  -10.615 0.56 70.58  ? 1122 CYS A CA  1 
ATOM   335  C C   A CYS A 1 39  ? 4.372   10.974  -10.081 0.44 74.13  ? 1122 CYS A C   1 
ATOM   336  C C   B CYS A 1 39  ? 4.396   11.022  -10.064 0.56 74.22  ? 1122 CYS A C   1 
ATOM   337  O O   A CYS A 1 39  ? 4.146   11.016  -8.868  0.44 72.32  ? 1122 CYS A O   1 
ATOM   338  O O   B CYS A 1 39  ? 4.231   11.170  -8.850  0.56 72.45  ? 1122 CYS A O   1 
ATOM   339  C CB  A CYS A 1 39  ? 4.951   8.775   -11.101 0.44 54.20  ? 1122 CYS A CB  1 
ATOM   340  C CB  B CYS A 1 39  ? 4.816   8.723   -10.906 0.56 53.62  ? 1122 CYS A CB  1 
ATOM   341  S SG  A CYS A 1 39  ? 4.120   7.869   -9.794  0.44 45.74  ? 1122 CYS A SG  1 
ATOM   342  S SG  B CYS A 1 39  ? 5.933   7.431   -11.506 0.56 61.48  ? 1122 CYS A SG  1 
ATOM   343  N N   . GLN A 1 40  ? 3.664   11.659  -10.974 1.00 68.75  ? 1123 GLN A N   1 
ATOM   344  C CA  . GLN A 1 40  ? 2.543   12.507  -10.598 1.00 82.14  ? 1123 GLN A CA  1 
ATOM   345  C C   . GLN A 1 40  ? 1.278   11.661  -10.537 1.00 90.08  ? 1123 GLN A C   1 
ATOM   346  O O   . GLN A 1 40  ? 0.956   10.941  -11.490 1.00 68.64  ? 1123 GLN A O   1 
ATOM   347  C CB  . GLN A 1 40  ? 2.371   13.640  -11.609 1.00 84.72  ? 1123 GLN A CB  1 
ATOM   348  N N   . LEU A 1 41  ? 0.569   11.741  -9.413  1.00 83.85  ? 1124 LEU A N   1 
ATOM   349  C CA  . LEU A 1 41  ? -0.643  10.953  -9.227  1.00 73.71  ? 1124 LEU A CA  1 
ATOM   350  C C   . LEU A 1 41  ? -1.875  11.848  -9.234  1.00 81.52  ? 1124 LEU A C   1 
ATOM   351  O O   . LEU A 1 41  ? -2.624  11.898  -8.254  1.00 80.32  ? 1124 LEU A O   1 
ATOM   352  C CB  . LEU A 1 41  ? -0.574  10.155  -7.923  1.00 47.85  ? 1124 LEU A CB  1 
ATOM   353  C CG  . LEU A 1 41  ? 0.623   9.218   -7.750  1.00 46.60  ? 1124 LEU A CG  1 
ATOM   354  C CD1 . LEU A 1 41  ? 0.697   8.730   -6.317  1.00 37.98  ? 1124 LEU A CD1 1 
ATOM   355  C CD2 . LEU A 1 41  ? 0.546   8.040   -8.716  1.00 43.02  ? 1124 LEU A CD2 1 
ATOM   356  N N   . ASP A 1 42  ? -2.087  12.564  -10.336 1.00 85.07  ? 1125 ASP A N   1 
ATOM   357  C CA  . ASP A 1 42  ? -3.281  13.382  -10.487 1.00 91.25  ? 1125 ASP A CA  1 
ATOM   358  C C   . ASP A 1 42  ? -4.487  12.574  -10.948 1.00 94.51  ? 1125 ASP A C   1 
ATOM   359  O O   . ASP A 1 42  ? -5.616  13.071  -10.867 1.00 93.06  ? 1125 ASP A O   1 
ATOM   360  C CB  . ASP A 1 42  ? -3.003  14.531  -11.459 1.00 92.65  ? 1125 ASP A CB  1 
ATOM   361  C CG  . ASP A 1 42  ? -1.718  15.268  -11.129 1.00 120.20 ? 1125 ASP A CG  1 
ATOM   362  O OD1 . ASP A 1 42  ? -1.634  15.853  -10.028 1.00 120.61 ? 1125 ASP A OD1 1 
ATOM   363  O OD2 . ASP A 1 42  ? -0.788  15.254  -11.965 1.00 116.66 ? 1125 ASP A OD2 1 
ATOM   364  N N   . LEU A 1 43  ? -4.271  11.350  -11.420 1.00 66.47  ? 1126 LEU A N   1 
ATOM   365  C CA  . LEU A 1 43  ? -5.349  10.465  -11.822 1.00 70.12  ? 1126 LEU A CA  1 
ATOM   366  C C   . LEU A 1 43  ? -5.887  9.711   -10.608 1.00 71.25  ? 1126 LEU A C   1 
ATOM   367  O O   . LEU A 1 43  ? -5.350  9.794   -9.499  1.00 67.06  ? 1126 LEU A O   1 
ATOM   368  C CB  . LEU A 1 43  ? -4.851  9.473   -12.877 1.00 54.24  ? 1126 LEU A CB  1 
ATOM   369  C CG  . LEU A 1 43  ? -4.766  9.925   -14.341 1.00 63.12  ? 1126 LEU A CG  1 
ATOM   370  C CD1 . LEU A 1 43  ? -6.142  10.321  -14.865 1.00 77.34  ? 1126 LEU A CD1 1 
ATOM   371  C CD2 . LEU A 1 43  ? -3.759  11.053  -14.540 1.00 60.49  ? 1126 LEU A CD2 1 
ATOM   372  N N   . GLU A 1 44  ? -6.975  8.972   -10.824 1.00 62.59  ? 1127 GLU A N   1 
ATOM   373  C CA  . GLU A 1 44  ? -7.462  8.057   -9.802  1.00 48.68  ? 1127 GLU A CA  1 
ATOM   374  C C   . GLU A 1 44  ? -6.431  6.959   -9.567  1.00 38.07  ? 1127 GLU A C   1 
ATOM   375  O O   . GLU A 1 44  ? -5.829  6.439   -10.509 1.00 38.52  ? 1127 GLU A O   1 
ATOM   376  C CB  . GLU A 1 44  ? -8.788  7.441   -10.240 1.00 49.36  ? 1127 GLU A CB  1 
ATOM   377  C CG  . GLU A 1 44  ? -9.868  8.462   -10.546 1.00 72.60  ? 1127 GLU A CG  1 
ATOM   378  C CD  . GLU A 1 44  ? -11.162 8.174   -9.812  1.00 83.09  ? 1127 GLU A CD  1 
ATOM   379  O OE1 . GLU A 1 44  ? -11.121 8.019   -8.573  1.00 91.17  ? 1127 GLU A OE1 1 
ATOM   380  O OE2 . GLU A 1 44  ? -12.219 8.101   -10.473 1.00 103.90 ? 1127 GLU A OE2 1 
ATOM   381  N N   . LEU A 1 45  ? -6.227  6.614   -8.298  1.00 32.86  ? 1128 LEU A N   1 
ATOM   382  C CA  . LEU A 1 45  ? -5.087  5.790   -7.913  1.00 28.37  ? 1128 LEU A CA  1 
ATOM   383  C C   . LEU A 1 45  ? -5.172  4.394   -8.525  1.00 26.72  ? 1128 LEU A C   1 
ATOM   384  O O   . LEU A 1 45  ? -6.161  3.680   -8.334  1.00 27.53  ? 1128 LEU A O   1 
ATOM   385  C CB  . LEU A 1 45  ? -5.060  5.682   -6.390  1.00 32.16  ? 1128 LEU A CB  1 
ATOM   386  C CG  . LEU A 1 45  ? -3.733  5.346   -5.734  1.00 32.26  ? 1128 LEU A CG  1 
ATOM   387  C CD1 . LEU A 1 45  ? -2.646  6.328   -6.166  1.00 33.99  ? 1128 LEU A CD1 1 
ATOM   388  C CD2 . LEU A 1 45  ? -3.899  5.356   -4.226  1.00 29.27  ? 1128 LEU A CD2 1 
ATOM   389  N N   . GLY A 1 46  ? -4.115  3.989   -9.232  1.00 27.26  ? 1129 GLY A N   1 
ATOM   390  C CA  . GLY A 1 46  ? -4.079  2.698   -9.882  1.00 25.93  ? 1129 GLY A CA  1 
ATOM   391  C C   . GLY A 1 46  ? -4.820  2.624   -11.200 1.00 27.33  ? 1129 GLY A C   1 
ATOM   392  O O   . GLY A 1 46  ? -4.985  1.524   -11.740 1.00 29.67  ? 1129 GLY A O   1 
ATOM   393  N N   . SER A 1 47  ? -5.282  3.752   -11.735 1.00 30.76  ? 1130 SER A N   1 
ATOM   394  C CA  . SER A 1 47  ? -5.886  3.726   -13.062 1.00 31.92  ? 1130 SER A CA  1 
ATOM   395  C C   . SER A 1 47  ? -4.851  3.571   -14.165 1.00 38.12  ? 1130 SER A C   1 
ATOM   396  O O   . SER A 1 47  ? -5.229  3.342   -15.319 1.00 38.42  ? 1130 SER A O   1 
ATOM   397  C CB  . SER A 1 47  ? -6.704  4.994   -13.295 1.00 35.21  ? 1130 SER A CB  1 
ATOM   398  O OG  . SER A 1 47  ? -5.874  6.140   -13.267 1.00 43.98  ? 1130 SER A OG  1 
ATOM   399  N N   . ASP A 1 48  ? -3.570  3.671   -13.828 1.00 38.76  ? 1131 ASP A N   1 
ATOM   400  C CA  . ASP A 1 48  ? -2.479  3.620   -14.792 1.00 33.12  ? 1131 ASP A CA  1 
ATOM   401  C C   . ASP A 1 48  ? -1.379  2.729   -14.217 1.00 36.29  ? 1131 ASP A C   1 
ATOM   402  O O   . ASP A 1 48  ? -1.612  1.906   -13.327 1.00 34.02  ? 1131 ASP A O   1 
ATOM   403  C CB  . ASP A 1 48  ? -2.001  5.048   -15.097 1.00 41.87  ? 1131 ASP A CB  1 
ATOM   404  C CG  . ASP A 1 48  ? -1.654  5.831   -13.834 1.00 52.01  ? 1131 ASP A CG  1 
ATOM   405  O OD1 . ASP A 1 48  ? -1.469  5.206   -12.765 1.00 31.55  ? 1131 ASP A OD1 1 
ATOM   406  O OD2 . ASP A 1 48  ? -1.567  7.074   -13.910 1.00 49.52  ? 1131 ASP A OD2 1 
ATOM   407  N N   A ASP A 1 49  ? -0.170  2.938   -14.729 0.47 31.71  ? 1132 ASP A N   1 
ATOM   408  N N   B ASP A 1 49  ? -0.149  2.865   -14.714 0.53 31.65  ? 1132 ASP A N   1 
ATOM   409  C CA  A ASP A 1 49  ? 1.019   2.174   -14.402 0.47 33.39  ? 1132 ASP A CA  1 
ATOM   410  C CA  B ASP A 1 49  ? 0.964   2.077   -14.179 0.53 32.41  ? 1132 ASP A CA  1 
ATOM   411  C C   A ASP A 1 49  ? 1.809   2.778   -13.250 0.47 35.52  ? 1132 ASP A C   1 
ATOM   412  C C   B ASP A 1 49  ? 1.612   2.713   -12.953 0.53 33.99  ? 1132 ASP A C   1 
ATOM   413  O O   A ASP A 1 49  ? 2.939   2.350   -12.996 0.47 36.70  ? 1132 ASP A O   1 
ATOM   414  O O   B ASP A 1 49  ? 2.488   2.094   -12.341 0.53 37.64  ? 1132 ASP A O   1 
ATOM   415  C CB  A ASP A 1 49  ? 1.921   2.105   -15.637 0.47 39.56  ? 1132 ASP A CB  1 
ATOM   416  C CB  B ASP A 1 49  ? 2.023   1.806   -15.276 0.53 35.44  ? 1132 ASP A CB  1 
ATOM   417  C CG  A ASP A 1 49  ? 2.257   3.487   -16.195 0.47 41.77  ? 1132 ASP A CG  1 
ATOM   418  C CG  B ASP A 1 49  ? 3.155   0.855   -14.821 0.53 42.83  ? 1132 ASP A CG  1 
ATOM   419  O OD1 A ASP A 1 49  ? 1.335   4.328   -16.341 0.47 34.73  ? 1132 ASP A OD1 1 
ATOM   420  O OD1 B ASP A 1 49  ? 2.951   0.000   -13.930 0.53 27.61  ? 1132 ASP A OD1 1 
ATOM   421  O OD2 A ASP A 1 49  ? 3.449   3.736   -16.481 0.47 44.52  ? 1132 ASP A OD2 1 
ATOM   422  O OD2 B ASP A 1 49  ? 4.274   0.967   -15.369 0.53 32.50  ? 1132 ASP A OD2 1 
ATOM   423  N N   A ARG A 1 50  ? 1.256   3.770   -12.558 0.47 32.03  ? 1133 ARG A N   1 
ATOM   424  N N   B ARG A 1 50  ? 1.190   3.912   -12.557 0.53 31.60  ? 1133 ARG A N   1 
ATOM   425  C CA  A ARG A 1 50  ? 2.015   4.481   -11.540 0.47 28.89  ? 1133 ARG A CA  1 
ATOM   426  C CA  B ARG A 1 50  ? 1.908   4.642   -11.517 0.53 29.36  ? 1133 ARG A CA  1 
ATOM   427  C C   A ARG A 1 50  ? 1.736   3.998   -10.124 0.47 28.52  ? 1133 ARG A C   1 
ATOM   428  C C   B ARG A 1 50  ? 1.634   4.135   -10.104 0.53 28.67  ? 1133 ARG A C   1 
ATOM   429  O O   A ARG A 1 50  ? 2.518   4.304   -9.214  0.47 25.82  ? 1133 ARG A O   1 
ATOM   430  O O   B ARG A 1 50  ? 2.327   4.564   -9.171  0.53 27.57  ? 1133 ARG A O   1 
ATOM   431  C CB  A ARG A 1 50  ? 1.752   5.988   -11.644 0.47 33.49  ? 1133 ARG A CB  1 
ATOM   432  C CB  B ARG A 1 50  ? 1.602   6.139   -11.608 0.53 33.35  ? 1133 ARG A CB  1 
ATOM   433  C CG  A ARG A 1 50  ? 2.062   6.565   -13.023 0.47 36.54  ? 1133 ARG A CG  1 
ATOM   434  C CG  B ARG A 1 50  ? 2.202   6.826   -12.829 0.53 37.72  ? 1133 ARG A CG  1 
ATOM   435  C CD  A ARG A 1 50  ? 3.550   6.473   -13.346 0.47 46.09  ? 1133 ARG A CD  1 
ATOM   436  C CD  B ARG A 1 50  ? 1.361   8.019   -13.246 0.53 44.50  ? 1133 ARG A CD  1 
ATOM   437  N NE  A ARG A 1 50  ? 3.901   5.280   -14.110 0.47 54.11  ? 1133 ARG A NE  1 
ATOM   438  N NE  B ARG A 1 50  ? 1.950   8.780   -14.346 0.53 54.73  ? 1133 ARG A NE  1 
ATOM   439  C CZ  A ARG A 1 50  ? 5.125   4.762   -14.159 0.47 50.61  ? 1133 ARG A CZ  1 
ATOM   440  C CZ  B ARG A 1 50  ? 1.980   8.376   -15.611 0.53 49.38  ? 1133 ARG A CZ  1 
ATOM   441  N NH1 A ARG A 1 50  ? 6.113   5.335   -13.485 0.47 53.27  ? 1133 ARG A NH1 1 
ATOM   442  N NH1 B ARG A 1 50  ? 1.462   7.206   -15.956 0.53 52.84  ? 1133 ARG A NH1 1 
ATOM   443  N NH2 A ARG A 1 50  ? 5.361   3.672   -14.878 0.47 46.21  ? 1133 ARG A NH2 1 
ATOM   444  N NH2 B ARG A 1 50  ? 2.533   9.144   -16.537 0.53 46.22  ? 1133 ARG A NH2 1 
ATOM   445  N N   . ALA A 1 51  ? 0.657   3.248   -9.916  1.00 26.17  ? 1134 ALA A N   1 
ATOM   446  C CA  . ALA A 1 51  ? 0.338   2.766   -8.581  1.00 25.16  ? 1134 ALA A CA  1 
ATOM   447  C C   . ALA A 1 51  ? -0.453  1.474   -8.667  1.00 27.75  ? 1134 ALA A C   1 
ATOM   448  O O   . ALA A 1 51  ? -1.033  1.138   -9.702  1.00 25.97  ? 1134 ALA A O   1 
ATOM   449  C CB  . ALA A 1 51  ? -0.444  3.805   -7.773  1.00 27.55  ? 1134 ALA A CB  1 
ATOM   450  N N   . PHE A 1 52  ? -0.462  0.757   -7.545  1.00 22.75  ? 1135 PHE A N   1 
ATOM   451  C CA  . PHE A 1 52  ? -1.179  -0.496  -7.378  1.00 22.29  ? 1135 PHE A CA  1 
ATOM   452  C C   . PHE A 1 52  ? -1.996  -0.324  -6.111  1.00 23.00  ? 1135 PHE A C   1 
ATOM   453  O O   . PHE A 1 52  ? -1.424  -0.161  -5.033  1.00 22.93  ? 1135 PHE A O   1 
ATOM   454  C CB  . PHE A 1 52  ? -0.198  -1.647  -7.153  1.00 20.24  ? 1135 PHE A CB  1 
ATOM   455  C CG  . PHE A 1 52  ? 0.725   -1.930  -8.322  1.00 24.42  ? 1135 PHE A CG  1 
ATOM   456  C CD1 . PHE A 1 52  ? 1.796   -1.095  -8.612  1.00 23.59  ? 1135 PHE A CD1 1 
ATOM   457  C CD2 . PHE A 1 52  ? 0.547   -3.070  -9.093  1.00 23.44  ? 1135 PHE A CD2 1 
ATOM   458  C CE1 . PHE A 1 52  ? 2.659   -1.376  -9.674  1.00 26.50  ? 1135 PHE A CE1 1 
ATOM   459  C CE2 . PHE A 1 52  ? 1.397   -3.354  -10.158 1.00 24.86  ? 1135 PHE A CE2 1 
ATOM   460  C CZ  . PHE A 1 52  ? 2.460   -2.511  -10.443 1.00 26.89  ? 1135 PHE A CZ  1 
ATOM   461  N N   . ALA A 1 53  ? -3.316  -0.354  -6.221  1.00 21.82  ? 1136 ALA A N   1 
ATOM   462  C CA  . ALA A 1 53  ? -4.127  0.094   -5.100  1.00 19.99  ? 1136 ALA A CA  1 
ATOM   463  C C   . ALA A 1 53  ? -5.284  -0.849  -4.836  1.00 21.51  ? 1136 ALA A C   1 
ATOM   464  O O   . ALA A 1 53  ? -5.837  -1.462  -5.756  1.00 22.66  ? 1136 ALA A O   1 
ATOM   465  C CB  . ALA A 1 53  ? -4.670  1.504   -5.316  1.00 22.33  ? 1136 ALA A CB  1 
ATOM   466  N N   . PHE A 1 54  ? -5.649  -0.930  -3.561  1.00 20.99  ? 1137 PHE A N   1 
ATOM   467  C CA  . PHE A 1 54  ? -6.893  -1.541  -3.117  1.00 18.97  ? 1137 PHE A CA  1 
ATOM   468  C C   . PHE A 1 54  ? -7.931  -0.446  -2.889  1.00 22.18  ? 1137 PHE A C   1 
ATOM   469  O O   . PHE A 1 54  ? -7.676  0.541   -2.181  1.00 19.94  ? 1137 PHE A O   1 
ATOM   470  C CB  . PHE A 1 54  ? -6.664  -2.326  -1.824  1.00 19.37  ? 1137 PHE A CB  1 
ATOM   471  C CG  . PHE A 1 54  ? -7.934  -2.853  -1.195  1.00 17.04  ? 1137 PHE A CG  1 
ATOM   472  C CD1 . PHE A 1 54  ? -8.801  -3.682  -1.911  1.00 20.67  ? 1137 PHE A CD1 1 
ATOM   473  C CD2 . PHE A 1 54  ? -8.263  -2.525  0.111   1.00 21.16  ? 1137 PHE A CD2 1 
ATOM   474  C CE1 . PHE A 1 54  ? -9.969  -4.162  -1.325  1.00 19.91  ? 1137 PHE A CE1 1 
ATOM   475  C CE2 . PHE A 1 54  ? -9.436  -3.005  0.696   1.00 21.02  ? 1137 PHE A CE2 1 
ATOM   476  C CZ  . PHE A 1 54  ? -10.274 -3.819  -0.028  1.00 20.30  ? 1137 PHE A CZ  1 
ATOM   477  N N   . ASP A 1 55  ? -9.102  -0.625  -3.490  1.00 21.09  ? 1138 ASP A N   1 
ATOM   478  C CA  . ASP A 1 55  ? -10.231 0.288   -3.350  1.00 22.73  ? 1138 ASP A CA  1 
ATOM   479  C C   . ASP A 1 55  ? -11.197 -0.438  -2.426  1.00 20.83  ? 1138 ASP A C   1 
ATOM   480  O O   . ASP A 1 55  ? -11.919 -1.346  -2.849  1.00 21.32  ? 1138 ASP A O   1 
ATOM   481  C CB  . ASP A 1 55  ? -10.797 0.574   -4.743  1.00 21.32  ? 1138 ASP A CB  1 
ATOM   482  C CG  . ASP A 1 55  ? -12.224 1.106   -4.739  1.00 27.84  ? 1138 ASP A CG  1 
ATOM   483  O OD1 . ASP A 1 55  ? -12.743 1.535   -3.688  1.00 27.01  ? 1138 ASP A OD1 1 
ATOM   484  O OD2 . ASP A 1 55  ? -12.826 1.086   -5.834  1.00 44.98  ? 1138 ASP A OD2 1 
ATOM   485  N N   . GLY A 1 56  ? -11.182 -0.061  -1.151  1.00 23.13  ? 1139 GLY A N   1 
ATOM   486  C CA  . GLY A 1 56  ? -12.045 -0.680  -0.169  1.00 21.86  ? 1139 GLY A CA  1 
ATOM   487  C C   . GLY A 1 56  ? -13.464 -0.152  -0.150  1.00 23.11  ? 1139 GLY A C   1 
ATOM   488  O O   . GLY A 1 56  ? -14.302 -0.625  0.618   1.00 23.34  ? 1139 GLY A O   1 
ATOM   489  N N   . PHE A 1 57  ? -13.743 0.855   -0.971  1.00 22.40  ? 1140 PHE A N   1 
ATOM   490  C CA  . PHE A 1 57  ? -15.094 1.374   -1.126  1.00 21.25  ? 1140 PHE A CA  1 
ATOM   491  C C   . PHE A 1 57  ? -15.898 0.431   -2.010  1.00 25.14  ? 1140 PHE A C   1 
ATOM   492  O O   . PHE A 1 57  ? -16.957 -0.069  -1.610  1.00 25.63  ? 1140 PHE A O   1 
ATOM   493  C CB  . PHE A 1 57  ? -14.979 2.765   -1.757  1.00 24.28  ? 1140 PHE A CB  1 
ATOM   494  C CG  . PHE A 1 57  ? -16.280 3.507   -1.888  1.00 27.36  ? 1140 PHE A CG  1 
ATOM   495  C CD1 . PHE A 1 57  ? -17.232 3.464   -0.890  1.00 23.25  ? 1140 PHE A CD1 1 
ATOM   496  C CD2 . PHE A 1 57  ? -16.521 4.282   -3.008  1.00 29.05  ? 1140 PHE A CD2 1 
ATOM   497  C CE1 . PHE A 1 57  ? -18.427 4.164   -1.011  1.00 32.61  ? 1140 PHE A CE1 1 
ATOM   498  C CE2 . PHE A 1 57  ? -17.711 4.983   -3.133  1.00 30.72  ? 1140 PHE A CE2 1 
ATOM   499  C CZ  . PHE A 1 57  ? -18.654 4.917   -2.129  1.00 27.21  ? 1140 PHE A CZ  1 
ATOM   500  N N   . LYS A 1 58  ? -15.361 0.112   -3.185  1.00 23.17  ? 1141 LYS A N   1 
ATOM   501  C CA  . LYS A 1 58  ? -16.035 -0.754  -4.141  1.00 25.54  ? 1141 LYS A CA  1 
ATOM   502  C C   . LYS A 1 58  ? -15.502 -2.184  -4.181  1.00 23.22  ? 1141 LYS A C   1 
ATOM   503  O O   . LYS A 1 58  ? -16.017 -2.990  -4.966  1.00 23.86  ? 1141 LYS A O   1 
ATOM   504  C CB  . LYS A 1 58  ? -15.988 -0.138  -5.542  1.00 29.53  ? 1141 LYS A CB  1 
ATOM   505  C CG  . LYS A 1 58  ? -16.529 1.289   -5.601  1.00 40.15  ? 1141 LYS A CG  1 
ATOM   506  C CD  . LYS A 1 58  ? -17.446 1.483   -6.801  1.00 57.24  ? 1141 LYS A CD  1 
ATOM   507  C CE  . LYS A 1 58  ? -17.506 2.940   -7.226  1.00 78.33  ? 1141 LYS A CE  1 
ATOM   508  N NZ  . LYS A 1 58  ? -17.018 3.853   -6.156  1.00 86.32  ? 1141 LYS A NZ  1 
ATOM   509  N N   . ALA A 1 59  ? -14.509 -2.528  -3.358  1.00 22.04  ? 1142 ALA A N   1 
ATOM   510  C CA  . ALA A 1 59  ? -13.900 -3.857  -3.355  1.00 22.87  ? 1142 ALA A CA  1 
ATOM   511  C C   . ALA A 1 59  ? -13.297 -4.177  -4.722  1.00 22.52  ? 1142 ALA A C   1 
ATOM   512  O O   . ALA A 1 59  ? -13.706 -5.112  -5.422  1.00 21.10  ? 1142 ALA A O   1 
ATOM   513  C CB  . ALA A 1 59  ? -14.864 -4.948  -2.880  1.00 24.18  ? 1142 ALA A CB  1 
ATOM   514  N N   A GLN A 1 60  ? -12.314 -3.369  -5.092  0.53 21.86  ? 1143 GLN A N   1 
ATOM   515  N N   B GLN A 1 60  ? -12.313 -3.358  -5.101  0.47 21.84  ? 1143 GLN A N   1 
ATOM   516  C CA  A GLN A 1 60  ? -11.624 -3.541  -6.354  0.53 20.67  ? 1143 GLN A CA  1 
ATOM   517  C CA  B GLN A 1 60  ? -11.642 -3.459  -6.388  0.47 20.58  ? 1143 GLN A CA  1 
ATOM   518  C C   A GLN A 1 60  ? -10.125 -3.437  -6.137  0.53 21.75  ? 1143 GLN A C   1 
ATOM   519  C C   B GLN A 1 60  ? -10.135 -3.353  -6.199  0.47 22.39  ? 1143 GLN A C   1 
ATOM   520  O O   A GLN A 1 60  ? -9.645  -2.820  -5.180  0.53 22.33  ? 1143 GLN A O   1 
ATOM   521  O O   B GLN A 1 60  ? -9.654  -2.633  -5.320  0.47 22.15  ? 1143 GLN A O   1 
ATOM   522  C CB  A GLN A 1 60  ? -12.080 -2.507  -7.384  0.53 23.15  ? 1143 GLN A CB  1 
ATOM   523  C CB  B GLN A 1 60  ? -12.075 -2.322  -7.327  0.47 22.60  ? 1143 GLN A CB  1 
ATOM   524  C CG  A GLN A 1 60  ? -13.549 -2.636  -7.743  0.53 24.89  ? 1143 GLN A CG  1 
ATOM   525  C CG  B GLN A 1 60  ? -13.561 -2.294  -7.646  0.47 23.35  ? 1143 GLN A CG  1 
ATOM   526  C CD  A GLN A 1 60  ? -13.997 -1.597  -8.734  0.53 31.36  ? 1143 GLN A CD  1 
ATOM   527  C CD  B GLN A 1 60  ? -13.943 -3.300  -8.711  0.47 28.73  ? 1143 GLN A CD  1 
ATOM   528  O OE1 A GLN A 1 60  ? -14.511 -1.926  -9.804  0.53 35.31  ? 1143 GLN A OE1 1 
ATOM   529  O OE1 B GLN A 1 60  ? -13.413 -3.279  -9.824  0.47 31.02  ? 1143 GLN A OE1 1 
ATOM   530  N NE2 A GLN A 1 60  ? -13.816 -0.331  -8.385  0.53 23.36  ? 1143 GLN A NE2 1 
ATOM   531  N NE2 B GLN A 1 60  ? -14.860 -4.193  -8.375  0.47 34.11  ? 1143 GLN A NE2 1 
ATOM   532  N N   . ARG A 1 61  ? -9.390  -4.067  -7.038  1.00 19.59  ? 1144 ARG A N   1 
ATOM   533  C CA  . ARG A 1 61  ? -7.953  -3.866  -7.146  1.00 20.19  ? 1144 ARG A CA  1 
ATOM   534  C C   . ARG A 1 61  ? -7.696  -3.040  -8.396  1.00 22.36  ? 1144 ARG A C   1 
ATOM   535  O O   . ARG A 1 61  ? -8.327  -3.262  -9.438  1.00 23.00  ? 1144 ARG A O   1 
ATOM   536  C CB  . ARG A 1 61  ? -7.190  -5.187  -7.183  1.00 21.81  ? 1144 ARG A CB  1 
ATOM   537  C CG  . ARG A 1 61  ? -7.497  -6.065  -8.379  1.00 21.31  ? 1144 ARG A CG  1 
ATOM   538  C CD  . ARG A 1 61  ? -6.603  -7.293  -8.350  1.00 21.79  ? 1144 ARG A CD  1 
ATOM   539  N NE  . ARG A 1 61  ? -7.018  -8.260  -9.360  1.00 23.93  ? 1144 ARG A NE  1 
ATOM   540  C CZ  . ARG A 1 61  ? -6.719  -9.553  -9.338  1.00 25.46  ? 1144 ARG A CZ  1 
ATOM   541  N NH1 . ARG A 1 61  ? -5.976  -10.065 -8.369  1.00 22.88  ? 1144 ARG A NH1 1 
ATOM   542  N NH2 . ARG A 1 61  ? -7.186  -10.342 -10.299 1.00 24.32  ? 1144 ARG A NH2 1 
ATOM   543  N N   . TRP A 1 62  ? -6.796  -2.067  -8.280  1.00 22.81  ? 1145 TRP A N   1 
ATOM   544  C CA  . TRP A 1 62  ? -6.546  -1.083  -9.328  1.00 22.91  ? 1145 TRP A CA  1 
ATOM   545  C C   . TRP A 1 62  ? -5.079  -1.120  -9.728  1.00 25.36  ? 1145 TRP A C   1 
ATOM   546  O O   . TRP A 1 62  ? -4.196  -0.795  -8.922  1.00 23.27  ? 1145 TRP A O   1 
ATOM   547  C CB  . TRP A 1 62  ? -6.893  0.323   -8.834  1.00 23.42  ? 1145 TRP A CB  1 
ATOM   548  C CG  . TRP A 1 62  ? -8.362  0.609   -8.823  1.00 20.91  ? 1145 TRP A CG  1 
ATOM   549  C CD1 . TRP A 1 62  ? -9.240  0.396   -7.787  1.00 22.16  ? 1145 TRP A CD1 1 
ATOM   550  C CD2 . TRP A 1 62  ? -9.133  1.173   -9.889  1.00 27.45  ? 1145 TRP A CD2 1 
ATOM   551  N NE1 . TRP A 1 62  ? -10.506 0.790   -8.153  1.00 29.01  ? 1145 TRP A NE1 1 
ATOM   552  C CE2 . TRP A 1 62  ? -10.466 1.264   -9.438  1.00 26.05  ? 1145 TRP A CE2 1 
ATOM   553  C CE3 . TRP A 1 62  ? -8.828  1.600   -11.184 1.00 30.15  ? 1145 TRP A CE3 1 
ATOM   554  C CZ2 . TRP A 1 62  ? -11.490 1.770   -10.236 1.00 31.21  ? 1145 TRP A CZ2 1 
ATOM   555  C CZ3 . TRP A 1 62  ? -9.842  2.099   -11.975 1.00 37.07  ? 1145 TRP A CZ3 1 
ATOM   556  C CH2 . TRP A 1 62  ? -11.160 2.183   -11.498 1.00 32.65  ? 1145 TRP A CH2 1 
ATOM   557  N N   . HIS A 1 63  ? -4.824  -1.507  -10.977 1.00 26.33  ? 1146 HIS A N   1 
ATOM   558  C CA  . HIS A 1 63  ? -3.543  -1.266  -11.636 1.00 25.50  ? 1146 HIS A CA  1 
ATOM   559  C C   . HIS A 1 63  ? -3.796  -1.372  -13.130 1.00 30.10  ? 1146 HIS A C   1 
ATOM   560  O O   . HIS A 1 63  ? -4.133  -2.454  -13.619 1.00 34.12  ? 1146 HIS A O   1 
ATOM   561  C CB  . HIS A 1 63  ? -2.464  -2.247  -11.211 1.00 26.35  ? 1146 HIS A CB  1 
ATOM   562  C CG  . HIS A 1 63  ? -1.183  -2.037  -11.948 1.00 26.28  ? 1146 HIS A CG  1 
ATOM   563  N ND1 . HIS A 1 63  ? -0.669  -2.951  -12.844 1.00 31.40  ? 1146 HIS A ND1 1 
ATOM   564  C CD2 . HIS A 1 63  ? -0.336  -0.980  -11.960 1.00 26.68  ? 1146 HIS A CD2 1 
ATOM   565  C CE1 . HIS A 1 63  ? 0.454   -2.477  -13.356 1.00 30.90  ? 1146 HIS A CE1 1 
ATOM   566  N NE2 . HIS A 1 63  ? 0.678   -1.283  -12.838 1.00 29.72  ? 1146 HIS A NE2 1 
ATOM   567  N N   . GLN A 1 64  ? -3.641  -0.258  -13.842 1.00 30.82  ? 1147 GLN A N   1 
ATOM   568  C CA  . GLN A 1 64  ? -4.010  -0.180  -15.256 1.00 35.42  ? 1147 GLN A CA  1 
ATOM   569  C C   . GLN A 1 64  ? -5.450  -0.640  -15.469 1.00 38.27  ? 1147 GLN A C   1 
ATOM   570  O O   . GLN A 1 64  ? -5.768  -1.349  -16.425 1.00 50.88  ? 1147 GLN A O   1 
ATOM   571  C CB  . GLN A 1 64  ? -3.030  -0.952  -16.140 1.00 35.45  ? 1147 GLN A CB  1 
ATOM   572  C CG  . GLN A 1 64  ? -1.569  -0.536  -15.971 1.00 45.69  ? 1147 GLN A CG  1 
ATOM   573  C CD  . GLN A 1 64  ? -0.615  -1.401  -16.776 1.00 56.17  ? 1147 GLN A CD  1 
ATOM   574  O OE1 . GLN A 1 64  ? -1.017  -2.061  -17.733 1.00 83.33  ? 1147 GLN A OE1 1 
ATOM   575  N NE2 . GLN A 1 64  ? 0.657   -1.404  -16.387 1.00 69.16  ? 1147 GLN A NE2 1 
ATOM   576  N N   . GLY A 1 65  ? -6.325  -0.243  -14.561 1.00 32.39  ? 1148 GLY A N   1 
ATOM   577  C CA  . GLY A 1 65  ? -7.712  -0.651  -14.590 1.00 26.73  ? 1148 GLY A CA  1 
ATOM   578  C C   . GLY A 1 65  ? -8.095  -1.422  -13.344 1.00 36.44  ? 1148 GLY A C   1 
ATOM   579  O O   . GLY A 1 65  ? -7.278  -1.685  -12.464 1.00 29.66  ? 1148 GLY A O   1 
ATOM   580  N N   . ASN A 1 66  ? -9.369  -1.798  -13.294 1.00 37.19  ? 1149 ASN A N   1 
ATOM   581  C CA  . ASN A 1 66  ? -9.974  -2.342  -12.087 1.00 29.43  ? 1149 ASN A CA  1 
ATOM   582  C C   . ASN A 1 66  ? -10.526 -3.743  -12.322 1.00 32.58  ? 1149 ASN A C   1 
ATOM   583  O O   . ASN A 1 66  ? -10.934 -4.098  -13.432 1.00 35.36  ? 1149 ASN A O   1 
ATOM   584  C CB  . ASN A 1 66  ? -11.086 -1.428  -11.570 1.00 29.30  ? 1149 ASN A CB  1 
ATOM   585  C CG  . ASN A 1 66  ? -12.185 -1.204  -12.592 1.00 45.10  ? 1149 ASN A CG  1 
ATOM   586  O OD1 . ASN A 1 66  ? -11.922 -0.817  -13.731 1.00 38.80  ? 1149 ASN A OD1 1 
ATOM   587  N ND2 . ASN A 1 66  ? -13.422 -1.450  -12.188 1.00 45.56  ? 1149 ASN A ND2 1 
ATOM   588  N N   . GLU A 1 67  ? -10.517 -4.540  -11.254 1.00 25.90  ? 1150 GLU A N   1 
ATOM   589  C CA  . GLU A 1 67  ? -11.227 -5.811  -11.197 1.00 26.72  ? 1150 GLU A CA  1 
ATOM   590  C C   . GLU A 1 67  ? -11.712 -6.001  -9.770  1.00 24.68  ? 1150 GLU A C   1 
ATOM   591  O O   . GLU A 1 67  ? -11.144 -5.443  -8.827  1.00 24.20  ? 1150 GLU A O   1 
ATOM   592  C CB  . GLU A 1 67  ? -10.310 -6.994  -11.544 1.00 33.44  ? 1150 GLU A CB  1 
ATOM   593  C CG  . GLU A 1 67  ? -9.773  -7.015  -12.964 1.00 51.25  ? 1150 GLU A CG  1 
ATOM   594  C CD  . GLU A 1 67  ? -8.891  -8.222  -13.231 1.00 63.77  ? 1150 GLU A CD  1 
ATOM   595  O OE1 . GLU A 1 67  ? -8.870  -9.144  -12.388 1.00 58.45  ? 1150 GLU A OE1 1 
ATOM   596  O OE2 . GLU A 1 67  ? -8.216  -8.246  -14.282 1.00 78.92  ? 1150 GLU A OE2 1 
ATOM   597  N N   . HIS A 1 68  ? -12.748 -6.814  -9.605  1.00 23.36  ? 1151 HIS A N   1 
ATOM   598  C CA  . HIS A 1 68  ? -13.234 -7.083  -8.264  1.00 20.04  ? 1151 HIS A CA  1 
ATOM   599  C C   . HIS A 1 68  ? -12.186 -7.846  -7.468  1.00 22.58  ? 1151 HIS A C   1 
ATOM   600  O O   . HIS A 1 68  ? -11.479 -8.712  -7.996  1.00 23.75  ? 1151 HIS A O   1 
ATOM   601  C CB  . HIS A 1 68  ? -14.522 -7.897  -8.314  1.00 22.52  ? 1151 HIS A CB  1 
ATOM   602  C CG  . HIS A 1 68  ? -15.059 -8.218  -6.958  1.00 19.21  ? 1151 HIS A CG  1 
ATOM   603  N ND1 . HIS A 1 68  ? -14.983 -9.478  -6.406  1.00 24.45  ? 1151 HIS A ND1 1 
ATOM   604  C CD2 . HIS A 1 68  ? -15.656 -7.433  -6.031  1.00 18.55  ? 1151 HIS A CD2 1 
ATOM   605  C CE1 . HIS A 1 68  ? -15.544 -9.460  -5.208  1.00 21.56  ? 1151 HIS A CE1 1 
ATOM   606  N NE2 . HIS A 1 68  ? -15.949 -8.231  -4.954  1.00 25.84  ? 1151 HIS A NE2 1 
ATOM   607  N N   . TYR A 1 69  ? -12.081 -7.508  -6.183  1.00 18.93  ? 1152 TYR A N   1 
ATOM   608  C CA  . TYR A 1 69  ? -11.087 -8.134  -5.325  1.00 19.05  ? 1152 TYR A CA  1 
ATOM   609  C C   . TYR A 1 69  ? -11.442 -7.827  -3.877  1.00 20.63  ? 1152 TYR A C   1 
ATOM   610  O O   . TYR A 1 69  ? -11.788 -6.686  -3.542  1.00 22.56  ? 1152 TYR A O   1 
ATOM   611  C CB  . TYR A 1 69  ? -9.674  -7.607  -5.664  1.00 21.15  ? 1152 TYR A CB  1 
ATOM   612  C CG  . TYR A 1 69  ? -8.639  -7.835  -4.602  1.00 21.16  ? 1152 TYR A CG  1 
ATOM   613  C CD1 . TYR A 1 69  ? -7.957  -9.040  -4.512  1.00 23.26  ? 1152 TYR A CD1 1 
ATOM   614  C CD2 . TYR A 1 69  ? -8.335  -6.830  -3.687  1.00 19.33  ? 1152 TYR A CD2 1 
ATOM   615  C CE1 . TYR A 1 69  ? -6.982  -9.241  -3.536  1.00 20.73  ? 1152 TYR A CE1 1 
ATOM   616  C CE2 . TYR A 1 69  ? -7.360  -7.014  -2.717  1.00 20.07  ? 1152 TYR A CE2 1 
ATOM   617  C CZ  . TYR A 1 69  ? -6.712  -8.221  -2.630  1.00 21.54  ? 1152 TYR A CZ  1 
ATOM   618  O OH  . TYR A 1 69  ? -5.773  -8.365  -1.644  1.00 22.78  ? 1152 TYR A OH  1 
ATOM   619  N N   . GLY A 1 70  ? -11.372 -8.853  -3.031  1.00 20.05  ? 1153 GLY A N   1 
ATOM   620  C CA  . GLY A 1 70  ? -11.587 -8.632  -1.603  1.00 20.57  ? 1153 GLY A CA  1 
ATOM   621  C C   . GLY A 1 70  ? -13.034 -8.307  -1.286  1.00 22.95  ? 1153 GLY A C   1 
ATOM   622  O O   . GLY A 1 70  ? -13.967 -8.873  -1.864  1.00 25.90  ? 1153 GLY A O   1 
ATOM   623  N N   . ARG A 1 71  ? -13.216 -7.401  -0.327  1.00 19.86  ? 1154 ARG A N   1 
ATOM   624  C CA  . ARG A 1 71  ? -14.527 -6.919  0.073   1.00 19.63  ? 1154 ARG A CA  1 
ATOM   625  C C   . ARG A 1 71  ? -14.358 -5.507  0.615   1.00 20.89  ? 1154 ARG A C   1 
ATOM   626  O O   . ARG A 1 71  ? -13.239 -5.043  0.852   1.00 22.63  ? 1154 ARG A O   1 
ATOM   627  C CB  . ARG A 1 71  ? -15.176 -7.853  1.095   1.00 24.74  ? 1154 ARG A CB  1 
ATOM   628  C CG  . ARG A 1 71  ? -14.341 -8.032  2.348   1.00 29.21  ? 1154 ARG A CG  1 
ATOM   629  C CD  . ARG A 1 71  ? -15.055 -8.911  3.368   1.00 44.74  ? 1154 ARG A CD  1 
ATOM   630  N NE  . ARG A 1 71  ? -14.466 -8.758  4.697   1.00 55.44  ? 1154 ARG A NE  1 
ATOM   631  C CZ  . ARG A 1 71  ? -13.416 -9.450  5.127   1.00 78.42  ? 1154 ARG A CZ  1 
ATOM   632  N NH1 . ARG A 1 71  ? -12.844 -10.345 4.332   1.00 64.61  ? 1154 ARG A NH1 1 
ATOM   633  N NH2 . ARG A 1 71  ? -12.936 -9.246  6.348   1.00 70.63  ? 1154 ARG A NH2 1 
ATOM   634  N N   . SER A 1 72  ? -15.482 -4.811  0.782   1.00 21.09  ? 1155 SER A N   1 
ATOM   635  C CA  . SER A 1 72  ? -15.432 -3.418  1.198   1.00 19.81  ? 1155 SER A CA  1 
ATOM   636  C C   . SER A 1 72  ? -15.174 -3.319  2.697   1.00 21.60  ? 1155 SER A C   1 
ATOM   637  O O   . SER A 1 72  ? -15.456 -4.245  3.465   1.00 22.48  ? 1155 SER A O   1 
ATOM   638  C CB  . SER A 1 72  ? -16.754 -2.728  0.860   1.00 23.51  ? 1155 SER A CB  1 
ATOM   639  O OG  . SER A 1 72  ? -16.927 -2.643  -0.540  1.00 26.82  ? 1155 SER A OG  1 
ATOM   640  N N   . TRP A 1 73  ? -14.621 -2.178  3.110   1.00 22.06  ? 1156 TRP A N   1 
ATOM   641  C CA  . TRP A 1 73  ? -14.401 -1.906  4.522   1.00 19.30  ? 1156 TRP A CA  1 
ATOM   642  C C   . TRP A 1 73  ? -15.648 -1.329  5.177   1.00 22.82  ? 1156 TRP A C   1 
ATOM   643  O O   . TRP A 1 73  ? -16.511 -0.728  4.524   1.00 23.00  ? 1156 TRP A O   1 
ATOM   644  C CB  . TRP A 1 73  ? -13.247 -0.920  4.728   1.00 22.48  ? 1156 TRP A CB  1 
ATOM   645  C CG  . TRP A 1 73  ? -13.192 0.244   3.767   1.00 20.87  ? 1156 TRP A CG  1 
ATOM   646  C CD1 . TRP A 1 73  ? -14.208 1.089   3.405   1.00 21.34  ? 1156 TRP A CD1 1 
ATOM   647  C CD2 . TRP A 1 73  ? -12.035 0.685   3.053   1.00 20.08  ? 1156 TRP A CD2 1 
ATOM   648  N NE1 . TRP A 1 73  ? -13.746 2.030   2.504   1.00 20.02  ? 1156 TRP A NE1 1 
ATOM   649  C CE2 . TRP A 1 73  ? -12.410 1.793   2.272   1.00 20.22  ? 1156 TRP A CE2 1 
ATOM   650  C CE3 . TRP A 1 73  ? -10.708 0.244   2.999   1.00 21.21  ? 1156 TRP A CE3 1 
ATOM   651  C CZ2 . TRP A 1 73  ? -11.502 2.464   1.441   1.00 22.44  ? 1156 TRP A CZ2 1 
ATOM   652  C CZ3 . TRP A 1 73  ? -9.813  0.909   2.176   1.00 21.42  ? 1156 TRP A CZ3 1 
ATOM   653  C CH2 . TRP A 1 73  ? -10.209 1.999   1.412   1.00 21.12  ? 1156 TRP A CH2 1 
ATOM   654  N N   . GLN A 1 74  ? -15.725 -1.528  6.489   1.00 26.18  ? 1157 GLN A N   1 
ATOM   655  C CA  . GLN A 1 74  ? -16.581 -0.761  7.375   1.00 29.45  ? 1157 GLN A CA  1 
ATOM   656  C C   . GLN A 1 74  ? -15.718 0.241   8.128   1.00 25.67  ? 1157 GLN A C   1 
ATOM   657  O O   . GLN A 1 74  ? -14.501 0.067   8.261   1.00 23.40  ? 1157 GLN A O   1 
ATOM   658  C CB  . GLN A 1 74  ? -17.271 -1.686  8.379   1.00 27.41  ? 1157 GLN A CB  1 
ATOM   659  C CG  . GLN A 1 74  ? -18.385 -2.530  7.793   1.00 33.66  ? 1157 GLN A CG  1 
ATOM   660  C CD  . GLN A 1 74  ? -19.668 -1.741  7.600   1.00 45.48  ? 1157 GLN A CD  1 
ATOM   661  O OE1 . GLN A 1 74  ? -19.783 -0.595  8.046   1.00 38.04  ? 1157 GLN A OE1 1 
ATOM   662  N NE2 . GLN A 1 74  ? -20.641 -2.351  6.935   1.00 27.72  ? 1157 GLN A NE2 1 
ATOM   663  N N   . ALA A 1 75  ? -16.353 1.305   8.619   1.00 27.11  ? 1158 ALA A N   1 
ATOM   664  C CA  . ALA A 1 75  ? -15.630 2.323   9.368   1.00 27.09  ? 1158 ALA A CA  1 
ATOM   665  C C   . ALA A 1 75  ? -14.897 1.678   10.531  1.00 24.48  ? 1158 ALA A C   1 
ATOM   666  O O   . ALA A 1 75  ? -15.446 0.823   11.232  1.00 27.29  ? 1158 ALA A O   1 
ATOM   667  C CB  . ALA A 1 75  ? -16.610 3.373   9.891   1.00 27.82  ? 1158 ALA A CB  1 
ATOM   668  N N   . GLY A 1 76  ? -13.616 2.028   10.680  1.00 24.25  ? 1159 GLY A N   1 
ATOM   669  C CA  . GLY A 1 76  ? -12.776 1.437   11.691  1.00 28.52  ? 1159 GLY A CA  1 
ATOM   670  C C   . GLY A 1 76  ? -11.972 0.241   11.237  1.00 26.23  ? 1159 GLY A C   1 
ATOM   671  O O   . GLY A 1 76  ? -11.115 -0.227  11.994  1.00 27.86  ? 1159 GLY A O   1 
ATOM   672  N N   . ASP A 1 77  ? -12.228 -0.285  10.040  1.00 22.68  ? 1160 ASP A N   1 
ATOM   673  C CA  . ASP A 1 77  ? -11.449 -1.417  9.563   1.00 22.36  ? 1160 ASP A CA  1 
ATOM   674  C C   . ASP A 1 77  ? -10.013 -0.987  9.265   1.00 20.39  ? 1160 ASP A C   1 
ATOM   675  O O   . ASP A 1 77  ? -9.723  0.184   8.989   1.00 22.55  ? 1160 ASP A O   1 
ATOM   676  C CB  . ASP A 1 77  ? -12.057 -2.007  8.293   1.00 21.34  ? 1160 ASP A CB  1 
ATOM   677  C CG  . ASP A 1 77  ? -13.293 -2.866  8.567   1.00 31.52  ? 1160 ASP A CG  1 
ATOM   678  O OD1 . ASP A 1 77  ? -13.619 -3.106  9.748   1.00 27.18  ? 1160 ASP A OD1 1 
ATOM   679  O OD2 . ASP A 1 77  ? -13.938 -3.302  7.591   1.00 28.36  ? 1160 ASP A OD2 1 
ATOM   680  N N   . VAL A 1 78  ? -9.108  -1.954  9.329   1.00 22.07  ? 1161 VAL A N   1 
ATOM   681  C CA  . VAL A 1 78  ? -7.694  -1.701  9.064   1.00 19.83  ? 1161 VAL A CA  1 
ATOM   682  C C   . VAL A 1 78  ? -7.263  -2.592  7.912   1.00 20.81  ? 1161 VAL A C   1 
ATOM   683  O O   . VAL A 1 78  ? -7.420  -3.820  7.969   1.00 20.97  ? 1161 VAL A O   1 
ATOM   684  C CB  . VAL A 1 78  ? -6.826  -1.937  10.309  1.00 22.69  ? 1161 VAL A CB  1 
ATOM   685  C CG1 . VAL A 1 78  ? -5.358  -1.739  9.959   1.00 23.62  ? 1161 VAL A CG1 1 
ATOM   686  C CG2 . VAL A 1 78  ? -7.234  -0.977  11.413  1.00 26.44  ? 1161 VAL A CG2 1 
ATOM   687  N N   . VAL A 1 79  ? -6.719  -1.976  6.871   1.00 18.29  ? 1162 VAL A N   1 
ATOM   688  C CA  . VAL A 1 79  ? -6.147  -2.701  5.745   1.00 18.45  ? 1162 VAL A CA  1 
ATOM   689  C C   . VAL A 1 79  ? -4.660  -2.903  6.014   1.00 21.31  ? 1162 VAL A C   1 
ATOM   690  O O   . VAL A 1 79  ? -3.947  -1.958  6.364   1.00 20.78  ? 1162 VAL A O   1 
ATOM   691  C CB  . VAL A 1 79  ? -6.352  -1.906  4.447   1.00 19.65  ? 1162 VAL A CB  1 
ATOM   692  C CG1 . VAL A 1 79  ? -5.700  -2.605  3.272   1.00 22.55  ? 1162 VAL A CG1 1 
ATOM   693  C CG2 . VAL A 1 79  ? -7.841  -1.673  4.191   1.00 21.32  ? 1162 VAL A CG2 1 
ATOM   694  N N   . GLY A 1 80  ? -4.181  -4.135  5.853   1.00 19.54  ? 1163 GLY A N   1 
ATOM   695  C CA  . GLY A 1 80  ? -2.749  -4.399  5.838   1.00 19.30  ? 1163 GLY A CA  1 
ATOM   696  C C   . GLY A 1 80  ? -2.278  -4.498  4.406   1.00 22.76  ? 1163 GLY A C   1 
ATOM   697  O O   . GLY A 1 80  ? -2.888  -5.187  3.584   1.00 21.77  ? 1163 GLY A O   1 
ATOM   698  N N   . CYS A 1 81  ? -1.198  -3.788  4.098   1.00 20.16  ? 1164 CYS A N   1 
ATOM   699  C CA  . CYS A 1 81  ? -0.665  -3.744  2.744   1.00 20.30  ? 1164 CYS A CA  1 
ATOM   700  C C   . CYS A 1 81  ? 0.712   -4.379  2.764   1.00 19.42  ? 1164 CYS A C   1 
ATOM   701  O O   . CYS A 1 81  ? 1.607   -3.906  3.481   1.00 19.50  ? 1164 CYS A O   1 
ATOM   702  C CB  . CYS A 1 81  ? -0.563  -2.304  2.261   1.00 19.78  ? 1164 CYS A CB  1 
ATOM   703  S SG  . CYS A 1 81  ? -2.112  -1.418  2.397   1.00 22.70  ? 1164 CYS A SG  1 
ATOM   704  N N   . MET A 1 82  ? 0.893   -5.418  1.956   1.00 19.59  ? 1165 MET A N   1 
ATOM   705  C CA  . MET A 1 82  ? 2.136   -6.180  1.903   1.00 18.60  ? 1165 MET A CA  1 
ATOM   706  C C   . MET A 1 82  ? 2.669   -6.177  0.482   1.00 20.50  ? 1165 MET A C   1 
ATOM   707  O O   . MET A 1 82  ? 1.913   -6.400  -0.469  1.00 23.95  ? 1165 MET A O   1 
ATOM   708  C CB  . MET A 1 82  ? 1.894   -7.633  2.322   1.00 23.26  ? 1165 MET A CB  1 
ATOM   709  C CG  . MET A 1 82  ? 1.993   -7.840  3.808   1.00 30.67  ? 1165 MET A CG  1 
ATOM   710  S SD  . MET A 1 82  ? 1.004   -9.212  4.377   1.00 42.96  ? 1165 MET A SD  1 
ATOM   711  C CE  . MET A 1 82  ? -0.596  -8.459  4.236   1.00 33.73  ? 1165 MET A CE  1 
ATOM   712  N N   . VAL A 1 83  ? 3.972   -5.955  0.338   1.00 19.86  ? 1166 VAL A N   1 
ATOM   713  C CA  . VAL A 1 83  ? 4.634   -6.104  -0.949  1.00 22.25  ? 1166 VAL A CA  1 
ATOM   714  C C   . VAL A 1 83  ? 5.874   -6.965  -0.756  1.00 19.76  ? 1166 VAL A C   1 
ATOM   715  O O   . VAL A 1 83  ? 6.624   -6.764  0.204   1.00 20.64  ? 1166 VAL A O   1 
ATOM   716  C CB  . VAL A 1 83  ? 4.973   -4.743  -1.602  1.00 19.84  ? 1166 VAL A CB  1 
ATOM   717  C CG1 . VAL A 1 83  ? 5.950   -3.919  -0.760  1.00 21.09  ? 1166 VAL A CG1 1 
ATOM   718  C CG2 . VAL A 1 83  ? 5.510   -4.956  -3.007  1.00 20.45  ? 1166 VAL A CG2 1 
ATOM   719  N N   . ASP A 1 84  ? 6.047   -7.960  -1.621  1.00 20.14  ? 1167 ASP A N   1 
ATOM   720  C CA  . ASP A 1 84  ? 7.276   -8.751  -1.685  1.00 19.99  ? 1167 ASP A CA  1 
ATOM   721  C C   . ASP A 1 84  ? 7.965   -8.338  -2.974  1.00 22.51  ? 1167 ASP A C   1 
ATOM   722  O O   . ASP A 1 84  ? 7.541   -8.732  -4.067  1.00 23.39  ? 1167 ASP A O   1 
ATOM   723  C CB  . ASP A 1 84  ? 6.965   -10.251 -1.678  1.00 23.83  ? 1167 ASP A CB  1 
ATOM   724  C CG  . ASP A 1 84  ? 8.218   -11.109 -1.584  1.00 25.81  ? 1167 ASP A CG  1 
ATOM   725  O OD1 . ASP A 1 84  ? 9.258   -10.673 -2.106  1.00 26.91  ? 1167 ASP A OD1 1 
ATOM   726  O OD2 . ASP A 1 84  ? 8.143   -12.206 -0.996  1.00 29.25  ? 1167 ASP A OD2 1 
ATOM   727  N N   . MET A 1 85  ? 9.035   -7.550  -2.845  1.00 22.53  ? 1168 MET A N   1 
ATOM   728  C CA  . MET A 1 85  ? 9.698   -6.976  -4.008  1.00 24.93  ? 1168 MET A CA  1 
ATOM   729  C C   . MET A 1 85  ? 10.601  -7.971  -4.714  1.00 24.98  ? 1168 MET A C   1 
ATOM   730  O O   . MET A 1 85  ? 11.096  -7.669  -5.806  1.00 28.82  ? 1168 MET A O   1 
ATOM   731  C CB  . MET A 1 85  ? 10.551  -5.773  -3.591  1.00 27.78  ? 1168 MET A CB  1 
ATOM   732  C CG  . MET A 1 85  ? 9.770   -4.582  -3.037  1.00 28.98  ? 1168 MET A CG  1 
ATOM   733  S SD  . MET A 1 85  ? 8.624   -3.901  -4.259  1.00 29.88  ? 1168 MET A SD  1 
ATOM   734  C CE  . MET A 1 85  ? 9.801   -3.295  -5.485  1.00 31.65  ? 1168 MET A CE  1 
ATOM   735  N N   . ASN A 1 86  ? 10.840  -9.131  -4.111  1.00 22.16  ? 1169 ASN A N   1 
ATOM   736  C CA  . ASN A 1 86  ? 11.638  -10.174 -4.731  1.00 28.22  ? 1169 ASN A CA  1 
ATOM   737  C C   . ASN A 1 86  ? 10.778  -11.171 -5.494  1.00 31.96  ? 1169 ASN A C   1 
ATOM   738  O O   . ASN A 1 86  ? 11.105  -11.519 -6.632  1.00 29.21  ? 1169 ASN A O   1 
ATOM   739  C CB  . ASN A 1 86  ? 12.479  -10.863 -3.662  1.00 28.18  ? 1169 ASN A CB  1 
ATOM   740  C CG  . ASN A 1 86  ? 13.501  -9.921  -3.060  1.00 33.38  ? 1169 ASN A CG  1 
ATOM   741  O OD1 . ASN A 1 86  ? 13.211  -9.178  -2.123  1.00 35.61  ? 1169 ASN A OD1 1 
ATOM   742  N ND2 . ASN A 1 86  ? 14.696  -9.916  -3.628  1.00 35.31  ? 1169 ASN A ND2 1 
ATOM   743  N N   . GLU A 1 87  ? 9.671   -11.612 -4.899  1.00 26.11  ? 1170 GLU A N   1 
ATOM   744  C CA  . GLU A 1 87  ? 8.706   -12.447 -5.605  1.00 26.93  ? 1170 GLU A CA  1 
ATOM   745  C C   . GLU A 1 87  ? 7.799   -11.649 -6.538  1.00 25.81  ? 1170 GLU A C   1 
ATOM   746  O O   . GLU A 1 87  ? 7.131   -12.249 -7.390  1.00 29.23  ? 1170 GLU A O   1 
ATOM   747  C CB  . GLU A 1 87  ? 7.858   -13.236 -4.604  1.00 32.93  ? 1170 GLU A CB  1 
ATOM   748  C CG  . GLU A 1 87  ? 8.638   -14.290 -3.848  1.00 46.64  ? 1170 GLU A CG  1 
ATOM   749  C CD  . GLU A 1 87  ? 9.255   -15.320 -4.772  1.00 68.28  ? 1170 GLU A CD  1 
ATOM   750  O OE1 . GLU A 1 87  ? 8.600   -15.695 -5.768  1.00 88.58  ? 1170 GLU A OE1 1 
ATOM   751  O OE2 . GLU A 1 87  ? 10.398  -15.749 -4.507  1.00 71.22  ? 1170 GLU A OE2 1 
ATOM   752  N N   . HIS A 1 88  ? 7.795   -10.322 -6.416  1.00 23.43  ? 1171 HIS A N   1 
ATOM   753  C CA  . HIS A 1 88  ? 6.949   -9.422  -7.196  1.00 22.95  ? 1171 HIS A CA  1 
ATOM   754  C C   . HIS A 1 88  ? 5.470   -9.728  -6.967  1.00 24.24  ? 1171 HIS A C   1 
ATOM   755  O O   . HIS A 1 88  ? 4.721   -10.017 -7.893  1.00 25.58  ? 1171 HIS A O   1 
ATOM   756  C CB  . HIS A 1 88  ? 7.286   -9.422  -8.694  1.00 26.00  ? 1171 HIS A CB  1 
ATOM   757  C CG  . HIS A 1 88  ? 8.751   -9.324  -8.990  1.00 30.78  ? 1171 HIS A CG  1 
ATOM   758  N ND1 . HIS A 1 88  ? 9.376   -10.124 -9.922  1.00 66.27  ? 1171 HIS A ND1 1 
ATOM   759  C CD2 . HIS A 1 88  ? 9.712   -8.518  -8.482  1.00 33.50  ? 1171 HIS A CD2 1 
ATOM   760  C CE1 . HIS A 1 88  ? 10.661  -9.819  -9.972  1.00 38.98  ? 1171 HIS A CE1 1 
ATOM   761  N NE2 . HIS A 1 88  ? 10.890  -8.847  -9.109  1.00 33.18  ? 1171 HIS A NE2 1 
ATOM   762  N N   . THR A 1 89  ? 5.066   -9.677  -5.700  1.00 22.68  ? 1172 THR A N   1 
ATOM   763  C CA  . THR A 1 89  ? 3.672   -9.874  -5.335  1.00 20.17  ? 1172 THR A CA  1 
ATOM   764  C C   . THR A 1 89  ? 3.258   -8.803  -4.343  1.00 21.02  ? 1172 THR A C   1 
ATOM   765  O O   . THR A 1 89  ? 4.091   -8.210  -3.643  1.00 20.86  ? 1172 THR A O   1 
ATOM   766  C CB  . THR A 1 89  ? 3.410   -11.252 -4.718  1.00 24.70  ? 1172 THR A CB  1 
ATOM   767  O OG1 . THR A 1 89  ? 4.171   -11.393 -3.509  1.00 27.12  ? 1172 THR A OG1 1 
ATOM   768  C CG2 . THR A 1 89  ? 3.784   -12.369 -5.690  1.00 24.71  ? 1172 THR A CG2 1 
ATOM   769  N N   . MET A 1 90  ? 1.951   -8.552  -4.324  1.00 20.19  ? 1173 MET A N   1 
ATOM   770  C CA  . MET A 1 90  ? 1.305   -7.713  -3.330  1.00 20.10  ? 1173 MET A CA  1 
ATOM   771  C C   . MET A 1 90  ? 0.094   -8.458  -2.801  1.00 19.32  ? 1173 MET A C   1 
ATOM   772  O O   . MET A 1 90  ? -0.598  -9.155  -3.558  1.00 20.98  ? 1173 MET A O   1 
ATOM   773  C CB  . MET A 1 90  ? 0.863   -6.389  -3.929  1.00 21.33  ? 1173 MET A CB  1 
ATOM   774  C CG  . MET A 1 90  ? 2.013   -5.460  -4.241  1.00 21.90  ? 1173 MET A CG  1 
ATOM   775  S SD  . MET A 1 90  ? 1.492   -4.170  -5.358  1.00 24.63  ? 1173 MET A SD  1 
ATOM   776  C CE  . MET A 1 90  ? 3.043   -3.323  -5.638  1.00 22.19  ? 1173 MET A CE  1 
ATOM   777  N N   . MET A 1 91  ? -0.130  -8.322  -1.494  1.00 19.11  ? 1174 MET A N   1 
ATOM   778  C CA  . MET A 1 91  ? -1.283  -8.869  -0.805  1.00 20.42  ? 1174 MET A CA  1 
ATOM   779  C C   . MET A 1 91  ? -1.877  -7.782  0.073   1.00 20.91  ? 1174 MET A C   1 
ATOM   780  O O   . MET A 1 91  ? -1.209  -6.811  0.450   1.00 19.54  ? 1174 MET A O   1 
ATOM   781  C CB  . MET A 1 91  ? -0.906  -10.050 0.090   1.00 25.18  ? 1174 MET A CB  1 
ATOM   782  C CG  . MET A 1 91  ? -0.238  -11.191 -0.635  1.00 31.60  ? 1174 MET A CG  1 
ATOM   783  S SD  . MET A 1 91  ? 0.002   -12.606 0.458   1.00 33.15  ? 1174 MET A SD  1 
ATOM   784  C CE  . MET A 1 91  ? 1.141   -11.919 1.658   1.00 40.40  ? 1174 MET A CE  1 
ATOM   785  N N   . PHE A 1 92  ? -3.150  -7.945  0.379   1.00 19.24  ? 1175 PHE A N   1 
ATOM   786  C CA  . PHE A 1 92  ? -3.848  -7.076  1.309   1.00 18.15  ? 1175 PHE A CA  1 
ATOM   787  C C   . PHE A 1 92  ? -4.632  -7.930  2.288   1.00 19.60  ? 1175 PHE A C   1 
ATOM   788  O O   . PHE A 1 92  ? -5.176  -8.983  1.925   1.00 21.37  ? 1175 PHE A O   1 
ATOM   789  C CB  . PHE A 1 92  ? -4.844  -6.119  0.599   1.00 19.21  ? 1175 PHE A CB  1 
ATOM   790  C CG  . PHE A 1 92  ? -4.185  -5.128  -0.334  1.00 19.15  ? 1175 PHE A CG  1 
ATOM   791  C CD1 . PHE A 1 92  ? -3.976  -5.445  -1.666  1.00 21.73  ? 1175 PHE A CD1 1 
ATOM   792  C CD2 . PHE A 1 92  ? -3.781  -3.880  0.124   1.00 18.42  ? 1175 PHE A CD2 1 
ATOM   793  C CE1 . PHE A 1 92  ? -3.360  -4.536  -2.529  1.00 24.46  ? 1175 PHE A CE1 1 
ATOM   794  C CE2 . PHE A 1 92  ? -3.174  -2.965  -0.740  1.00 18.42  ? 1175 PHE A CE2 1 
ATOM   795  C CZ  . PHE A 1 92  ? -2.965  -3.295  -2.062  1.00 19.41  ? 1175 PHE A CZ  1 
ATOM   796  N N   . THR A 1 93  ? -4.704  -7.447  3.523   1.00 19.30  ? 1176 THR A N   1 
ATOM   797  C CA  . THR A 1 93  ? -5.584  -7.991  4.535   1.00 19.20  ? 1176 THR A CA  1 
ATOM   798  C C   . THR A 1 93  ? -6.587  -6.927  4.951   1.00 21.42  ? 1176 THR A C   1 
ATOM   799  O O   . THR A 1 93  ? -6.327  -5.722  4.863   1.00 20.58  ? 1176 THR A O   1 
ATOM   800  C CB  . THR A 1 93  ? -4.816  -8.442  5.767   1.00 20.49  ? 1176 THR A CB  1 
ATOM   801  O OG1 . THR A 1 93  ? -4.054  -7.336  6.268   1.00 22.54  ? 1176 THR A OG1 1 
ATOM   802  C CG2 . THR A 1 93  ? -3.878  -9.573  5.417   1.00 22.62  ? 1176 THR A CG2 1 
ATOM   803  N N   . LEU A 1 94  ? -7.746  -7.388  5.400   1.00 20.51  ? 1177 LEU A N   1 
ATOM   804  C CA  . LEU A 1 94  ? -8.762  -6.541  5.995   1.00 20.23  ? 1177 LEU A CA  1 
ATOM   805  C C   . LEU A 1 94  ? -9.007  -7.116  7.376   1.00 22.51  ? 1177 LEU A C   1 
ATOM   806  O O   . LEU A 1 94  ? -9.406  -8.280  7.503   1.00 26.18  ? 1177 LEU A O   1 
ATOM   807  C CB  . LEU A 1 94  ? -10.039 -6.570  5.162   1.00 20.92  ? 1177 LEU A CB  1 
ATOM   808  C CG  . LEU A 1 94  ? -11.085 -5.559  5.595   1.00 22.05  ? 1177 LEU A CG  1 
ATOM   809  C CD1 . LEU A 1 94  ? -10.603 -4.127  5.434   1.00 24.23  ? 1177 LEU A CD1 1 
ATOM   810  C CD2 . LEU A 1 94  ? -12.350 -5.803  4.784   1.00 25.42  ? 1177 LEU A CD2 1 
ATOM   811  N N   . ASN A 1 95  ? -8.712  -6.320  8.401   1.00 21.24  ? 1178 ASN A N   1 
ATOM   812  C CA  . ASN A 1 95  ? -8.717  -6.801  9.782   1.00 22.82  ? 1178 ASN A CA  1 
ATOM   813  C C   . ASN A 1 95  ? -8.013  -8.149  9.911   1.00 24.89  ? 1178 ASN A C   1 
ATOM   814  O O   . ASN A 1 95  ? -8.508  -9.074  10.559  1.00 29.96  ? 1178 ASN A O   1 
ATOM   815  C CB  . ASN A 1 95  ? -10.137 -6.865  10.339  1.00 24.25  ? 1178 ASN A CB  1 
ATOM   816  C CG  . ASN A 1 95  ? -10.799 -5.513  10.373  1.00 25.65  ? 1178 ASN A CG  1 
ATOM   817  O OD1 . ASN A 1 95  ? -10.136 -4.480  10.426  1.00 26.82  ? 1178 ASN A OD1 1 
ATOM   818  N ND2 . ASN A 1 95  ? -12.124 -5.508  10.341  1.00 28.13  ? 1178 ASN A ND2 1 
ATOM   819  N N   . GLY A 1 96  ? -6.856  -8.279  9.257   1.00 23.53  ? 1179 GLY A N   1 
ATOM   820  C CA  . GLY A 1 96  ? -6.030  -9.451  9.419   1.00 27.21  ? 1179 GLY A CA  1 
ATOM   821  C C   . GLY A 1 96  ? -6.327  -10.603 8.483   1.00 31.50  ? 1179 GLY A C   1 
ATOM   822  O O   . GLY A 1 96  ? -5.527  -11.547 8.420   1.00 29.73  ? 1179 GLY A O   1 
ATOM   823  N N   . GLU A 1 97  ? -7.435  -10.561 7.750   1.00 27.71  ? 1180 GLU A N   1 
ATOM   824  C CA  . GLU A 1 97  ? -7.832  -11.660 6.879   1.00 27.08  ? 1180 GLU A CA  1 
ATOM   825  C C   . GLU A 1 97  ? -7.365  -11.383 5.456   1.00 25.34  ? 1180 GLU A C   1 
ATOM   826  O O   . GLU A 1 97  ? -7.625  -10.306 4.915   1.00 22.91  ? 1180 GLU A O   1 
ATOM   827  C CB  . GLU A 1 97  ? -9.350  -11.826 6.890   1.00 28.73  ? 1180 GLU A CB  1 
ATOM   828  C CG  . GLU A 1 97  ? -9.855  -12.833 5.870   1.00 47.38  ? 1180 GLU A CG  1 
ATOM   829  C CD  . GLU A 1 97  ? -11.342 -12.703 5.611   1.00 79.41  ? 1180 GLU A CD  1 
ATOM   830  O OE1 . GLU A 1 97  ? -12.017 -11.977 6.373   1.00 74.10  ? 1180 GLU A OE1 1 
ATOM   831  O OE2 . GLU A 1 97  ? -11.838 -13.322 4.644   1.00 84.91  ? 1180 GLU A OE2 1 
ATOM   832  N N   . ILE A 1 98  ? -6.691  -12.358 4.851   1.00 26.89  ? 1181 ILE A N   1 
ATOM   833  C CA  . ILE A 1 98  ? -6.149  -12.167 3.511   1.00 25.76  ? 1181 ILE A CA  1 
ATOM   834  C C   . ILE A 1 98  ? -7.293  -12.070 2.515   1.00 23.93  ? 1181 ILE A C   1 
ATOM   835  O O   . ILE A 1 98  ? -8.207  -12.909 2.505   1.00 27.63  ? 1181 ILE A O   1 
ATOM   836  C CB  . ILE A 1 98  ? -5.199  -13.315 3.157   1.00 26.52  ? 1181 ILE A CB  1 
ATOM   837  C CG1 . ILE A 1 98  ? -4.000  -13.273 4.110   1.00 34.85  ? 1181 ILE A CG1 1 
ATOM   838  C CG2 . ILE A 1 98  ? -4.720  -13.184 1.728   1.00 28.03  ? 1181 ILE A CG2 1 
ATOM   839  C CD1 . ILE A 1 98  ? -3.010  -14.400 3.923   1.00 40.66  ? 1181 ILE A CD1 1 
ATOM   840  N N   . LEU A 1 99  ? -7.264  -11.032 1.687   1.00 21.05  ? 1182 LEU A N   1 
ATOM   841  C CA  . LEU A 1 99  ? -8.279  -10.851 0.657   1.00 20.91  ? 1182 LEU A CA  1 
ATOM   842  C C   . LEU A 1 99  ? -7.916  -11.632 -0.601  1.00 19.89  ? 1182 LEU A C   1 
ATOM   843  O O   . LEU A 1 99  ? -6.744  -11.864 -0.906  1.00 20.79  ? 1182 LEU A O   1 
ATOM   844  C CB  . LEU A 1 99  ? -8.439  -9.372  0.314   1.00 19.83  ? 1182 LEU A CB  1 
ATOM   845  C CG  . LEU A 1 99  ? -8.864  -8.499  1.490   1.00 22.13  ? 1182 LEU A CG  1 
ATOM   846  C CD1 . LEU A 1 99  ? -8.803  -7.036  1.104   1.00 22.64  ? 1182 LEU A CD1 1 
ATOM   847  C CD2 . LEU A 1 99  ? -10.269 -8.900  1.965   1.00 23.47  ? 1182 LEU A CD2 1 
ATOM   848  N N   . LEU A 1 100 ? -8.943  -12.064 -1.326  1.00 21.06  ? 1183 LEU A N   1 
ATOM   849  C CA  . LEU A 1 100 ? -8.736  -12.927 -2.477  1.00 19.38  ? 1183 LEU A CA  1 
ATOM   850  C C   . LEU A 1 100 ? -9.411  -12.339 -3.703  1.00 20.55  ? 1183 LEU A C   1 
ATOM   851  O O   . LEU A 1 100 ? -10.423 -11.640 -3.599  1.00 20.76  ? 1183 LEU A O   1 
ATOM   852  C CB  . LEU A 1 100 ? -9.339  -14.316 -2.267  1.00 21.68  ? 1183 LEU A CB  1 
ATOM   853  C CG  . LEU A 1 100 ? -8.962  -15.066 -0.999  1.00 23.67  ? 1183 LEU A CG  1 
ATOM   854  C CD1 . LEU A 1 100 ? -9.733  -16.388 -0.926  1.00 26.61  ? 1183 LEU A CD1 1 
ATOM   855  C CD2 . LEU A 1 100 ? -7.445  -15.306 -0.956  1.00 23.87  ? 1183 LEU A CD2 1 
ATOM   856  N N   . ASP A 1 101 ? -8.844  -12.634 -4.868  1.00 21.31  ? 1184 ASP A N   1 
ATOM   857  C CA  . ASP A 1 101 ? -9.524  -12.294 -6.103  1.00 22.49  ? 1184 ASP A CA  1 
ATOM   858  C C   . ASP A 1 101 ? -10.528 -13.389 -6.456  1.00 21.34  ? 1184 ASP A C   1 
ATOM   859  O O   . ASP A 1 101 ? -10.685 -14.384 -5.741  1.00 21.62  ? 1184 ASP A O   1 
ATOM   860  C CB  . ASP A 1 101 ? -8.531  -11.945 -7.218  1.00 22.39  ? 1184 ASP A CB  1 
ATOM   861  C CG  . ASP A 1 101 ? -7.737  -13.141 -7.730  1.00 25.54  ? 1184 ASP A CG  1 
ATOM   862  O OD1 . ASP A 1 101 ? -8.154  -14.296 -7.523  1.00 22.72  ? 1184 ASP A OD1 1 
ATOM   863  O OD2 . ASP A 1 101 ? -6.683  -12.909 -8.369  1.00 26.44  ? 1184 ASP A OD2 1 
ATOM   864  N N   . ASP A 1 102 ? -11.206 -13.222 -7.588  1.00 20.80  ? 1185 ASP A N   1 
ATOM   865  C CA  . ASP A 1 102 ? -12.264 -14.159 -7.933  1.00 22.14  ? 1185 ASP A CA  1 
ATOM   866  C C   . ASP A 1 102 ? -11.743 -15.532 -8.334  1.00 22.12  ? 1185 ASP A C   1 
ATOM   867  O O   . ASP A 1 102 ? -12.531 -16.484 -8.385  1.00 25.49  ? 1185 ASP A O   1 
ATOM   868  C CB  . ASP A 1 102 ? -13.107 -13.573 -9.051  1.00 22.96  ? 1185 ASP A CB  1 
ATOM   869  C CG  . ASP A 1 102 ? -14.031 -12.495 -8.564  1.00 25.59  ? 1185 ASP A CG  1 
ATOM   870  O OD1 . ASP A 1 102 ? -14.209 -12.379 -7.333  1.00 26.71  ? 1185 ASP A OD1 1 
ATOM   871  O OD2 . ASP A 1 102 ? -14.554 -11.770 -9.422  1.00 27.34  ? 1185 ASP A OD2 1 
ATOM   872  N N   . SER A 1 103 ? -10.453 -15.663 -8.627  1.00 21.33  ? 1186 SER A N   1 
ATOM   873  C CA  . SER A 1 103 ? -9.886  -16.976 -8.878  1.00 23.57  ? 1186 SER A CA  1 
ATOM   874  C C   . SER A 1 103 ? -9.487  -17.681 -7.592  1.00 21.26  ? 1186 SER A C   1 
ATOM   875  O O   . SER A 1 103 ? -9.011  -18.821 -7.653  1.00 26.36  ? 1186 SER A O   1 
ATOM   876  C CB  . SER A 1 103 ? -8.675  -16.862 -9.807  1.00 25.86  ? 1186 SER A CB  1 
ATOM   877  O OG  . SER A 1 103 ? -7.553  -16.386 -9.090  1.00 31.33  ? 1186 SER A OG  1 
ATOM   878  N N   . GLY A 1 104 ? -9.693  -17.044 -6.442  1.00 21.44  ? 1187 GLY A N   1 
ATOM   879  C CA  . GLY A 1 104 ? -9.266  -17.584 -5.171  1.00 24.37  ? 1187 GLY A CA  1 
ATOM   880  C C   . GLY A 1 104 ? -7.826  -17.299 -4.803  1.00 24.82  ? 1187 GLY A C   1 
ATOM   881  O O   . GLY A 1 104 ? -7.324  -17.885 -3.837  1.00 27.14  ? 1187 GLY A O   1 
ATOM   882  N N   . SER A 1 105 ? -7.152  -16.416 -5.529  1.00 21.33  ? 1188 SER A N   1 
ATOM   883  C CA  . SER A 1 105 ? -5.740  -16.158 -5.299  1.00 21.43  ? 1188 SER A CA  1 
ATOM   884  C C   . SER A 1 105 ? -5.576  -15.041 -4.288  1.00 24.43  ? 1188 SER A C   1 
ATOM   885  O O   . SER A 1 105 ? -6.326  -14.058 -4.292  1.00 21.72  ? 1188 SER A O   1 
ATOM   886  C CB  . SER A 1 105 ? -5.077  -15.733 -6.599  1.00 20.80  ? 1188 SER A CB  1 
ATOM   887  O OG  . SER A 1 105 ? -3.721  -15.395 -6.333  1.00 22.13  ? 1188 SER A OG  1 
ATOM   888  N N   . GLU A 1 106 ? -4.567  -15.180 -3.442  1.00 25.11  ? 1189 GLU A N   1 
ATOM   889  C CA  . GLU A 1 106 ? -4.212  -14.145 -2.485  1.00 26.16  ? 1189 GLU A CA  1 
ATOM   890  C C   . GLU A 1 106 ? -3.268  -13.111 -3.078  1.00 23.53  ? 1189 GLU A C   1 
ATOM   891  O O   . GLU A 1 106 ? -2.920  -12.137 -2.396  1.00 23.11  ? 1189 GLU A O   1 
ATOM   892  C CB  . GLU A 1 106 ? -3.602  -14.792 -1.236  1.00 24.20  ? 1189 GLU A CB  1 
ATOM   893  C CG  . GLU A 1 106 ? -2.121  -15.110 -1.336  1.00 28.56  ? 1189 GLU A CG  1 
ATOM   894  C CD  . GLU A 1 106 ? -1.827  -16.387 -2.090  1.00 39.05  ? 1189 GLU A CD  1 
ATOM   895  O OE1 . GLU A 1 106 ? -2.731  -16.912 -2.775  1.00 39.02  ? 1189 GLU A OE1 1 
ATOM   896  O OE2 . GLU A 1 106 ? -0.674  -16.866 -2.006  1.00 33.42  ? 1189 GLU A OE2 1 
ATOM   897  N N   . LEU A 1 107 ? -2.859  -13.279 -4.332  1.00 19.82  ? 1190 LEU A N   1 
ATOM   898  C CA  . LEU A 1 107 ? -1.926  -12.341 -4.945  1.00 21.42  ? 1190 LEU A CA  1 
ATOM   899  C C   . LEU A 1 107 ? -2.763  -11.238 -5.569  1.00 24.77  ? 1190 LEU A C   1 
ATOM   900  O O   . LEU A 1 107 ? -3.344  -11.414 -6.648  1.00 25.55  ? 1190 LEU A O   1 
ATOM   901  C CB  . LEU A 1 107 ? -1.052  -13.051 -5.971  1.00 22.73  ? 1190 LEU A CB  1 
ATOM   902  C CG  . LEU A 1 107 ? -0.311  -14.270 -5.415  1.00 24.23  ? 1190 LEU A CG  1 
ATOM   903  C CD1 . LEU A 1 107 ? 0.561   -14.931 -6.484  1.00 25.63  ? 1190 LEU A CD1 1 
ATOM   904  C CD2 . LEU A 1 107 ? 0.522   -13.890 -4.186  1.00 25.31  ? 1190 LEU A CD2 1 
ATOM   905  N N   . ALA A 1 108 ? -2.868  -10.107 -4.864  1.00 20.86  ? 1191 ALA A N   1 
ATOM   906  C CA  . ALA A 1 108 ? -3.611  -8.985  -5.415  1.00 20.64  ? 1191 ALA A CA  1 
ATOM   907  C C   . ALA A 1 108 ? -2.992  -8.536  -6.727  1.00 21.93  ? 1191 ALA A C   1 
ATOM   908  O O   . ALA A 1 108 ? -3.704  -8.294  -7.712  1.00 22.02  ? 1191 ALA A O   1 
ATOM   909  C CB  . ALA A 1 108 ? -3.667  -7.838  -4.403  1.00 21.20  ? 1191 ALA A CB  1 
ATOM   910  N N   . PHE A 1 109 ? -1.669  -8.419  -6.752  1.00 20.33  ? 1192 PHE A N   1 
ATOM   911  C CA  . PHE A 1 109 ? -0.926  -8.125  -7.964  1.00 21.85  ? 1192 PHE A CA  1 
ATOM   912  C C   . PHE A 1 109 ? 0.302   -9.007  -7.973  1.00 23.10  ? 1192 PHE A C   1 
ATOM   913  O O   . PHE A 1 109 ? 0.781   -9.427  -6.917  1.00 21.10  ? 1192 PHE A O   1 
ATOM   914  C CB  . PHE A 1 109 ? -0.488  -6.664  -8.009  1.00 20.98  ? 1192 PHE A CB  1 
ATOM   915  C CG  . PHE A 1 109 ? -1.622  -5.693  -7.828  1.00 20.58  ? 1192 PHE A CG  1 
ATOM   916  C CD1 . PHE A 1 109 ? -1.851  -5.086  -6.595  1.00 21.95  ? 1192 PHE A CD1 1 
ATOM   917  C CD2 . PHE A 1 109 ? -2.469  -5.402  -8.886  1.00 23.25  ? 1192 PHE A CD2 1 
ATOM   918  C CE1 . PHE A 1 109 ? -2.913  -4.191  -6.428  1.00 24.28  ? 1192 PHE A CE1 1 
ATOM   919  C CE2 . PHE A 1 109 ? -3.527  -4.505  -8.731  1.00 24.30  ? 1192 PHE A CE2 1 
ATOM   920  C CZ  . PHE A 1 109 ? -3.744  -3.898  -7.501  1.00 23.59  ? 1192 PHE A CZ  1 
ATOM   921  N N   . LYS A 1 110 ? 0.792   -9.300  -9.173  1.00 22.81  ? 1193 LYS A N   1 
ATOM   922  C CA  . LYS A 1 110 ? 1.960   -10.161 -9.312  1.00 22.21  ? 1193 LYS A CA  1 
ATOM   923  C C   . LYS A 1 110 ? 2.651   -9.845  -10.624 1.00 27.20  ? 1193 LYS A C   1 
ATOM   924  O O   . LYS A 1 110 ? 2.079   -9.207  -11.515 1.00 28.25  ? 1193 LYS A O   1 
ATOM   925  C CB  . LYS A 1 110 ? 1.574   -11.641 -9.268  1.00 25.24  ? 1193 LYS A CB  1 
ATOM   926  C CG  . LYS A 1 110 ? 0.728   -12.066 -10.458 1.00 29.81  ? 1193 LYS A CG  1 
ATOM   927  C CD  . LYS A 1 110 ? 0.131   -13.444 -10.254 1.00 36.19  ? 1193 LYS A CD  1 
ATOM   928  C CE  . LYS A 1 110 ? -0.875  -13.750 -11.346 1.00 53.29  ? 1193 LYS A CE  1 
ATOM   929  N NZ  . LYS A 1 110 ? -1.378  -15.147 -11.266 1.00 84.42  ? 1193 LYS A NZ  1 
ATOM   930  N N   . ASP A 1 111 ? 3.899   -10.302 -10.721 1.00 27.99  ? 1194 ASP A N   1 
ATOM   931  C CA  . ASP A 1 111 ? 4.684   -10.230 -11.954 1.00 34.74  ? 1194 ASP A CA  1 
ATOM   932  C C   . ASP A 1 111 ? 4.952   -8.793  -12.394 1.00 32.44  ? 1194 ASP A C   1 
ATOM   933  O O   . ASP A 1 111 ? 5.159   -8.528  -13.580 1.00 37.97  ? 1194 ASP A O   1 
ATOM   934  C CB  . ASP A 1 111 ? 4.044   -11.042 -13.084 1.00 37.16  ? 1194 ASP A CB  1 
ATOM   935  C CG  . ASP A 1 111 ? 3.894   -12.510 -12.736 1.00 47.81  ? 1194 ASP A CG  1 
ATOM   936  O OD1 . ASP A 1 111 ? 4.827   -13.079 -12.129 1.00 55.50  ? 1194 ASP A OD1 1 
ATOM   937  O OD2 . ASP A 1 111 ? 2.843   -13.095 -13.070 1.00 70.25  ? 1194 ASP A OD2 1 
ATOM   938  N N   . PHE A 1 112 ? 4.949   -7.848  -11.457 1.00 26.38  ? 1195 PHE A N   1 
ATOM   939  C CA  . PHE A 1 112 ? 5.207   -6.467  -11.822 1.00 25.83  ? 1195 PHE A CA  1 
ATOM   940  C C   . PHE A 1 112 ? 6.706   -6.200  -11.883 1.00 27.05  ? 1195 PHE A C   1 
ATOM   941  O O   . PHE A 1 112 ? 7.519   -6.932  -11.317 1.00 28.02  ? 1195 PHE A O   1 
ATOM   942  C CB  . PHE A 1 112 ? 4.524   -5.491  -10.857 1.00 27.59  ? 1195 PHE A CB  1 
ATOM   943  C CG  . PHE A 1 112 ? 4.689   -5.852  -9.411  1.00 27.01  ? 1195 PHE A CG  1 
ATOM   944  C CD1 . PHE A 1 112 ? 3.659   -6.465  -8.711  1.00 29.81  ? 1195 PHE A CD1 1 
ATOM   945  C CD2 . PHE A 1 112 ? 5.864   -5.561  -8.744  1.00 24.77  ? 1195 PHE A CD2 1 
ATOM   946  C CE1 . PHE A 1 112 ? 3.812   -6.802  -7.375  1.00 30.29  ? 1195 PHE A CE1 1 
ATOM   947  C CE2 . PHE A 1 112 ? 6.029   -5.896  -7.401  1.00 29.93  ? 1195 PHE A CE2 1 
ATOM   948  C CZ  . PHE A 1 112 ? 4.993   -6.507  -6.715  1.00 26.54  ? 1195 PHE A CZ  1 
ATOM   949  N N   . ASP A 1 113 ? 7.052   -5.137  -12.598 1.00 31.15  ? 1196 ASP A N   1 
ATOM   950  C CA  . ASP A 1 113 ? 8.422   -4.672  -12.698 1.00 33.53  ? 1196 ASP A CA  1 
ATOM   951  C C   . ASP A 1 113 ? 8.765   -3.862  -11.452 1.00 31.67  ? 1196 ASP A C   1 
ATOM   952  O O   . ASP A 1 113 ? 7.958   -3.053  -10.983 1.00 35.65  ? 1196 ASP A O   1 
ATOM   953  C CB  . ASP A 1 113 ? 8.536   -3.779  -13.934 1.00 45.96  ? 1196 ASP A CB  1 
ATOM   954  C CG  . ASP A 1 113 ? 9.966   -3.444  -14.298 1.00 62.43  ? 1196 ASP A CG  1 
ATOM   955  O OD1 . ASP A 1 113 ? 10.877  -3.681  -13.476 1.00 84.70  ? 1196 ASP A OD1 1 
ATOM   956  O OD2 . ASP A 1 113 ? 10.177  -2.936  -15.419 1.00 97.34  ? 1196 ASP A OD2 1 
ATOM   957  N N   . VAL A 1 114 ? 9.965   -4.101  -10.920 1.00 37.63  ? 1197 VAL A N   1 
ATOM   958  C CA  . VAL A 1 114 ? 10.446  -3.363  -9.752  1.00 39.75  ? 1197 VAL A CA  1 
ATOM   959  C C   . VAL A 1 114 ? 10.603  -1.884  -10.086 1.00 32.92  ? 1197 VAL A C   1 
ATOM   960  O O   . VAL A 1 114 ? 10.199  -1.003  -9.313  1.00 30.08  ? 1197 VAL A O   1 
ATOM   961  C CB  . VAL A 1 114 ? 11.766  -3.977  -9.250  1.00 50.76  ? 1197 VAL A CB  1 
ATOM   962  C CG1 . VAL A 1 114 ? 12.586  -2.947  -8.481  1.00 56.03  ? 1197 VAL A CG1 1 
ATOM   963  C CG2 . VAL A 1 114 ? 11.495  -5.206  -8.399  1.00 56.74  ? 1197 VAL A CG2 1 
ATOM   964  N N   . GLY A 1 115 ? 11.191  -1.590  -11.243 1.00 35.73  ? 1198 GLY A N   1 
ATOM   965  C CA  . GLY A 1 115 ? 11.444  -0.207  -11.601 1.00 34.07  ? 1198 GLY A CA  1 
ATOM   966  C C   . GLY A 1 115 ? 12.257  0.497   -10.539 1.00 32.02  ? 1198 GLY A C   1 
ATOM   967  O O   . GLY A 1 115 ? 13.193  -0.067  -9.962  1.00 35.98  ? 1198 GLY A O   1 
ATOM   968  N N   . ASP A 1 116 ? 11.881  1.742   -10.254 1.00 33.82  ? 1199 ASP A N   1 
ATOM   969  C CA  . ASP A 1 116 ? 12.527  2.522   -9.209  1.00 41.43  ? 1199 ASP A CA  1 
ATOM   970  C C   . ASP A 1 116 ? 12.017  2.180   -7.815  1.00 43.14  ? 1199 ASP A C   1 
ATOM   971  O O   . ASP A 1 116 ? 12.394  2.854   -6.852  1.00 39.49  ? 1199 ASP A O   1 
ATOM   972  C CB  . ASP A 1 116 ? 12.338  4.016   -9.481  1.00 47.62  ? 1199 ASP A CB  1 
ATOM   973  C CG  . ASP A 1 116 ? 12.812  4.417   -10.862 1.00 67.78  ? 1199 ASP A CG  1 
ATOM   974  O OD1 . ASP A 1 116 ? 13.932  4.017   -11.247 1.00 68.26  ? 1199 ASP A OD1 1 
ATOM   975  O OD2 . ASP A 1 116 ? 12.062  5.129   -11.564 1.00 94.77  ? 1199 ASP A OD2 1 
ATOM   976  N N   . GLY A 1 117 ? 11.174  1.163   -7.681  1.00 29.07  ? 1200 GLY A N   1 
ATOM   977  C CA  . GLY A 1 117 ? 10.671  0.773   -6.382  1.00 26.96  ? 1200 GLY A CA  1 
ATOM   978  C C   . GLY A 1 117 ? 9.315   1.378   -6.081  1.00 22.17  ? 1200 GLY A C   1 
ATOM   979  O O   . GLY A 1 117 ? 8.641   1.957   -6.933  1.00 25.97  ? 1200 GLY A O   1 
ATOM   980  N N   . PHE A 1 118 ? 8.925   1.251   -4.819  1.00 23.28  ? 1201 PHE A N   1 
ATOM   981  C CA  . PHE A 1 118 ? 7.596   1.663   -4.412  1.00 20.21  ? 1201 PHE A CA  1 
ATOM   982  C C   . PHE A 1 118 ? 7.635   2.386   -3.074  1.00 20.01  ? 1201 PHE A C   1 
ATOM   983  O O   . PHE A 1 118 ? 8.497   2.132   -2.231  1.00 20.56  ? 1201 PHE A O   1 
ATOM   984  C CB  . PHE A 1 118 ? 6.660   0.460   -4.249  1.00 24.43  ? 1201 PHE A CB  1 
ATOM   985  C CG  . PHE A 1 118 ? 6.329   -0.247  -5.535  1.00 24.58  ? 1201 PHE A CG  1 
ATOM   986  C CD1 . PHE A 1 118 ? 5.686   0.411   -6.568  1.00 34.59  ? 1201 PHE A CD1 1 
ATOM   987  C CD2 . PHE A 1 118 ? 6.615   -1.585  -5.682  1.00 28.71  ? 1201 PHE A CD2 1 
ATOM   988  C CE1 . PHE A 1 118 ? 5.360   -0.262  -7.750  1.00 34.19  ? 1201 PHE A CE1 1 
ATOM   989  C CE2 . PHE A 1 118 ? 6.303   -2.263  -6.863  1.00 32.30  ? 1201 PHE A CE2 1 
ATOM   990  C CZ  . PHE A 1 118 ? 5.681   -1.597  -7.892  1.00 29.75  ? 1201 PHE A CZ  1 
ATOM   991  N N   . ILE A 1 119 ? 6.645   3.253   -2.877  1.00 21.92  ? 1202 ILE A N   1 
ATOM   992  C CA  . ILE A 1 119 ? 6.358   3.890   -1.593  1.00 21.26  ? 1202 ILE A CA  1 
ATOM   993  C C   . ILE A 1 119 ? 4.878   3.719   -1.266  1.00 19.22  ? 1202 ILE A C   1 
ATOM   994  O O   . ILE A 1 119 ? 4.034   3.687   -2.176  1.00 20.26  ? 1202 ILE A O   1 
ATOM   995  C CB  . ILE A 1 119 ? 6.717   5.389   -1.587  1.00 22.25  ? 1202 ILE A CB  1 
ATOM   996  C CG1 . ILE A 1 119 ? 5.986   6.118   -2.719  1.00 27.18  ? 1202 ILE A CG1 1 
ATOM   997  C CG2 . ILE A 1 119 ? 8.213   5.616   -1.582  1.00 22.69  ? 1202 ILE A CG2 1 
ATOM   998  C CD1 . ILE A 1 119 ? 6.599   7.438   -3.103  1.00 39.38  ? 1202 ILE A CD1 1 
ATOM   999  N N   . PRO A 1 120 ? 4.524   3.620   0.016   1.00 18.82  ? 1203 PRO A N   1 
ATOM   1000 C CA  . PRO A 1 120 ? 3.103   3.642   0.391   1.00 19.07  ? 1203 PRO A CA  1 
ATOM   1001 C C   . PRO A 1 120 ? 2.386   4.890   -0.105  1.00 20.48  ? 1203 PRO A C   1 
ATOM   1002 O O   . PRO A 1 120 ? 2.930   5.998   -0.100  1.00 20.09  ? 1203 PRO A O   1 
ATOM   1003 C CB  . PRO A 1 120 ? 3.148   3.593   1.922   1.00 19.51  ? 1203 PRO A CB  1 
ATOM   1004 C CG  . PRO A 1 120 ? 4.451   2.901   2.240   1.00 19.27  ? 1203 PRO A CG  1 
ATOM   1005 C CD  . PRO A 1 120 ? 5.411   3.381   1.168   1.00 19.21  ? 1203 PRO A CD  1 
ATOM   1006 N N   . VAL A 1 121 ? 1.132   4.696   -0.516  1.00 19.79  ? 1204 VAL A N   1 
ATOM   1007 C CA  . VAL A 1 121 ? 0.305   5.792   -1.002  1.00 20.41  ? 1204 VAL A CA  1 
ATOM   1008 C C   . VAL A 1 121 ? -1.139  5.542   -0.591  1.00 21.11  ? 1204 VAL A C   1 
ATOM   1009 O O   . VAL A 1 121 ? -1.604  4.395   -0.518  1.00 21.24  ? 1204 VAL A O   1 
ATOM   1010 C CB  . VAL A 1 121 ? 0.430   5.942   -2.539  1.00 23.38  ? 1204 VAL A CB  1 
ATOM   1011 C CG1 . VAL A 1 121 ? -0.064  4.677   -3.255  1.00 21.32  ? 1204 VAL A CG1 1 
ATOM   1012 C CG2 . VAL A 1 121 ? -0.291  7.176   -3.034  1.00 26.01  ? 1204 VAL A CG2 1 
ATOM   1013 N N   . CYS A 1 122 ? -1.866  6.621   -0.328  1.00 20.47  ? 1205 CYS A N   1 
ATOM   1014 C CA  . CYS A 1 122 ? -3.311  6.502   -0.242  1.00 20.07  ? 1205 CYS A CA  1 
ATOM   1015 C C   . CYS A 1 122 ? -3.950  7.744   -0.831  1.00 24.81  ? 1205 CYS A C   1 
ATOM   1016 O O   . CYS A 1 122 ? -3.318  8.789   -0.982  1.00 23.01  ? 1205 CYS A O   1 
ATOM   1017 C CB  . CYS A 1 122 ? -3.799  6.250   1.191   1.00 20.68  ? 1205 CYS A CB  1 
ATOM   1018 S SG  . CYS A 1 122 ? -3.513  7.618   2.349   1.00 24.39  ? 1205 CYS A SG  1 
ATOM   1019 N N   . SER A 1 123 ? -5.205  7.598   -1.211  1.00 21.16  ? 1206 SER A N   1 
ATOM   1020 C CA  A SER A 1 123 ? -5.993  8.691   -1.757  0.44 23.25  ? 1206 SER A CA  1 
ATOM   1021 C CA  B SER A 1 123 ? -5.989  8.698   -1.750  0.56 23.19  ? 1206 SER A CA  1 
ATOM   1022 C C   . SER A 1 123 ? -7.285  8.760   -0.964  1.00 24.57  ? 1206 SER A C   1 
ATOM   1023 O O   . SER A 1 123 ? -7.915  7.727   -0.718  1.00 25.89  ? 1206 SER A O   1 
ATOM   1024 C CB  A SER A 1 123 ? -6.284  8.427   -3.238  0.44 26.30  ? 1206 SER A CB  1 
ATOM   1025 C CB  B SER A 1 123 ? -6.279  8.477   -3.236  0.56 26.14  ? 1206 SER A CB  1 
ATOM   1026 O OG  A SER A 1 123 ? -6.893  9.540   -3.861  0.44 29.66  ? 1206 SER A OG  1 
ATOM   1027 O OG  B SER A 1 123 ? -7.129  7.358   -3.431  0.56 29.80  ? 1206 SER A OG  1 
ATOM   1028 N N   . LEU A 1 124 ? -7.666  9.964   -0.542  1.00 25.19  ? 1207 LEU A N   1 
ATOM   1029 C CA  . LEU A 1 124 ? -8.872  10.160  0.257   1.00 25.19  ? 1207 LEU A CA  1 
ATOM   1030 C C   . LEU A 1 124 ? -9.818  11.060  -0.513  1.00 29.58  ? 1207 LEU A C   1 
ATOM   1031 O O   . LEU A 1 124 ? -9.444  12.171  -0.903  1.00 25.88  ? 1207 LEU A O   1 
ATOM   1032 C CB  . LEU A 1 124 ? -8.562  10.800  1.613   1.00 25.02  ? 1207 LEU A CB  1 
ATOM   1033 C CG  . LEU A 1 124 ? -7.477  10.170  2.495   1.00 26.75  ? 1207 LEU A CG  1 
ATOM   1034 C CD1 . LEU A 1 124 ? -7.497  10.812  3.874   1.00 29.38  ? 1207 LEU A CD1 1 
ATOM   1035 C CD2 . LEU A 1 124 ? -7.668  8.660   2.603   1.00 31.77  ? 1207 LEU A CD2 1 
ATOM   1036 N N   . GLY A 1 125 ? -11.041 10.589  -0.719  1.00 25.49  ? 1208 GLY A N   1 
ATOM   1037 C CA  . GLY A 1 125 ? -12.061 11.411  -1.330  1.00 26.31  ? 1208 GLY A CA  1 
ATOM   1038 C C   . GLY A 1 125 ? -12.606 12.454  -0.370  1.00 29.97  ? 1208 GLY A C   1 
ATOM   1039 O O   . GLY A 1 125 ? -12.188 12.587  0.780   1.00 27.60  ? 1208 GLY A O   1 
ATOM   1040 N N   . VAL A 1 126 ? -13.607 13.188  -0.861  1.00 29.78  ? 1209 VAL A N   1 
ATOM   1041 C CA  . VAL A 1 126 ? -14.159 14.305  -0.105  1.00 30.76  ? 1209 VAL A CA  1 
ATOM   1042 C C   . VAL A 1 126 ? -14.723 13.800  1.213   1.00 27.36  ? 1209 VAL A C   1 
ATOM   1043 O O   . VAL A 1 126 ? -15.458 12.805  1.255   1.00 29.06  ? 1209 VAL A O   1 
ATOM   1044 C CB  . VAL A 1 126 ? -15.229 15.022  -0.941  1.00 34.37  ? 1209 VAL A CB  1 
ATOM   1045 N N   . ALA A 1 127 ? -14.367 14.480  2.304   1.00 29.30  ? 1210 ALA A N   1 
ATOM   1046 C CA  . ALA A 1 127 ? -14.854 14.189  3.652   1.00 32.63  ? 1210 ALA A CA  1 
ATOM   1047 C C   . ALA A 1 127 ? -14.394 12.839  4.183   1.00 31.68  ? 1210 ALA A C   1 
ATOM   1048 O O   . ALA A 1 127 ? -14.883 12.394  5.229   1.00 33.35  ? 1210 ALA A O   1 
ATOM   1049 C CB  . ALA A 1 127 ? -16.379 14.320  3.784   1.00 33.07  ? 1210 ALA A CB  1 
ATOM   1050 N N   . GLN A 1 128 ? -13.462 12.177  3.505   1.00 27.28  ? 1211 GLN A N   1 
ATOM   1051 C CA  . GLN A 1 128 ? -13.004 10.868  3.938   1.00 27.42  ? 1211 GLN A CA  1 
ATOM   1052 C C   . GLN A 1 128 ? -11.849 11.009  4.916   1.00 26.37  ? 1211 GLN A C   1 
ATOM   1053 O O   . GLN A 1 128 ? -11.041 11.939  4.828   1.00 29.31  ? 1211 GLN A O   1 
ATOM   1054 C CB  . GLN A 1 128 ? -12.569 10.035  2.731   1.00 23.06  ? 1211 GLN A CB  1 
ATOM   1055 C CG  . GLN A 1 128 ? -13.736 9.654   1.846   1.00 26.04  ? 1211 GLN A CG  1 
ATOM   1056 C CD  . GLN A 1 128 ? -14.858 9.044   2.649   1.00 27.77  ? 1211 GLN A CD  1 
ATOM   1057 O OE1 . GLN A 1 128 ? -14.689 7.999   3.279   1.00 29.86  ? 1211 GLN A OE1 1 
ATOM   1058 N NE2 . GLN A 1 128 ? -16.015 9.706   2.648   1.00 29.79  ? 1211 GLN A NE2 1 
ATOM   1059 N N   . VAL A 1 129 ? -11.789 10.084  5.869   1.00 25.88  ? 1212 VAL A N   1 
ATOM   1060 C CA  . VAL A 1 129 ? -10.706 10.033  6.846   1.00 30.18  ? 1212 VAL A CA  1 
ATOM   1061 C C   . VAL A 1 129 ? -10.066 8.651   6.787   1.00 24.27  ? 1212 VAL A C   1 
ATOM   1062 O O   . VAL A 1 129 ? -10.722 7.639   7.064   1.00 25.53  ? 1212 VAL A O   1 
ATOM   1063 C CB  . VAL A 1 129 ? -11.190 10.368  8.268   1.00 28.69  ? 1212 VAL A CB  1 
ATOM   1064 C CG1 . VAL A 1 129 ? -10.006 10.437  9.230   1.00 33.79  ? 1212 VAL A CG1 1 
ATOM   1065 C CG2 . VAL A 1 129 ? -11.949 11.691  8.275   1.00 30.61  ? 1212 VAL A CG2 1 
ATOM   1066 N N   . GLY A 1 130 ? -8.776  8.615   6.455   1.00 24.55  ? 1213 GLY A N   1 
ATOM   1067 C CA  . GLY A 1 130 ? -8.026  7.381   6.399   1.00 22.63  ? 1213 GLY A CA  1 
ATOM   1068 C C   . GLY A 1 130 ? -6.621  7.702   6.856   1.00 26.00  ? 1213 GLY A C   1 
ATOM   1069 O O   . GLY A 1 130 ? -6.102  8.767   6.520   1.00 30.37  ? 1213 GLY A O   1 
ATOM   1070 N N   A ARG A 1 131 ? -6.006  6.798   7.615   0.54 23.71  ? 1214 ARG A N   1 
ATOM   1071 N N   B ARG A 1 131 ? -5.993  6.810   7.620   0.46 23.93  ? 1214 ARG A N   1 
ATOM   1072 C CA  A ARG A 1 131 ? -4.718  7.045   8.250   0.54 25.15  ? 1214 ARG A CA  1 
ATOM   1073 C CA  B ARG A 1 131 ? -4.701  7.096   8.237   0.46 25.14  ? 1214 ARG A CA  1 
ATOM   1074 C C   A ARG A 1 131 ? -3.765  5.923   7.880   0.54 23.67  ? 1214 ARG A C   1 
ATOM   1075 C C   B ARG A 1 131 ? -3.731  5.958   7.959   0.46 24.27  ? 1214 ARG A C   1 
ATOM   1076 O O   A ARG A 1 131 ? -4.046  4.754   8.157   0.54 25.13  ? 1214 ARG A O   1 
ATOM   1077 O O   B ARG A 1 131 ? -3.967  4.822   8.379   0.46 21.20  ? 1214 ARG A O   1 
ATOM   1078 C CB  A ARG A 1 131 ? -4.880  7.079   9.774   0.54 25.14  ? 1214 ARG A CB  1 
ATOM   1079 C CB  B ARG A 1 131 ? -4.852  7.287   9.750   0.46 27.43  ? 1214 ARG A CB  1 
ATOM   1080 C CG  A ARG A 1 131 ? -5.721  8.230   10.299  0.54 36.47  ? 1214 ARG A CG  1 
ATOM   1081 C CG  B ARG A 1 131 ? -5.932  8.279   10.153  0.46 36.96  ? 1214 ARG A CG  1 
ATOM   1082 C CD  A ARG A 1 131 ? -5.466  8.462   11.783  0.54 46.44  ? 1214 ARG A CD  1 
ATOM   1083 C CD  B ARG A 1 131 ? -5.747  8.756   11.585  0.46 47.62  ? 1214 ARG A CD  1 
ATOM   1084 N NE  A ARG A 1 131 ? -6.137  7.476   12.630  0.54 46.20  ? 1214 ARG A NE  1 
ATOM   1085 N NE  B ARG A 1 131 ? -7.018  8.858   12.298  0.46 45.27  ? 1214 ARG A NE  1 
ATOM   1086 C CZ  A ARG A 1 131 ? -7.292  7.689   13.254  0.54 36.13  ? 1214 ARG A CZ  1 
ATOM   1087 C CZ  B ARG A 1 131 ? -7.771  9.953   12.347  0.46 43.72  ? 1214 ARG A CZ  1 
ATOM   1088 N NH1 A ARG A 1 131 ? -7.916  8.851   13.122  0.54 38.48  ? 1214 ARG A NH1 1 
ATOM   1089 N NH1 B ARG A 1 131 ? -7.385  11.060  11.723  0.46 36.66  ? 1214 ARG A NH1 1 
ATOM   1090 N NH2 A ARG A 1 131 ? -7.826  6.739   14.009  0.54 39.72  ? 1214 ARG A NH2 1 
ATOM   1091 N NH2 B ARG A 1 131 ? -8.910  9.943   13.024  0.46 37.61  ? 1214 ARG A NH2 1 
ATOM   1092 N N   . MET A 1 132 ? -2.622  6.274   7.294   1.00 22.55  ? 1215 MET A N   1 
ATOM   1093 C CA  . MET A 1 132 ? -1.569  5.297   7.078   1.00 20.44  ? 1215 MET A CA  1 
ATOM   1094 C C   . MET A 1 132 ? -0.694  5.218   8.319   1.00 22.08  ? 1215 MET A C   1 
ATOM   1095 O O   . MET A 1 132 ? -0.348  6.242   8.917   1.00 28.71  ? 1215 MET A O   1 
ATOM   1096 C CB  . MET A 1 132 ? -0.698  5.699   5.887   1.00 29.37  ? 1215 MET A CB  1 
ATOM   1097 C CG  . MET A 1 132 ? -1.307  5.360   4.534   1.00 26.68  ? 1215 MET A CG  1 
ATOM   1098 S SD  . MET A 1 132 ? -0.150  5.609   3.173   1.00 24.91  ? 1215 MET A SD  1 
ATOM   1099 C CE  . MET A 1 132 ? 0.317   7.315   3.434   1.00 28.16  ? 1215 MET A CE  1 
ATOM   1100 N N   . ASN A 1 133 ? -0.354  3.997   8.712   1.00 19.79  ? 1216 ASN A N   1 
ATOM   1101 C CA  . ASN A 1 133 ? 0.539   3.746   9.834   1.00 21.99  ? 1216 ASN A CA  1 
ATOM   1102 C C   . ASN A 1 133 ? 1.696   2.916   9.299   1.00 19.90  ? 1216 ASN A C   1 
ATOM   1103 O O   . ASN A 1 133 ? 1.509   1.762   8.903   1.00 21.43  ? 1216 ASN A O   1 
ATOM   1104 C CB  . ASN A 1 133 ? -0.195  3.012   10.954  1.00 22.98  ? 1216 ASN A CB  1 
ATOM   1105 C CG  . ASN A 1 133 ? 0.663   2.830   12.186  1.00 25.97  ? 1216 ASN A CG  1 
ATOM   1106 O OD1 . ASN A 1 133 ? 1.797   3.299   12.231  1.00 24.64  ? 1216 ASN A OD1 1 
ATOM   1107 N ND2 . ASN A 1 133 ? 0.128   2.137   13.186  1.00 26.28  ? 1216 ASN A ND2 1 
ATOM   1108 N N   . PHE A 1 134 ? 2.885   3.510   9.270   1.00 20.05  ? 1217 PHE A N   1 
ATOM   1109 C CA  . PHE A 1 134 ? 4.078   2.784   8.837   1.00 20.18  ? 1217 PHE A CA  1 
ATOM   1110 C C   . PHE A 1 134 ? 4.697   1.947   9.952   1.00 21.26  ? 1217 PHE A C   1 
ATOM   1111 O O   . PHE A 1 134 ? 5.664   1.220   9.698   1.00 22.63  ? 1217 PHE A O   1 
ATOM   1112 C CB  . PHE A 1 134 ? 5.143   3.741   8.279   1.00 21.27  ? 1217 PHE A CB  1 
ATOM   1113 C CG  . PHE A 1 134 ? 4.721   4.489   7.030   1.00 19.48  ? 1217 PHE A CG  1 
ATOM   1114 C CD1 . PHE A 1 134 ? 3.595   4.128   6.290   1.00 21.17  ? 1217 PHE A CD1 1 
ATOM   1115 C CD2 . PHE A 1 134 ? 5.477   5.579   6.603   1.00 21.72  ? 1217 PHE A CD2 1 
ATOM   1116 C CE1 . PHE A 1 134 ? 3.251   4.835   5.139   1.00 22.52  ? 1217 PHE A CE1 1 
ATOM   1117 C CE2 . PHE A 1 134 ? 5.138   6.285   5.470   1.00 20.44  ? 1217 PHE A CE2 1 
ATOM   1118 C CZ  . PHE A 1 134 ? 4.011   5.922   4.739   1.00 22.16  ? 1217 PHE A CZ  1 
ATOM   1119 N N   . GLY A 1 135 ? 4.186   2.055   11.177  1.00 21.88  ? 1218 GLY A N   1 
ATOM   1120 C CA  . GLY A 1 135 ? 4.666   1.223   12.261  1.00 20.51  ? 1218 GLY A CA  1 
ATOM   1121 C C   . GLY A 1 135 ? 5.957   1.653   12.913  1.00 23.56  ? 1218 GLY A C   1 
ATOM   1122 O O   . GLY A 1 135 ? 6.695   0.792   13.391  1.00 29.94  ? 1218 GLY A O   1 
ATOM   1123 N N   . LYS A 1 136 ? 6.243   2.960   12.965  1.00 23.77  ? 1219 LYS A N   1 
ATOM   1124 C CA  . LYS A 1 136 ? 7.447   3.410   13.666  1.00 23.79  ? 1219 LYS A CA  1 
ATOM   1125 C C   . LYS A 1 136 ? 7.464   2.868   15.085  1.00 37.16  ? 1219 LYS A C   1 
ATOM   1126 O O   . LYS A 1 136 ? 8.508   2.419   15.584  1.00 36.11  ? 1219 LYS A O   1 
ATOM   1127 C CB  . LYS A 1 136 ? 7.502   4.937   13.667  1.00 29.79  ? 1219 LYS A CB  1 
ATOM   1128 C CG  . LYS A 1 136 ? 8.858   5.505   14.076  1.00 33.96  ? 1219 LYS A CG  1 
ATOM   1129 C CD  . LYS A 1 136 ? 8.903   7.000   13.821  1.00 38.82  ? 1219 LYS A CD  1 
ATOM   1130 C CE  . LYS A 1 136 ? 10.283  7.575   14.101  1.00 53.21  ? 1219 LYS A CE  1 
ATOM   1131 N NZ  . LYS A 1 136 ? 10.350  9.032   13.787  1.00 75.36  ? 1219 LYS A NZ  1 
ATOM   1132 N N   . ASP A 1 137 ? 6.311   2.896   15.737  1.00 35.47  ? 1220 ASP A N   1 
ATOM   1133 C CA  . ASP A 1 137 ? 6.040   2.142   16.952  1.00 36.32  ? 1220 ASP A CA  1 
ATOM   1134 C C   . ASP A 1 137 ? 5.267   0.913   16.488  1.00 32.89  ? 1220 ASP A C   1 
ATOM   1135 O O   . ASP A 1 137 ? 4.073   0.994   16.182  1.00 32.18  ? 1220 ASP A O   1 
ATOM   1136 C CB  . ASP A 1 137 ? 5.221   2.999   17.909  1.00 39.21  ? 1220 ASP A CB  1 
ATOM   1137 C CG  . ASP A 1 137 ? 4.917   2.297   19.218  1.00 46.81  ? 1220 ASP A CG  1 
ATOM   1138 O OD1 . ASP A 1 137 ? 5.300   1.118   19.379  1.00 51.88  ? 1220 ASP A OD1 1 
ATOM   1139 O OD2 . ASP A 1 137 ? 4.288   2.933   20.090  1.00 56.80  ? 1220 ASP A OD2 1 
ATOM   1140 N N   . VAL A 1 138 ? 5.961   -0.224  16.410  1.00 31.63  ? 1221 VAL A N   1 
ATOM   1141 C CA  . VAL A 1 138 ? 5.346   -1.435  15.874  1.00 32.55  ? 1221 VAL A CA  1 
ATOM   1142 C C   . VAL A 1 138 ? 4.130   -1.850  16.696  1.00 36.57  ? 1221 VAL A C   1 
ATOM   1143 O O   . VAL A 1 138 ? 3.188   -2.455  16.165  1.00 33.54  ? 1221 VAL A O   1 
ATOM   1144 C CB  . VAL A 1 138 ? 6.399   -2.555  15.735  1.00 39.55  ? 1221 VAL A CB  1 
ATOM   1145 C CG1 . VAL A 1 138 ? 6.811   -3.082  17.102  1.00 38.21  ? 1221 VAL A CG1 1 
ATOM   1146 C CG2 . VAL A 1 138 ? 5.884   -3.672  14.842  1.00 39.67  ? 1221 VAL A CG2 1 
ATOM   1147 N N   . SER A 1 139 ? 4.101   -1.491  17.983  1.00 31.71  ? 1222 SER A N   1 
ATOM   1148 C CA  . SER A 1 139 ? 2.968   -1.843  18.830  1.00 38.61  ? 1222 SER A CA  1 
ATOM   1149 C C   . SER A 1 139 ? 1.686   -1.124  18.426  1.00 35.89  ? 1222 SER A C   1 
ATOM   1150 O O   . SER A 1 139 ? 0.606   -1.526  18.867  1.00 40.03  ? 1222 SER A O   1 
ATOM   1151 C CB  . SER A 1 139 ? 3.291   -1.546  20.296  1.00 45.75  ? 1222 SER A CB  1 
ATOM   1152 O OG  . SER A 1 139 ? 3.261   -0.153  20.552  1.00 57.15  ? 1222 SER A OG  1 
ATOM   1153 N N   . THR A 1 140 ? 1.777   -0.072  17.609  1.00 30.81  ? 1223 THR A N   1 
ATOM   1154 C CA  . THR A 1 140 ? 0.581   0.603   17.120  1.00 31.27  ? 1223 THR A CA  1 
ATOM   1155 C C   . THR A 1 140 ? -0.018  -0.075  15.898  1.00 30.65  ? 1223 THR A C   1 
ATOM   1156 O O   . THR A 1 140 ? -1.122  0.295   15.492  1.00 29.78  ? 1223 THR A O   1 
ATOM   1157 C CB  . THR A 1 140 ? 0.858   2.070   16.779  1.00 31.06  ? 1223 THR A CB  1 
ATOM   1158 O OG1 . THR A 1 140 ? 1.753   2.143   15.663  1.00 30.70  ? 1223 THR A OG1 1 
ATOM   1159 C CG2 . THR A 1 140 ? 1.466   2.803   17.971  1.00 35.47  ? 1223 THR A CG2 1 
ATOM   1160 N N   . LEU A 1 141 ? 0.683   -1.025  15.288  1.00 29.13  ? 1224 LEU A N   1 
ATOM   1161 C CA  . LEU A 1 141 ? 0.070   -1.821  14.236  1.00 24.33  ? 1224 LEU A CA  1 
ATOM   1162 C C   . LEU A 1 141 ? -0.915  -2.792  14.865  1.00 32.26  ? 1224 LEU A C   1 
ATOM   1163 O O   . LEU A 1 141 ? -0.642  -3.387  15.911  1.00 32.54  ? 1224 LEU A O   1 
ATOM   1164 C CB  . LEU A 1 141 ? 1.139   -2.586  13.464  1.00 25.72  ? 1224 LEU A CB  1 
ATOM   1165 C CG  . LEU A 1 141 ? 2.114   -1.684  12.707  1.00 24.11  ? 1224 LEU A CG  1 
ATOM   1166 C CD1 . LEU A 1 141 ? 3.240   -2.506  12.100  1.00 27.14  ? 1224 LEU A CD1 1 
ATOM   1167 C CD2 . LEU A 1 141 ? 1.403   -0.871  11.631  1.00 22.96  ? 1224 LEU A CD2 1 
ATOM   1168 N N   . LYS A 1 142 ? -2.069  -2.953  14.226  1.00 25.02  ? 1225 LYS A N   1 
ATOM   1169 C CA  . LYS A 1 142 ? -3.146  -3.732  14.820  1.00 27.03  ? 1225 LYS A CA  1 
ATOM   1170 C C   . LYS A 1 142 ? -3.180  -5.173  14.342  1.00 29.44  ? 1225 LYS A C   1 
ATOM   1171 O O   . LYS A 1 142 ? -3.560  -6.057  15.119  1.00 30.28  ? 1225 LYS A O   1 
ATOM   1172 C CB  . LYS A 1 142 ? -4.503  -3.063  14.557  1.00 26.17  ? 1225 LYS A CB  1 
ATOM   1173 N N   . TYR A 1 143 ? -2.783  -5.441  13.093  1.00 22.92  ? 1226 TYR A N   1 
ATOM   1174 C CA  . TYR A 1 143 ? -2.929  -6.773  12.505  1.00 24.71  ? 1226 TYR A CA  1 
ATOM   1175 C C   . TYR A 1 143 ? -1.615  -7.368  12.014  1.00 22.68  ? 1226 TYR A C   1 
ATOM   1176 O O   . TYR A 1 143 ? -1.616  -8.452  11.413  1.00 26.86  ? 1226 TYR A O   1 
ATOM   1177 C CB  . TYR A 1 143 ? -3.976  -6.752  11.391  1.00 24.94  ? 1226 TYR A CB  1 
ATOM   1178 C CG  . TYR A 1 143 ? -5.354  -6.495  11.958  1.00 25.95  ? 1226 TYR A CG  1 
ATOM   1179 C CD1 . TYR A 1 143 ? -6.052  -7.513  12.596  1.00 27.46  ? 1226 TYR A CD1 1 
ATOM   1180 C CD2 . TYR A 1 143 ? -5.934  -5.230  11.903  1.00 26.85  ? 1226 TYR A CD2 1 
ATOM   1181 C CE1 . TYR A 1 143 ? -7.303  -7.289  13.143  1.00 26.70  ? 1226 TYR A CE1 1 
ATOM   1182 C CE2 . TYR A 1 143 ? -7.184  -4.996  12.454  1.00 27.40  ? 1226 TYR A CE2 1 
ATOM   1183 C CZ  . TYR A 1 143 ? -7.860  -6.035  13.070  1.00 26.90  ? 1226 TYR A CZ  1 
ATOM   1184 O OH  . TYR A 1 143 ? -9.110  -5.804  13.607  1.00 33.08  ? 1226 TYR A OH  1 
ATOM   1185 N N   . PHE A 1 144 ? -0.497  -6.699  12.288  1.00 22.78  ? 1227 PHE A N   1 
ATOM   1186 C CA  . PHE A 1 144 ? 0.809   -7.159  11.826  1.00 24.81  ? 1227 PHE A CA  1 
ATOM   1187 C C   . PHE A 1 144 ? 1.148   -8.523  12.411  1.00 27.04  ? 1227 PHE A C   1 
ATOM   1188 O O   . PHE A 1 144 ? 1.618   -9.417  11.693  1.00 29.54  ? 1227 PHE A O   1 
ATOM   1189 C CB  . PHE A 1 144 ? 1.853   -6.119  12.216  1.00 25.75  ? 1227 PHE A CB  1 
ATOM   1190 C CG  . PHE A 1 144 ? 3.240   -6.439  11.755  1.00 25.32  ? 1227 PHE A CG  1 
ATOM   1191 C CD1 . PHE A 1 144 ? 3.506   -6.721  10.427  1.00 25.28  ? 1227 PHE A CD1 1 
ATOM   1192 C CD2 . PHE A 1 144 ? 4.290   -6.425  12.653  1.00 28.75  ? 1227 PHE A CD2 1 
ATOM   1193 C CE1 . PHE A 1 144 ? 4.807   -6.999  10.005  1.00 24.70  ? 1227 PHE A CE1 1 
ATOM   1194 C CE2 . PHE A 1 144 ? 5.580   -6.706  12.238  1.00 26.60  ? 1227 PHE A CE2 1 
ATOM   1195 C CZ  . PHE A 1 144 ? 5.840   -6.992  10.916  1.00 27.54  ? 1227 PHE A CZ  1 
ATOM   1196 N N   . THR A 1 145 ? 0.900   -8.715  13.709  1.00 33.38  ? 1228 THR A N   1 
ATOM   1197 C CA  . THR A 1 145 ? 1.186   -10.009 14.320  1.00 41.43  ? 1228 THR A CA  1 
ATOM   1198 C C   . THR A 1 145 ? 0.247   -11.103 13.827  1.00 39.18  ? 1228 THR A C   1 
ATOM   1199 O O   . THR A 1 145 ? 0.616   -12.280 13.865  1.00 39.91  ? 1228 THR A O   1 
ATOM   1200 C CB  . THR A 1 145 ? 1.155   -9.911  15.851  1.00 40.31  ? 1228 THR A CB  1 
ATOM   1201 O OG1 . THR A 1 145 ? -0.172  -9.588  16.289  1.00 39.69  ? 1228 THR A OG1 1 
ATOM   1202 C CG2 . THR A 1 145 ? 2.127   -8.847  16.345  1.00 43.08  ? 1228 THR A CG2 1 
ATOM   1203 N N   . ILE A 1 146 ? -0.950  -10.741 13.358  1.00 32.61  ? 1229 ILE A N   1 
ATOM   1204 C CA  . ILE A 1 146 ? -1.882  -11.727 12.821  1.00 35.39  ? 1229 ILE A CA  1 
ATOM   1205 C C   . ILE A 1 146 ? -1.439  -12.186 11.439  1.00 30.44  ? 1229 ILE A C   1 
ATOM   1206 O O   . ILE A 1 146 ? -1.438  -13.384 11.128  1.00 36.23  ? 1229 ILE A O   1 
ATOM   1207 C CB  . ILE A 1 146 ? -3.316  -11.157 12.800  1.00 35.70  ? 1229 ILE A CB  1 
ATOM   1208 C CG1 . ILE A 1 146 ? -3.931  -11.170 14.205  1.00 61.25  ? 1229 ILE A CG1 1 
ATOM   1209 C CG2 . ILE A 1 146 ? -4.186  -11.933 11.832  1.00 43.12  ? 1229 ILE A CG2 1 
ATOM   1210 C CD1 . ILE A 1 146 ? -3.617  -9.936  15.033  1.00 61.98  ? 1229 ILE A CD1 1 
ATOM   1211 N N   . CYS A 1 147 ? -1.073  -11.238 10.579  1.00 27.87  ? 1230 CYS A N   1 
ATOM   1212 C CA  . CYS A 1 147 ? -0.646  -11.572 9.226   1.00 25.15  ? 1230 CYS A CA  1 
ATOM   1213 C C   . CYS A 1 147 ? 0.348   -10.510 8.786   1.00 30.98  ? 1230 CYS A C   1 
ATOM   1214 O O   . CYS A 1 147 ? -0.014  -9.338  8.655   1.00 28.11  ? 1230 CYS A O   1 
ATOM   1215 C CB  . CYS A 1 147 ? -1.837  -11.646 8.270   1.00 30.67  ? 1230 CYS A CB  1 
ATOM   1216 S SG  . CYS A 1 147 ? -1.364  -12.175 6.608   1.00 34.48  ? 1230 CYS A SG  1 
ATOM   1217 N N   . GLY A 1 148 ? 1.592   -10.927 8.574   1.00 27.49  ? 1231 GLY A N   1 
ATOM   1218 C CA  . GLY A 1 148 ? 2.659   -10.028 8.184   1.00 26.03  ? 1231 GLY A CA  1 
ATOM   1219 C C   . GLY A 1 148 ? 3.949   -10.361 8.897   1.00 29.91  ? 1231 GLY A C   1 
ATOM   1220 O O   . GLY A 1 148 ? 4.986   -10.551 8.257   1.00 37.32  ? 1231 GLY A O   1 
ATOM   1221 N N   . LEU A 1 149 ? 3.887   -10.456 10.226  1.00 28.85  ? 1232 LEU A N   1 
ATOM   1222 C CA  . LEU A 1 149 ? 5.091   -10.671 11.024  1.00 31.53  ? 1232 LEU A CA  1 
ATOM   1223 C C   . LEU A 1 149 ? 5.703   -12.040 10.746  1.00 35.62  ? 1232 LEU A C   1 
ATOM   1224 O O   . LEU A 1 149 ? 6.869   -12.143 10.345  1.00 33.12  ? 1232 LEU A O   1 
ATOM   1225 C CB  . LEU A 1 149 ? 4.757   -10.513 12.508  1.00 31.15  ? 1232 LEU A CB  1 
ATOM   1226 C CG  . LEU A 1 149 ? 5.900   -10.835 13.477  1.00 39.63  ? 1232 LEU A CG  1 
ATOM   1227 C CD1 . LEU A 1 149 ? 7.138   -10.013 13.145  1.00 40.35  ? 1232 LEU A CD1 1 
ATOM   1228 C CD2 . LEU A 1 149 ? 5.452   -10.589 14.911  1.00 44.92  ? 1232 LEU A CD2 1 
ATOM   1229 N N   . GLN A 1 150 ? 4.933   -13.109 10.966  1.00 31.43  ? 1233 GLN A N   1 
ATOM   1230 C CA  . GLN A 1 150 ? 5.456   -14.450 10.722  1.00 37.32  ? 1233 GLN A CA  1 
ATOM   1231 C C   . GLN A 1 150 ? 5.826   -14.662 9.261   1.00 40.24  ? 1233 GLN A C   1 
ATOM   1232 O O   . GLN A 1 150 ? 6.736   -15.447 8.964   1.00 34.83  ? 1233 GLN A O   1 
ATOM   1233 C CB  . GLN A 1 150 ? 4.455   -15.505 11.199  1.00 36.90  ? 1233 GLN A CB  1 
ATOM   1234 C CG  . GLN A 1 150 ? 4.598   -15.893 12.670  1.00 58.96  ? 1233 GLN A CG  1 
ATOM   1235 C CD  . GLN A 1 150 ? 6.013   -15.699 13.199  1.00 90.64  ? 1233 GLN A CD  1 
ATOM   1236 O OE1 . GLN A 1 150 ? 6.894   -16.532 12.975  1.00 103.40 ? 1233 GLN A OE1 1 
ATOM   1237 N NE2 . GLN A 1 150 ? 6.232   -14.598 13.912  1.00 90.95  ? 1233 GLN A NE2 1 
ATOM   1238 N N   . GLU A 1 151 ? 5.172   -13.954 8.348   1.00 35.59  ? 1234 GLU A N   1 
ATOM   1239 C CA  . GLU A 1 151 ? 5.446   -14.077 6.925   1.00 34.33  ? 1234 GLU A CA  1 
ATOM   1240 C C   . GLU A 1 151 ? 6.718   -13.356 6.499   1.00 36.57  ? 1234 GLU A C   1 
ATOM   1241 O O   . GLU A 1 151 ? 7.082   -13.428 5.320   1.00 39.53  ? 1234 GLU A O   1 
ATOM   1242 C CB  . GLU A 1 151 ? 4.243   -13.573 6.124   1.00 32.79  ? 1234 GLU A CB  1 
ATOM   1243 C CG  . GLU A 1 151 ? 3.022   -14.492 6.177   1.00 35.49  ? 1234 GLU A CG  1 
ATOM   1244 C CD  . GLU A 1 151 ? 2.256   -14.407 7.492   1.00 56.38  ? 1234 GLU A CD  1 
ATOM   1245 O OE1 . GLU A 1 151 ? 2.435   -13.423 8.241   1.00 39.77  ? 1234 GLU A OE1 1 
ATOM   1246 O OE2 . GLU A 1 151 ? 1.463   -15.331 7.775   1.00 52.04  ? 1234 GLU A OE2 1 
ATOM   1247 N N   . GLY A 1 152 ? 7.399   -12.674 7.417   1.00 32.26  ? 1235 GLY A N   1 
ATOM   1248 C CA  . GLY A 1 152 ? 8.674   -12.052 7.129   1.00 33.01  ? 1235 GLY A CA  1 
ATOM   1249 C C   . GLY A 1 152 ? 8.622   -10.625 6.631   1.00 26.28  ? 1235 GLY A C   1 
ATOM   1250 O O   . GLY A 1 152 ? 9.648   -10.121 6.150   1.00 28.75  ? 1235 GLY A O   1 
ATOM   1251 N N   . TYR A 1 153 ? 7.476   -9.958  6.728   1.00 27.13  ? 1236 TYR A N   1 
ATOM   1252 C CA  . TYR A 1 153 ? 7.352   -8.578  6.281   1.00 25.41  ? 1236 TYR A CA  1 
ATOM   1253 C C   . TYR A 1 153 ? 7.820   -7.633  7.379   1.00 28.15  ? 1236 TYR A C   1 
ATOM   1254 O O   . TYR A 1 153 ? 7.652   -7.905  8.571   1.00 33.00  ? 1236 TYR A O   1 
ATOM   1255 C CB  . TYR A 1 153 ? 5.896   -8.270  5.914   1.00 26.32  ? 1236 TYR A CB  1 
ATOM   1256 C CG  . TYR A 1 153 ? 5.470   -8.978  4.652   1.00 24.92  ? 1236 TYR A CG  1 
ATOM   1257 C CD1 . TYR A 1 153 ? 5.104   -10.319 4.675   1.00 30.10  ? 1236 TYR A CD1 1 
ATOM   1258 C CD2 . TYR A 1 153 ? 5.481   -8.325  3.427   1.00 22.52  ? 1236 TYR A CD2 1 
ATOM   1259 C CE1 . TYR A 1 153 ? 4.748   -10.985 3.511   1.00 33.65  ? 1236 TYR A CE1 1 
ATOM   1260 C CE2 . TYR A 1 153 ? 5.140   -8.979  2.268   1.00 23.69  ? 1236 TYR A CE2 1 
ATOM   1261 C CZ  . TYR A 1 153 ? 4.761   -10.305 2.309   1.00 24.58  ? 1236 TYR A CZ  1 
ATOM   1262 O OH  . TYR A 1 153 ? 4.421   -10.957 1.145   1.00 31.13  ? 1236 TYR A OH  1 
ATOM   1263 N N   . GLU A 1 154 ? 8.450   -6.516  6.959   1.00 23.17  ? 1237 GLU A N   1 
ATOM   1264 C CA  . GLU A 1 154 ? 8.918   -5.505  7.892   1.00 20.86  ? 1237 GLU A CA  1 
ATOM   1265 C C   . GLU A 1 154 ? 8.037   -4.260  7.814   1.00 20.61  ? 1237 GLU A C   1 
ATOM   1266 O O   . GLU A 1 154 ? 7.649   -3.851  6.716   1.00 21.72  ? 1237 GLU A O   1 
ATOM   1267 C CB  . GLU A 1 154 ? 10.363  -5.105  7.572   1.00 26.92  ? 1237 GLU A CB  1 
ATOM   1268 C CG  . GLU A 1 154 ? 11.362  -6.238  7.728   1.00 35.15  ? 1237 GLU A CG  1 
ATOM   1269 C CD  . GLU A 1 154 ? 11.921  -6.334  9.134   1.00 58.52  ? 1237 GLU A CD  1 
ATOM   1270 O OE1 . GLU A 1 154 ? 11.481  -5.553  10.005  1.00 55.17  ? 1237 GLU A OE1 1 
ATOM   1271 O OE2 . GLU A 1 154 ? 12.800  -7.191  9.369   1.00 74.37  ? 1237 GLU A OE2 1 
ATOM   1272 N N   . PRO A 1 155 ? 7.699   -3.642  8.942   1.00 20.79  ? 1238 PRO A N   1 
ATOM   1273 C CA  . PRO A 1 155 ? 6.983   -2.365  8.891   1.00 21.37  ? 1238 PRO A CA  1 
ATOM   1274 C C   . PRO A 1 155 ? 7.756   -1.339  8.077   1.00 20.28  ? 1238 PRO A C   1 
ATOM   1275 O O   . PRO A 1 155 ? 8.978   -1.220  8.194   1.00 20.27  ? 1238 PRO A O   1 
ATOM   1276 C CB  . PRO A 1 155 ? 6.876   -1.952  10.364  1.00 22.66  ? 1238 PRO A CB  1 
ATOM   1277 C CG  . PRO A 1 155 ? 7.057   -3.221  11.141  1.00 22.88  ? 1238 PRO A CG  1 
ATOM   1278 C CD  . PRO A 1 155 ? 8.020   -4.050  10.325  1.00 23.87  ? 1238 PRO A CD  1 
ATOM   1279 N N   . PHE A 1 156 ? 7.032   -0.593  7.240   1.00 19.93  ? 1239 PHE A N   1 
ATOM   1280 C CA  . PHE A 1 156 ? 7.711   0.321   6.324   1.00 20.24  ? 1239 PHE A CA  1 
ATOM   1281 C C   . PHE A 1 156 ? 8.547   1.355   7.067   1.00 21.85  ? 1239 PHE A C   1 
ATOM   1282 O O   . PHE A 1 156 ? 9.558   1.839   6.533   1.00 21.34  ? 1239 PHE A O   1 
ATOM   1283 C CB  . PHE A 1 156 ? 6.689   1.018   5.415   1.00 18.78  ? 1239 PHE A CB  1 
ATOM   1284 C CG  . PHE A 1 156 ? 7.333   1.876   4.367   1.00 19.24  ? 1239 PHE A CG  1 
ATOM   1285 C CD1 . PHE A 1 156 ? 7.913   1.299   3.250   1.00 22.78  ? 1239 PHE A CD1 1 
ATOM   1286 C CD2 . PHE A 1 156 ? 7.382   3.261   4.516   1.00 21.36  ? 1239 PHE A CD2 1 
ATOM   1287 C CE1 . PHE A 1 156 ? 8.547   2.104   2.295   1.00 23.54  ? 1239 PHE A CE1 1 
ATOM   1288 C CE2 . PHE A 1 156 ? 7.995   4.057   3.563   1.00 23.41  ? 1239 PHE A CE2 1 
ATOM   1289 C CZ  . PHE A 1 156 ? 8.577   3.476   2.452   1.00 22.54  ? 1239 PHE A CZ  1 
ATOM   1290 N N   . ALA A 1 157 ? 8.158   1.701   8.295   1.00 19.26  ? 1240 ALA A N   1 
ATOM   1291 C CA  . ALA A 1 157 ? 8.927   2.677   9.063   1.00 19.29  ? 1240 ALA A CA  1 
ATOM   1292 C C   . ALA A 1 157 ? 10.370  2.245   9.257   1.00 19.53  ? 1240 ALA A C   1 
ATOM   1293 O O   . ALA A 1 157 ? 11.248  3.097   9.456   1.00 21.49  ? 1240 ALA A O   1 
ATOM   1294 C CB  . ALA A 1 157 ? 8.305   2.886   10.431  1.00 22.28  ? 1240 ALA A CB  1 
ATOM   1295 N N   . VAL A 1 158 ? 10.637  0.935   9.232   1.00 20.03  ? 1241 VAL A N   1 
ATOM   1296 C CA  . VAL A 1 158 ? 12.012  0.449   9.344   1.00 19.82  ? 1241 VAL A CA  1 
ATOM   1297 C C   . VAL A 1 158 ? 12.888  1.043   8.253   1.00 21.75  ? 1241 VAL A C   1 
ATOM   1298 O O   . VAL A 1 158 ? 14.090  1.249   8.463   1.00 21.42  ? 1241 VAL A O   1 
ATOM   1299 C CB  . VAL A 1 158 ? 12.023  -1.094  9.353   1.00 21.04  ? 1241 VAL A CB  1 
ATOM   1300 C CG1 . VAL A 1 158 ? 13.425  -1.665  9.122   1.00 21.72  ? 1241 VAL A CG1 1 
ATOM   1301 C CG2 . VAL A 1 158 ? 11.445  -1.626  10.665  1.00 23.49  ? 1241 VAL A CG2 1 
ATOM   1302 N N   . ASN A 1 159 ? 12.318  1.358   7.098   1.00 19.84  ? 1242 ASN A N   1 
ATOM   1303 C CA  . ASN A 1 159 ? 13.095  1.951   6.021   1.00 18.96  ? 1242 ASN A CA  1 
ATOM   1304 C C   . ASN A 1 159 ? 13.189  3.468   6.108   1.00 22.87  ? 1242 ASN A C   1 
ATOM   1305 O O   . ASN A 1 159 ? 13.921  4.067   5.314   1.00 22.93  ? 1242 ASN A O   1 
ATOM   1306 C CB  . ASN A 1 159 ? 12.488  1.560   4.663   1.00 22.59  ? 1242 ASN A CB  1 
ATOM   1307 C CG  . ASN A 1 159 ? 13.526  1.561   3.560   1.00 24.50  ? 1242 ASN A CG  1 
ATOM   1308 O OD1 . ASN A 1 159 ? 14.623  1.033   3.744   1.00 31.80  ? 1242 ASN A OD1 1 
ATOM   1309 N ND2 . ASN A 1 159 ? 13.197  2.159   2.425   1.00 33.17  ? 1242 ASN A ND2 1 
ATOM   1310 N N   . THR A 1 160 ? 12.468  4.110   7.029   1.00 21.77  ? 1243 THR A N   1 
ATOM   1311 C CA  . THR A 1 160 ? 12.437  5.572   7.073   1.00 23.69  ? 1243 THR A CA  1 
ATOM   1312 C C   . THR A 1 160 ? 13.141  6.177   8.279   1.00 20.35  ? 1243 THR A C   1 
ATOM   1313 O O   . THR A 1 160 ? 13.161  7.410   8.404   1.00 22.70  ? 1243 THR A O   1 
ATOM   1314 C CB  . THR A 1 160 ? 10.997  6.093   7.014   1.00 22.35  ? 1243 THR A CB  1 
ATOM   1315 O OG1 . THR A 1 160 ? 10.335  5.737   8.229   1.00 24.38  ? 1243 THR A OG1 1 
ATOM   1316 C CG2 . THR A 1 160 ? 10.238  5.505   5.829   1.00 24.98  ? 1243 THR A CG2 1 
ATOM   1317 N N   . ASN A 1 161 ? 13.737  5.362   9.154   1.00 21.64  ? 1244 ASN A N   1 
ATOM   1318 C CA  . ASN A 1 161 ? 14.392  5.922   10.329  1.00 22.71  ? 1244 ASN A CA  1 
ATOM   1319 C C   . ASN A 1 161 ? 15.695  6.607   9.968   1.00 22.12  ? 1244 ASN A C   1 
ATOM   1320 O O   . ASN A 1 161 ? 16.079  7.581   10.619  1.00 26.08  ? 1244 ASN A O   1 
ATOM   1321 C CB  . ASN A 1 161 ? 14.626  4.846   11.382  1.00 24.61  ? 1244 ASN A CB  1 
ATOM   1322 C CG  . ASN A 1 161 ? 13.342  4.418   12.053  1.00 29.26  ? 1244 ASN A CG  1 
ATOM   1323 O OD1 . ASN A 1 161 ? 12.524  5.260   12.425  1.00 30.33  ? 1244 ASN A OD1 1 
ATOM   1324 N ND2 . ASN A 1 161 ? 13.135  3.113   12.178  1.00 25.14  ? 1244 ASN A ND2 1 
ATOM   1325 N N   . ARG A 1 162 ? 16.401  6.094   8.963   1.00 22.57  ? 1245 ARG A N   1 
ATOM   1326 C CA  . ARG A 1 162 ? 17.650  6.707   8.532   1.00 20.71  ? 1245 ARG A CA  1 
ATOM   1327 C C   . ARG A 1 162 ? 17.367  8.045   7.853   1.00 21.52  ? 1245 ARG A C   1 
ATOM   1328 O O   . ARG A 1 162 ? 16.504  8.133   6.976   1.00 23.62  ? 1245 ARG A O   1 
ATOM   1329 C CB  . ARG A 1 162 ? 18.356  5.778   7.551   1.00 20.30  ? 1245 ARG A CB  1 
ATOM   1330 C CG  . ARG A 1 162 ? 19.675  6.322   7.045   1.00 22.37  ? 1245 ARG A CG  1 
ATOM   1331 C CD  . ARG A 1 162 ? 20.173  5.512   5.844   1.00 25.88  ? 1245 ARG A CD  1 
ATOM   1332 N NE  . ARG A 1 162 ? 19.143  5.400   4.818   1.00 27.51  ? 1245 ARG A NE  1 
ATOM   1333 C CZ  . ARG A 1 162 ? 18.787  6.379   3.987   1.00 27.59  ? 1245 ARG A CZ  1 
ATOM   1334 N NH1 . ARG A 1 162 ? 19.407  7.556   4.027   1.00 24.59  ? 1245 ARG A NH1 1 
ATOM   1335 N NH2 . ARG A 1 162 ? 17.817  6.180   3.100   1.00 32.65  ? 1245 ARG A NH2 1 
ATOM   1336 N N   . ASP A 1 163 ? 18.104  9.087   8.236   1.00 21.00  ? 1246 ASP A N   1 
ATOM   1337 C CA  . ASP A 1 163 ? 17.920  10.369  7.571   1.00 23.90  ? 1246 ASP A CA  1 
ATOM   1338 C C   . ASP A 1 163 ? 19.218  10.960  7.050   1.00 20.47  ? 1246 ASP A C   1 
ATOM   1339 O O   . ASP A 1 163 ? 19.232  12.133  6.668   1.00 22.57  ? 1246 ASP A O   1 
ATOM   1340 C CB  . ASP A 1 163 ? 17.155  11.387  8.429   1.00 27.54  ? 1246 ASP A CB  1 
ATOM   1341 C CG  . ASP A 1 163 ? 17.730  11.537  9.811   1.00 36.70  ? 1246 ASP A CG  1 
ATOM   1342 O OD1 . ASP A 1 163 ? 18.917  11.203  10.005  1.00 32.66  ? 1246 ASP A OD1 1 
ATOM   1343 O OD2 . ASP A 1 163 ? 16.991  11.982  10.714  1.00 30.52  ? 1246 ASP A OD2 1 
ATOM   1344 N N   . ILE A 1 164 ? 20.286  10.168  6.991   1.00 20.00  ? 1247 ILE A N   1 
ATOM   1345 C CA  . ILE A 1 164 ? 21.600  10.597  6.523   1.00 21.25  ? 1247 ILE A CA  1 
ATOM   1346 C C   . ILE A 1 164 ? 22.009  9.690   5.371   1.00 24.39  ? 1247 ILE A C   1 
ATOM   1347 O O   . ILE A 1 164 ? 21.751  8.481   5.403   1.00 22.82  ? 1247 ILE A O   1 
ATOM   1348 C CB  . ILE A 1 164 ? 22.618  10.518  7.678   1.00 22.32  ? 1247 ILE A CB  1 
ATOM   1349 C CG1 . ILE A 1 164 ? 22.351  11.625  8.705   1.00 25.22  ? 1247 ILE A CG1 1 
ATOM   1350 C CG2 . ILE A 1 164 ? 24.058  10.583  7.149   1.00 22.70  ? 1247 ILE A CG2 1 
ATOM   1351 C CD1 . ILE A 1 164 ? 23.164  11.490  9.974   1.00 28.16  ? 1247 ILE A CD1 1 
ATOM   1352 N N   . THR A 1 165 ? 22.614  10.276  4.339   1.00 22.87  ? 1248 THR A N   1 
ATOM   1353 C CA  . THR A 1 165 ? 23.201  9.527   3.238   1.00 25.32  ? 1248 THR A CA  1 
ATOM   1354 C C   . THR A 1 165 ? 24.697  9.803   3.207   1.00 23.90  ? 1248 THR A C   1 
ATOM   1355 O O   . THR A 1 165 ? 25.177  10.760  3.816   1.00 24.12  ? 1248 THR A O   1 
ATOM   1356 C CB  . THR A 1 165 ? 22.607  9.922   1.879   1.00 30.66  ? 1248 THR A CB  1 
ATOM   1357 O OG1 . THR A 1 165 ? 23.009  11.256  1.553   1.00 36.48  ? 1248 THR A OG1 1 
ATOM   1358 C CG2 . THR A 1 165 ? 21.109  9.866   1.915   1.00 39.26  ? 1248 THR A CG2 1 
ATOM   1359 N N   . MET A 1 166 ? 25.439  8.943   2.507   1.00 25.19  ? 1249 MET A N   1 
ATOM   1360 C CA  . MET A 1 166 ? 26.878  9.104   2.374   1.00 24.66  ? 1249 MET A CA  1 
ATOM   1361 C C   . MET A 1 166 ? 27.276  8.877   0.927   1.00 29.11  ? 1249 MET A C   1 
ATOM   1362 O O   . MET A 1 166 ? 26.683  8.056   0.226   1.00 33.35  ? 1249 MET A O   1 
ATOM   1363 C CB  . MET A 1 166 ? 27.650  8.121   3.263   1.00 32.92  ? 1249 MET A CB  1 
ATOM   1364 C CG  . MET A 1 166 ? 29.165  8.367   3.261   1.00 40.93  ? 1249 MET A CG  1 
ATOM   1365 S SD  . MET A 1 166 ? 30.182  6.896   3.547   1.00 41.46  ? 1249 MET A SD  1 
ATOM   1366 C CE  . MET A 1 166 ? 29.700  5.922   2.133   1.00 39.86  ? 1249 MET A CE  1 
ATOM   1367 N N   . TRP A 1 167 ? 28.289  9.614   0.482   1.00 30.38  ? 1250 TRP A N   1 
ATOM   1368 C CA  . TRP A 1 167 ? 28.928  9.286   -0.783  1.00 37.79  ? 1250 TRP A CA  1 
ATOM   1369 C C   . TRP A 1 167 ? 30.399  9.657   -0.713  1.00 50.23  ? 1250 TRP A C   1 
ATOM   1370 O O   . TRP A 1 167 ? 30.822  10.435  0.148   1.00 35.57  ? 1250 TRP A O   1 
ATOM   1371 C CB  . TRP A 1 167 ? 28.238  9.942   -1.982  1.00 42.51  ? 1250 TRP A CB  1 
ATOM   1372 C CG  . TRP A 1 167 ? 28.301  11.430  -1.991  1.00 45.36  ? 1250 TRP A CG  1 
ATOM   1373 C CD1 . TRP A 1 167 ? 29.208  12.210  -2.649  1.00 53.07  ? 1250 TRP A CD1 1 
ATOM   1374 C CD2 . TRP A 1 167 ? 27.407  12.328  -1.325  1.00 70.66  ? 1250 TRP A CD2 1 
ATOM   1375 N NE1 . TRP A 1 167 ? 28.935  13.540  -2.428  1.00 78.77  ? 1250 TRP A NE1 1 
ATOM   1376 C CE2 . TRP A 1 167 ? 27.834  13.638  -1.617  1.00 74.25  ? 1250 TRP A CE2 1 
ATOM   1377 C CE3 . TRP A 1 167 ? 26.286  12.149  -0.506  1.00 66.09  ? 1250 TRP A CE3 1 
ATOM   1378 C CZ2 . TRP A 1 167 ? 27.181  14.765  -1.119  1.00 57.57  ? 1250 TRP A CZ2 1 
ATOM   1379 C CZ3 . TRP A 1 167 ? 25.642  13.267  -0.012  1.00 52.96  ? 1250 TRP A CZ3 1 
ATOM   1380 C CH2 . TRP A 1 167 ? 26.087  14.559  -0.322  1.00 48.56  ? 1250 TRP A CH2 1 
ATOM   1381 N N   . LEU A 1 168 ? 31.172  9.071   -1.625  1.00 37.23  ? 1251 LEU A N   1 
ATOM   1382 C CA  . LEU A 1 168 ? 32.607  9.298   -1.719  1.00 50.12  ? 1251 LEU A CA  1 
ATOM   1383 C C   . LEU A 1 168 ? 32.903  10.371  -2.758  1.00 52.49  ? 1251 LEU A C   1 
ATOM   1384 O O   . LEU A 1 168 ? 32.303  10.386  -3.838  1.00 51.62  ? 1251 LEU A O   1 
ATOM   1385 C CB  . LEU A 1 168 ? 33.327  8.004   -2.104  1.00 39.41  ? 1251 LEU A CB  1 
ATOM   1386 C CG  . LEU A 1 168 ? 33.152  6.857   -1.109  1.00 49.74  ? 1251 LEU A CG  1 
ATOM   1387 C CD1 . LEU A 1 168 ? 33.952  5.627   -1.513  1.00 48.52  ? 1251 LEU A CD1 1 
ATOM   1388 C CD2 . LEU A 1 168 ? 33.551  7.320   0.269   1.00 52.85  ? 1251 LEU A CD2 1 
ATOM   1389 N N   A SER A 1 169 ? 33.821  11.272  -2.419  0.51 60.02  ? 1252 SER A N   1 
ATOM   1390 N N   B SER A 1 169 ? 33.838  11.258  -2.429  0.49 60.04  ? 1252 SER A N   1 
ATOM   1391 C CA  A SER A 1 169 ? 34.187  12.378  -3.299  0.51 60.97  ? 1252 SER A CA  1 
ATOM   1392 C CA  B SER A 1 169 ? 34.237  12.343  -3.323  0.49 61.00  ? 1252 SER A CA  1 
ATOM   1393 C C   A SER A 1 169 ? 35.098  11.908  -4.429  0.51 55.54  ? 1252 SER A C   1 
ATOM   1394 C C   B SER A 1 169 ? 34.798  11.815  -4.642  0.49 55.40  ? 1252 SER A C   1 
ATOM   1395 O O   A SER A 1 169 ? 35.943  11.031  -4.236  0.51 56.83  ? 1252 SER A O   1 
ATOM   1396 O O   B SER A 1 169 ? 35.826  11.134  -4.663  0.49 59.61  ? 1252 SER A O   1 
ATOM   1397 C CB  A SER A 1 169 ? 34.874  13.490  -2.500  0.51 55.40  ? 1252 SER A CB  1 
ATOM   1398 C CB  B SER A 1 169 ? 35.278  13.235  -2.643  0.49 53.21  ? 1252 SER A CB  1 
ATOM   1399 O OG  A SER A 1 169 ? 35.229  14.579  -3.336  0.51 48.29  ? 1252 SER A OG  1 
ATOM   1400 O OG  B SER A 1 169 ? 36.344  12.457  -2.129  0.49 47.76  ? 1252 SER A OG  1 
HETATM 1401 C C1  . GOL B 2 .   ? -1.673  -18.597 -6.953  1.00 46.38  ? 1301 GOL A C1  1 
HETATM 1402 O O1  . GOL B 2 .   ? -3.017  -18.686 -7.374  1.00 63.51  ? 1301 GOL A O1  1 
HETATM 1403 C C2  . GOL B 2 .   ? -1.589  -17.961 -5.571  1.00 62.42  ? 1301 GOL A C2  1 
HETATM 1404 O O2  . GOL B 2 .   ? -2.849  -17.975 -4.938  1.00 41.01  ? 1301 GOL A O2  1 
HETATM 1405 C C3  . GOL B 2 .   ? -0.594  -18.731 -4.711  1.00 59.17  ? 1301 GOL A C3  1 
HETATM 1406 O O3  . GOL B 2 .   ? -0.031  -19.775 -5.469  1.00 45.68  ? 1301 GOL A O3  1 
HETATM 1407 K K   . K   C 3 .   ? 12.738  10.093  8.440   0.50 25.07  ? 1302 K   A K   1 
HETATM 1408 O O   . HOH D 4 .   ? 8.832   1.811   -9.503  1.00 36.16  ? 1401 HOH A O   1 
HETATM 1409 O O   . HOH D 4 .   ? -16.432 -4.810  -6.947  1.00 30.29  ? 1402 HOH A O   1 
HETATM 1410 O O   . HOH D 4 .   ? -19.144 1.636   7.878   1.00 28.54  ? 1403 HOH A O   1 
HETATM 1411 O O   . HOH D 4 .   ? -11.053 -12.973 2.419   1.00 45.08  ? 1404 HOH A O   1 
HETATM 1412 O O   . HOH D 4 .   ? 20.279  10.672  11.915  1.00 31.15  ? 1405 HOH A O   1 
HETATM 1413 O O   . HOH D 4 .   ? -12.182 4.309   -4.202  1.00 36.29  ? 1406 HOH A O   1 
HETATM 1414 O O   . HOH D 4 .   ? -18.571 -4.059  -1.750  1.00 31.82  ? 1407 HOH A O   1 
HETATM 1415 O O   . HOH D 4 .   ? 4.456   -13.435 0.838   1.00 52.92  ? 1408 HOH A O   1 
HETATM 1416 O O   . HOH D 4 .   ? 16.995  11.443  13.167  1.00 34.68  ? 1409 HOH A O   1 
HETATM 1417 O O   . HOH D 4 .   ? -16.846 -10.615 -9.298  1.00 22.69  ? 1410 HOH A O   1 
HETATM 1418 O O   . HOH D 4 .   ? -9.935  1.295   13.892  1.00 42.36  ? 1411 HOH A O   1 
HETATM 1419 O O   . HOH D 4 .   ? -4.437  -10.461 -0.904  1.00 21.31  ? 1412 HOH A O   1 
HETATM 1420 O O   . HOH D 4 .   ? -10.524 -7.737  14.628  1.00 48.11  ? 1413 HOH A O   1 
HETATM 1421 O O   . HOH D 4 .   ? 10.530  6.174   10.804  1.00 34.71  ? 1414 HOH A O   1 
HETATM 1422 O O   . HOH D 4 .   ? -2.134  5.795   -10.298 1.00 34.49  ? 1415 HOH A O   1 
HETATM 1423 O O   . HOH D 4 .   ? -3.724  -12.964 -8.742  1.00 41.94  ? 1416 HOH A O   1 
HETATM 1424 O O   . HOH D 4 .   ? 2.102   -12.429 11.691  1.00 51.25  ? 1417 HOH A O   1 
HETATM 1425 O O   . HOH D 4 .   ? 10.442  -13.486 -0.769  1.00 41.72  ? 1418 HOH A O   1 
HETATM 1426 O O   . HOH D 4 .   ? 12.365  -5.374  12.489  1.00 61.80  ? 1419 HOH A O   1 
HETATM 1427 O O   . HOH D 4 .   ? 13.509  -8.491  -9.111  1.00 42.11  ? 1420 HOH A O   1 
HETATM 1428 O O   . HOH D 4 .   ? 9.022   -0.392  12.941  1.00 33.00  ? 1421 HOH A O   1 
HETATM 1429 O O   . HOH D 4 .   ? 12.064  -6.364  4.395   1.00 33.23  ? 1422 HOH A O   1 
HETATM 1430 O O   . HOH D 4 .   ? -11.011 -10.906 -9.416  1.00 30.61  ? 1423 HOH A O   1 
HETATM 1431 O O   . HOH D 4 .   ? 6.080   11.312  -1.901  1.00 39.14  ? 1424 HOH A O   1 
HETATM 1432 O O   . HOH D 4 .   ? -14.744 -1.709  11.730  1.00 42.03  ? 1425 HOH A O   1 
HETATM 1433 O O   . HOH D 4 .   ? -10.297 15.024  -0.207  1.00 38.59  ? 1426 HOH A O   1 
HETATM 1434 O O   . HOH D 4 .   ? -2.361  -7.815  8.296   1.00 24.47  ? 1427 HOH A O   1 
HETATM 1435 O O   . HOH D 4 .   ? 15.583  -10.344 -0.256  1.00 41.37  ? 1428 HOH A O   1 
HETATM 1436 O O   . HOH D 4 .   ? 8.751   -10.002 9.841   1.00 36.58  ? 1429 HOH A O   1 
HETATM 1437 O O   . HOH D 4 .   ? 4.467   -13.955 -2.740  1.00 44.48  ? 1430 HOH A O   1 
HETATM 1438 O O   . HOH D 4 .   ? 1.345   -15.410 -0.980  1.00 36.23  ? 1431 HOH A O   1 
HETATM 1439 O O   . HOH D 4 .   ? -2.309  0.836   12.234  1.00 27.87  ? 1432 HOH A O   1 
HETATM 1440 O O   . HOH D 4 .   ? -10.846 7.157   -5.437  1.00 49.82  ? 1433 HOH A O   1 
HETATM 1441 O O   . HOH D 4 .   ? 13.866  5.082   -6.381  1.00 42.29  ? 1434 HOH A O   1 
HETATM 1442 O O   . HOH D 4 .   ? -12.639 -18.851 -7.023  1.00 24.71  ? 1435 HOH A O   1 
HETATM 1443 O O   . HOH D 4 .   ? -18.104 0.235   11.594  1.00 42.45  ? 1436 HOH A O   1 
HETATM 1444 O O   . HOH D 4 .   ? 2.650   -5.145  15.986  1.00 35.85  ? 1437 HOH A O   1 
HETATM 1445 O O   . HOH D 4 .   ? -15.053 1.688   -9.781  1.00 46.98  ? 1438 HOH A O   1 
HETATM 1446 O O   . HOH D 4 .   ? 5.053   -12.874 -9.122  1.00 35.53  ? 1439 HOH A O   1 
HETATM 1447 O O   . HOH D 4 .   ? 8.826   0.017   16.954  1.00 45.76  ? 1440 HOH A O   1 
HETATM 1448 O O   . HOH D 4 .   ? 11.480  -6.305  -11.741 1.00 47.60  ? 1441 HOH A O   1 
HETATM 1449 O O   . HOH D 4 .   ? -17.100 -0.978  -10.283 1.00 54.01  ? 1442 HOH A O   1 
HETATM 1450 O O   . HOH D 4 .   ? -0.197  -4.466  -0.933  1.00 24.52  ? 1443 HOH A O   1 
HETATM 1451 O O   . HOH D 4 .   ? -2.401  -15.743 12.327  1.00 58.90  ? 1444 HOH A O   1 
HETATM 1452 O O   . HOH D 4 .   ? -5.536  -5.985  8.294   1.00 23.53  ? 1445 HOH A O   1 
HETATM 1453 O O   . HOH D 4 .   ? -16.458 7.352   10.612  1.00 43.75  ? 1446 HOH A O   1 
HETATM 1454 O O   . HOH D 4 .   ? 12.939  7.553   -5.222  1.00 42.63  ? 1447 HOH A O   1 
HETATM 1455 O O   . HOH D 4 .   ? -5.053  -14.334 8.419   1.00 48.19  ? 1448 HOH A O   1 
HETATM 1456 O O   . HOH D 4 .   ? 16.008  3.293   8.069   1.00 23.30  ? 1449 HOH A O   1 
HETATM 1457 O O   . HOH D 4 .   ? -15.887 -6.373  5.288   1.00 50.03  ? 1450 HOH A O   1 
HETATM 1458 O O   . HOH D 4 .   ? 16.093  3.949   3.396   1.00 36.02  ? 1451 HOH A O   1 
HETATM 1459 O O   . HOH D 4 .   ? -3.648  -8.300  -10.549 1.00 29.40  ? 1452 HOH A O   1 
HETATM 1460 O O   . HOH D 4 .   ? -15.944 -4.701  10.073  1.00 51.21  ? 1453 HOH A O   1 
HETATM 1461 O O   . HOH D 4 .   ? 1.307   -6.505  -11.957 1.00 43.50  ? 1454 HOH A O   1 
HETATM 1462 O O   . HOH D 4 .   ? 2.903   6.274   9.954   1.00 31.44  ? 1455 HOH A O   1 
HETATM 1463 O O   . HOH D 4 .   ? 3.090   -9.959  -1.173  1.00 28.80  ? 1456 HOH A O   1 
HETATM 1464 O O   . HOH D 4 .   ? -17.847 -6.146  -0.115  1.00 29.07  ? 1457 HOH A O   1 
HETATM 1465 O O   . HOH D 4 .   ? -13.036 -12.067 -4.737  1.00 28.19  ? 1458 HOH A O   1 
HETATM 1466 O O   . HOH D 4 .   ? 14.415  9.917   10.602  1.00 33.05  ? 1459 HOH A O   1 
HETATM 1467 O O   . HOH D 4 .   ? 24.165  6.660   1.321   1.00 34.96  ? 1460 HOH A O   1 
HETATM 1468 O O   . HOH D 4 .   ? 11.946  12.260  -0.515  1.00 28.63  ? 1461 HOH A O   1 
HETATM 1469 O O   . HOH D 4 .   ? 16.144  -1.397  4.025   1.00 30.64  ? 1462 HOH A O   1 
HETATM 1470 O O   . HOH D 4 .   ? -13.663 -11.730 -2.092  1.00 44.72  ? 1463 HOH A O   1 
HETATM 1471 O O   . HOH D 4 .   ? -16.144 11.060  -0.941  1.00 45.44  ? 1464 HOH A O   1 
HETATM 1472 O O   . HOH D 4 .   ? 7.851   -12.211 -11.209 1.00 48.60  ? 1465 HOH A O   1 
HETATM 1473 O O   . HOH D 4 .   ? -7.899  7.737   -6.194  1.00 41.37  ? 1466 HOH A O   1 
HETATM 1474 O O   . HOH D 4 .   ? -14.052 4.875   12.720  1.00 41.19  ? 1467 HOH A O   1 
HETATM 1475 O O   . HOH D 4 .   ? 0.232   -6.039  15.144  1.00 36.62  ? 1468 HOH A O   1 
HETATM 1476 O O   . HOH D 4 .   ? -14.010 -8.176  -11.830 1.00 28.36  ? 1469 HOH A O   1 
HETATM 1477 O O   . HOH D 4 .   ? 15.428  -1.708  -10.819 1.00 56.41  ? 1470 HOH A O   1 
HETATM 1478 O O   . HOH D 4 .   ? -18.190 6.748   6.064   1.00 32.17  ? 1471 HOH A O   1 
HETATM 1479 O O   . HOH D 4 .   ? 30.147  7.501   -3.849  1.00 51.08  ? 1472 HOH A O   1 
HETATM 1480 O O   . HOH D 4 .   ? -1.012  -8.535  -11.330 1.00 30.79  ? 1473 HOH A O   1 
HETATM 1481 O O   . HOH D 4 .   ? -2.221  8.909   6.108   1.00 48.27  ? 1474 HOH A O   1 
HETATM 1482 O O   . HOH D 4 .   ? -12.956 -10.768 -11.647 1.00 42.59  ? 1475 HOH A O   1 
HETATM 1483 O O   . HOH D 4 .   ? 15.522  -3.902  -7.453  1.00 53.37  ? 1476 HOH A O   1 
HETATM 1484 O O   . HOH D 4 .   ? -17.131 8.589   -0.376  1.00 31.32  ? 1477 HOH A O   1 
HETATM 1485 O O   . HOH D 4 .   ? -11.602 -11.846 -0.114  1.00 26.76  ? 1478 HOH A O   1 
HETATM 1486 O O   . HOH D 4 .   ? -5.431  -19.957 -6.252  1.00 52.77  ? 1479 HOH A O   1 
HETATM 1487 O O   . HOH D 4 .   ? 8.638   12.873  -1.696  1.00 38.36  ? 1480 HOH A O   1 
HETATM 1488 O O   . HOH D 4 .   ? 4.831   -3.550  -13.743 1.00 37.73  ? 1481 HOH A O   1 
HETATM 1489 O O   . HOH D 4 .   ? 3.685   4.119   14.380  1.00 38.03  ? 1482 HOH A O   1 
HETATM 1490 O O   . HOH D 4 .   ? -6.313  -14.920 6.320   1.00 44.05  ? 1483 HOH A O   1 
HETATM 1491 O O   . HOH D 4 .   ? -10.216 -2.966  12.991  1.00 32.14  ? 1484 HOH A O   1 
HETATM 1492 O O   . HOH D 4 .   ? 11.014  1.573   13.622  1.00 31.89  ? 1485 HOH A O   1 
HETATM 1493 O O   . HOH D 4 .   ? -12.445 16.785  2.708   1.00 43.39  ? 1486 HOH A O   1 
HETATM 1494 O O   . HOH D 4 .   ? 4.985   5.336   11.546  1.00 39.02  ? 1487 HOH A O   1 
HETATM 1495 O O   . HOH D 4 .   ? -10.305 -2.840  -16.300 1.00 57.63  ? 1488 HOH A O   1 
HETATM 1496 O O   . HOH D 4 .   ? -9.535  -13.341 -10.632 1.00 34.72  ? 1489 HOH A O   1 
HETATM 1497 O O   . HOH D 4 .   ? -16.549 -5.560  -10.787 1.00 43.30  ? 1490 HOH A O   1 
HETATM 1498 O O   . HOH D 4 .   ? -3.971  1.134   14.124  1.00 51.24  ? 1491 HOH A O   1 
HETATM 1499 O O   . HOH D 4 .   ? -6.737  -4.884  -11.949 1.00 44.38  ? 1492 HOH A O   1 
HETATM 1500 O O   . HOH D 4 .   ? 7.434   10.571  13.970  1.00 47.72  ? 1493 HOH A O   1 
HETATM 1501 O O   . HOH D 4 .   ? -15.256 11.396  -3.123  1.00 44.06  ? 1494 HOH A O   1 
HETATM 1502 O O   . HOH D 4 .   ? -0.286  -10.308 -13.609 1.00 51.40  ? 1495 HOH A O   1 
HETATM 1503 O O   . HOH D 4 .   ? 9.717   -7.817  11.844  1.00 45.50  ? 1496 HOH A O   1 
HETATM 1504 O O   . HOH D 4 .   ? 15.000  -1.742  -0.220  1.00 33.03  ? 1497 HOH A O   1 
HETATM 1505 O O   . HOH D 4 .   ? -6.647  -4.855  -14.350 1.00 54.65  ? 1498 HOH A O   1 
HETATM 1506 O O   . HOH D 4 .   ? -7.360  -13.878 10.507  1.00 52.54  ? 1499 HOH A O   1 
HETATM 1507 O O   . HOH D 4 .   ? 10.207  -13.548 11.553  1.00 55.63  ? 1500 HOH A O   1 
HETATM 1508 O O   . HOH D 4 .   ? -14.250 -11.955 0.658   1.00 56.58  ? 1501 HOH A O   1 
HETATM 1509 O O   . HOH D 4 .   ? 4.648   -15.377 -7.461  1.00 50.68  ? 1502 HOH A O   1 
HETATM 1510 O O   . HOH D 4 .   ? 12.730  -0.200  14.531  1.00 47.98  ? 1503 HOH A O   1 
HETATM 1511 O O   . HOH D 4 .   ? 2.622   -5.201  -14.058 1.00 41.18  ? 1504 HOH A O   1 
HETATM 1512 O O   . HOH D 4 .   ? 9.115   -5.906  13.495  1.00 47.26  ? 1505 HOH A O   1 
HETATM 1513 O O   . HOH D 4 .   ? -16.679 -8.531  -11.139 1.00 29.25  ? 1506 HOH A O   1 
HETATM 1514 O O   . HOH D 4 .   ? -13.898 -7.192  -14.120 1.00 44.71  ? 1507 HOH A O   1 
HETATM 1515 O O   . HOH D 4 .   ? 14.083  13.426  -2.216  0.50 66.97  ? 1508 HOH A O   1 
HETATM 1516 O O   . HOH D 4 .   ? -18.328 8.692   -3.093  1.00 46.59  ? 1509 HOH A O   1 
HETATM 1517 O O   . HOH D 4 .   ? 10.060  -3.003  13.757  1.00 41.48  ? 1510 HOH A O   1 
HETATM 1518 O O   . HOH D 4 .   ? 3.844   -16.031 -4.855  1.00 43.45  ? 1511 HOH A O   1 
# 
loop_
_pdbx_poly_seq_scheme.asym_id 
_pdbx_poly_seq_scheme.entity_id 
_pdbx_poly_seq_scheme.seq_id 
_pdbx_poly_seq_scheme.mon_id 
_pdbx_poly_seq_scheme.ndb_seq_num 
_pdbx_poly_seq_scheme.pdb_seq_num 
_pdbx_poly_seq_scheme.auth_seq_num 
_pdbx_poly_seq_scheme.pdb_mon_id 
_pdbx_poly_seq_scheme.auth_mon_id 
_pdbx_poly_seq_scheme.pdb_strand_id 
_pdbx_poly_seq_scheme.pdb_ins_code 
_pdbx_poly_seq_scheme.hetero 
A 1 1   ARG 1   1084 1084 ARG ARG A . n 
A 1 2   PHE 2   1085 1085 PHE PHE A . n 
A 1 3   ARG 3   1086 1086 ARG ARG A . n 
A 1 4   ILE 4   1087 1087 ILE ILE A . n 
A 1 5   PHE 5   1088 1088 PHE PHE A . n 
A 1 6   ARG 6   1089 1089 ARG ARG A . n 
A 1 7   ALA 7   1090 1090 ALA ALA A . n 
A 1 8   GLU 8   1091 1091 GLU GLU A . n 
A 1 9   LYS 9   1092 1092 LYS LYS A . n 
A 1 10  THR 10  1093 1093 THR THR A . n 
A 1 11  TYR 11  1094 1094 TYR TYR A . n 
A 1 12  ALA 12  1095 1095 ALA ALA A . n 
A 1 13  VAL 13  1096 1096 VAL VAL A . n 
A 1 14  LYS 14  1097 1097 LYS LYS A . n 
A 1 15  ALA 15  1098 1098 ALA ALA A . n 
A 1 16  GLY 16  1099 1099 GLY GLY A . n 
A 1 17  ARG 17  1100 1100 ARG ARG A . n 
A 1 18  TRP 18  1101 1101 TRP TRP A . n 
A 1 19  TYR 19  1102 1102 TYR TYR A . n 
A 1 20  PHE 20  1103 1103 PHE PHE A . n 
A 1 21  GLU 21  1104 1104 GLU GLU A . n 
A 1 22  PHE 22  1105 1105 PHE PHE A . n 
A 1 23  GLU 23  1106 1106 GLU GLU A . n 
A 1 24  ALA 24  1107 1107 ALA ALA A . n 
A 1 25  VAL 25  1108 1108 VAL VAL A . n 
A 1 26  THR 26  1109 1109 THR THR A . n 
A 1 27  ALA 27  1110 1110 ALA ALA A . n 
A 1 28  GLY 28  1111 1111 GLY GLY A . n 
A 1 29  ASP 29  1112 1112 ASP ASP A . n 
A 1 30  MET 30  1113 1113 MET MET A . n 
A 1 31  ARG 31  1114 1114 ARG ARG A . n 
A 1 32  VAL 32  1115 1115 VAL VAL A . n 
A 1 33  GLY 33  1116 1116 GLY GLY A . n 
A 1 34  TRP 34  1117 1117 TRP TRP A . n 
A 1 35  SER 35  1118 1118 SER SER A . n 
A 1 36  ARG 36  1119 1119 ARG ARG A . n 
A 1 37  PRO 37  1120 1120 PRO PRO A . n 
A 1 38  GLY 38  1121 1121 GLY GLY A . n 
A 1 39  CYS 39  1122 1122 CYS CYS A . n 
A 1 40  GLN 40  1123 1123 GLN GLN A . n 
A 1 41  LEU 41  1124 1124 LEU LEU A . n 
A 1 42  ASP 42  1125 1125 ASP ASP A . n 
A 1 43  LEU 43  1126 1126 LEU LEU A . n 
A 1 44  GLU 44  1127 1127 GLU GLU A . n 
A 1 45  LEU 45  1128 1128 LEU LEU A . n 
A 1 46  GLY 46  1129 1129 GLY GLY A . n 
A 1 47  SER 47  1130 1130 SER SER A . n 
A 1 48  ASP 48  1131 1131 ASP ASP A . n 
A 1 49  ASP 49  1132 1132 ASP ASP A . n 
A 1 50  ARG 50  1133 1133 ARG ARG A . n 
A 1 51  ALA 51  1134 1134 ALA ALA A . n 
A 1 52  PHE 52  1135 1135 PHE PHE A . n 
A 1 53  ALA 53  1136 1136 ALA ALA A . n 
A 1 54  PHE 54  1137 1137 PHE PHE A . n 
A 1 55  ASP 55  1138 1138 ASP ASP A . n 
A 1 56  GLY 56  1139 1139 GLY GLY A . n 
A 1 57  PHE 57  1140 1140 PHE PHE A . n 
A 1 58  LYS 58  1141 1141 LYS LYS A . n 
A 1 59  ALA 59  1142 1142 ALA ALA A . n 
A 1 60  GLN 60  1143 1143 GLN GLN A . n 
A 1 61  ARG 61  1144 1144 ARG ARG A . n 
A 1 62  TRP 62  1145 1145 TRP TRP A . n 
A 1 63  HIS 63  1146 1146 HIS HIS A . n 
A 1 64  GLN 64  1147 1147 GLN GLN A . n 
A 1 65  GLY 65  1148 1148 GLY GLY A . n 
A 1 66  ASN 66  1149 1149 ASN ASN A . n 
A 1 67  GLU 67  1150 1150 GLU GLU A . n 
A 1 68  HIS 68  1151 1151 HIS HIS A . n 
A 1 69  TYR 69  1152 1152 TYR TYR A . n 
A 1 70  GLY 70  1153 1153 GLY GLY A . n 
A 1 71  ARG 71  1154 1154 ARG ARG A . n 
A 1 72  SER 72  1155 1155 SER SER A . n 
A 1 73  TRP 73  1156 1156 TRP TRP A . n 
A 1 74  GLN 74  1157 1157 GLN GLN A . n 
A 1 75  ALA 75  1158 1158 ALA ALA A . n 
A 1 76  GLY 76  1159 1159 GLY GLY A . n 
A 1 77  ASP 77  1160 1160 ASP ASP A . n 
A 1 78  VAL 78  1161 1161 VAL VAL A . n 
A 1 79  VAL 79  1162 1162 VAL VAL A . n 
A 1 80  GLY 80  1163 1163 GLY GLY A . n 
A 1 81  CYS 81  1164 1164 CYS CYS A . n 
A 1 82  MET 82  1165 1165 MET MET A . n 
A 1 83  VAL 83  1166 1166 VAL VAL A . n 
A 1 84  ASP 84  1167 1167 ASP ASP A . n 
A 1 85  MET 85  1168 1168 MET MET A . n 
A 1 86  ASN 86  1169 1169 ASN ASN A . n 
A 1 87  GLU 87  1170 1170 GLU GLU A . n 
A 1 88  HIS 88  1171 1171 HIS HIS A . n 
A 1 89  THR 89  1172 1172 THR THR A . n 
A 1 90  MET 90  1173 1173 MET MET A . n 
A 1 91  MET 91  1174 1174 MET MET A . n 
A 1 92  PHE 92  1175 1175 PHE PHE A . n 
A 1 93  THR 93  1176 1176 THR THR A . n 
A 1 94  LEU 94  1177 1177 LEU LEU A . n 
A 1 95  ASN 95  1178 1178 ASN ASN A . n 
A 1 96  GLY 96  1179 1179 GLY GLY A . n 
A 1 97  GLU 97  1180 1180 GLU GLU A . n 
A 1 98  ILE 98  1181 1181 ILE ILE A . n 
A 1 99  LEU 99  1182 1182 LEU LEU A . n 
A 1 100 LEU 100 1183 1183 LEU LEU A . n 
A 1 101 ASP 101 1184 1184 ASP ASP A . n 
A 1 102 ASP 102 1185 1185 ASP ASP A . n 
A 1 103 SER 103 1186 1186 SER SER A . n 
A 1 104 GLY 104 1187 1187 GLY GLY A . n 
A 1 105 SER 105 1188 1188 SER SER A . n 
A 1 106 GLU 106 1189 1189 GLU GLU A . n 
A 1 107 LEU 107 1190 1190 LEU LEU A . n 
A 1 108 ALA 108 1191 1191 ALA ALA A . n 
A 1 109 PHE 109 1192 1192 PHE PHE A . n 
A 1 110 LYS 110 1193 1193 LYS LYS A . n 
A 1 111 ASP 111 1194 1194 ASP ASP A . n 
A 1 112 PHE 112 1195 1195 PHE PHE A . n 
A 1 113 ASP 113 1196 1196 ASP ASP A . n 
A 1 114 VAL 114 1197 1197 VAL VAL A . n 
A 1 115 GLY 115 1198 1198 GLY GLY A . n 
A 1 116 ASP 116 1199 1199 ASP ASP A . n 
A 1 117 GLY 117 1200 1200 GLY GLY A . n 
A 1 118 PHE 118 1201 1201 PHE PHE A . n 
A 1 119 ILE 119 1202 1202 ILE ILE A . n 
A 1 120 PRO 120 1203 1203 PRO PRO A . n 
A 1 121 VAL 121 1204 1204 VAL VAL A . n 
A 1 122 CYS 122 1205 1205 CYS CYS A . n 
A 1 123 SER 123 1206 1206 SER SER A . n 
A 1 124 LEU 124 1207 1207 LEU LEU A . n 
A 1 125 GLY 125 1208 1208 GLY GLY A . n 
A 1 126 VAL 126 1209 1209 VAL VAL A . n 
A 1 127 ALA 127 1210 1210 ALA ALA A . n 
A 1 128 GLN 128 1211 1211 GLN GLN A . n 
A 1 129 VAL 129 1212 1212 VAL VAL A . n 
A 1 130 GLY 130 1213 1213 GLY GLY A . n 
A 1 131 ARG 131 1214 1214 ARG ARG A . n 
A 1 132 MET 132 1215 1215 MET MET A . n 
A 1 133 ASN 133 1216 1216 ASN ASN A . n 
A 1 134 PHE 134 1217 1217 PHE PHE A . n 
A 1 135 GLY 135 1218 1218 GLY GLY A . n 
A 1 136 LYS 136 1219 1219 LYS LYS A . n 
A 1 137 ASP 137 1220 1220 ASP ASP A . n 
A 1 138 VAL 138 1221 1221 VAL VAL A . n 
A 1 139 SER 139 1222 1222 SER SER A . n 
A 1 140 THR 140 1223 1223 THR THR A . n 
A 1 141 LEU 141 1224 1224 LEU LEU A . n 
A 1 142 LYS 142 1225 1225 LYS LYS A . n 
A 1 143 TYR 143 1226 1226 TYR TYR A . n 
A 1 144 PHE 144 1227 1227 PHE PHE A . n 
A 1 145 THR 145 1228 1228 THR THR A . n 
A 1 146 ILE 146 1229 1229 ILE ILE A . n 
A 1 147 CYS 147 1230 1230 CYS CYS A . n 
A 1 148 GLY 148 1231 1231 GLY GLY A . n 
A 1 149 LEU 149 1232 1232 LEU LEU A . n 
A 1 150 GLN 150 1233 1233 GLN GLN A . n 
A 1 151 GLU 151 1234 1234 GLU GLU A . n 
A 1 152 GLY 152 1235 1235 GLY GLY A . n 
A 1 153 TYR 153 1236 1236 TYR TYR A . n 
A 1 154 GLU 154 1237 1237 GLU GLU A . n 
A 1 155 PRO 155 1238 1238 PRO PRO A . n 
A 1 156 PHE 156 1239 1239 PHE PHE A . n 
A 1 157 ALA 157 1240 1240 ALA ALA A . n 
A 1 158 VAL 158 1241 1241 VAL VAL A . n 
A 1 159 ASN 159 1242 1242 ASN ASN A . n 
A 1 160 THR 160 1243 1243 THR THR A . n 
A 1 161 ASN 161 1244 1244 ASN ASN A . n 
A 1 162 ARG 162 1245 1245 ARG ARG A . n 
A 1 163 ASP 163 1246 1246 ASP ASP A . n 
A 1 164 ILE 164 1247 1247 ILE ILE A . n 
A 1 165 THR 165 1248 1248 THR THR A . n 
A 1 166 MET 166 1249 1249 MET MET A . n 
A 1 167 TRP 167 1250 1250 TRP TRP A . n 
A 1 168 LEU 168 1251 1251 LEU LEU A . n 
A 1 169 SER 169 1252 1252 SER SER A . n 
# 
loop_
_pdbx_nonpoly_scheme.asym_id 
_pdbx_nonpoly_scheme.entity_id 
_pdbx_nonpoly_scheme.mon_id 
_pdbx_nonpoly_scheme.ndb_seq_num 
_pdbx_nonpoly_scheme.pdb_seq_num 
_pdbx_nonpoly_scheme.auth_seq_num 
_pdbx_nonpoly_scheme.pdb_mon_id 
_pdbx_nonpoly_scheme.auth_mon_id 
_pdbx_nonpoly_scheme.pdb_strand_id 
_pdbx_nonpoly_scheme.pdb_ins_code 
B 2 GOL 1   1301 2   GOL GOL A . 
C 3 K   1   1302 1   K   K   A . 
D 4 HOH 1   1401 99  HOH HOH A . 
D 4 HOH 2   1402 134 HOH HOH A . 
D 4 HOH 3   1403 25  HOH HOH A . 
D 4 HOH 4   1404 91  HOH HOH A . 
D 4 HOH 5   1405 28  HOH HOH A . 
D 4 HOH 6   1406 20  HOH HOH A . 
D 4 HOH 7   1407 29  HOH HOH A . 
D 4 HOH 8   1408 129 HOH HOH A . 
D 4 HOH 9   1409 24  HOH HOH A . 
D 4 HOH 10  1410 3   HOH HOH A . 
D 4 HOH 11  1411 36  HOH HOH A . 
D 4 HOH 12  1412 1   HOH HOH A . 
D 4 HOH 13  1413 115 HOH HOH A . 
D 4 HOH 14  1414 54  HOH HOH A . 
D 4 HOH 15  1415 34  HOH HOH A . 
D 4 HOH 16  1416 94  HOH HOH A . 
D 4 HOH 17  1417 30  HOH HOH A . 
D 4 HOH 18  1418 53  HOH HOH A . 
D 4 HOH 19  1419 75  HOH HOH A . 
D 4 HOH 20  1420 32  HOH HOH A . 
D 4 HOH 21  1421 33  HOH HOH A . 
D 4 HOH 22  1422 26  HOH HOH A . 
D 4 HOH 23  1423 8   HOH HOH A . 
D 4 HOH 24  1424 41  HOH HOH A . 
D 4 HOH 25  1425 103 HOH HOH A . 
D 4 HOH 26  1426 60  HOH HOH A . 
D 4 HOH 27  1427 5   HOH HOH A . 
D 4 HOH 28  1428 69  HOH HOH A . 
D 4 HOH 29  1429 45  HOH HOH A . 
D 4 HOH 30  1430 130 HOH HOH A . 
D 4 HOH 31  1431 48  HOH HOH A . 
D 4 HOH 32  1432 6   HOH HOH A . 
D 4 HOH 33  1433 83  HOH HOH A . 
D 4 HOH 34  1434 74  HOH HOH A . 
D 4 HOH 35  1435 10  HOH HOH A . 
D 4 HOH 36  1436 59  HOH HOH A . 
D 4 HOH 37  1437 77  HOH HOH A . 
D 4 HOH 38  1438 55  HOH HOH A . 
D 4 HOH 39  1439 64  HOH HOH A . 
D 4 HOH 40  1440 65  HOH HOH A . 
D 4 HOH 41  1441 111 HOH HOH A . 
D 4 HOH 42  1442 123 HOH HOH A . 
D 4 HOH 43  1443 2   HOH HOH A . 
D 4 HOH 44  1444 113 HOH HOH A . 
D 4 HOH 45  1445 4   HOH HOH A . 
D 4 HOH 46  1446 52  HOH HOH A . 
D 4 HOH 47  1447 70  HOH HOH A . 
D 4 HOH 48  1448 76  HOH HOH A . 
D 4 HOH 49  1449 120 HOH HOH A . 
D 4 HOH 50  1450 89  HOH HOH A . 
D 4 HOH 51  1451 73  HOH HOH A . 
D 4 HOH 52  1452 19  HOH HOH A . 
D 4 HOH 53  1453 100 HOH HOH A . 
D 4 HOH 54  1454 88  HOH HOH A . 
D 4 HOH 55  1455 37  HOH HOH A . 
D 4 HOH 56  1456 11  HOH HOH A . 
D 4 HOH 57  1457 50  HOH HOH A . 
D 4 HOH 58  1458 14  HOH HOH A . 
D 4 HOH 59  1459 133 HOH HOH A . 
D 4 HOH 60  1460 21  HOH HOH A . 
D 4 HOH 61  1461 15  HOH HOH A . 
D 4 HOH 62  1462 23  HOH HOH A . 
D 4 HOH 63  1463 96  HOH HOH A . 
D 4 HOH 64  1464 27  HOH HOH A . 
D 4 HOH 65  1465 102 HOH HOH A . 
D 4 HOH 66  1466 67  HOH HOH A . 
D 4 HOH 67  1467 17  HOH HOH A . 
D 4 HOH 68  1468 42  HOH HOH A . 
D 4 HOH 69  1469 12  HOH HOH A . 
D 4 HOH 70  1470 105 HOH HOH A . 
D 4 HOH 71  1471 16  HOH HOH A . 
D 4 HOH 72  1472 97  HOH HOH A . 
D 4 HOH 73  1473 13  HOH HOH A . 
D 4 HOH 74  1474 137 HOH HOH A . 
D 4 HOH 75  1475 87  HOH HOH A . 
D 4 HOH 76  1476 40  HOH HOH A . 
D 4 HOH 77  1477 44  HOH HOH A . 
D 4 HOH 78  1478 7   HOH HOH A . 
D 4 HOH 79  1479 138 HOH HOH A . 
D 4 HOH 80  1480 46  HOH HOH A . 
D 4 HOH 81  1481 43  HOH HOH A . 
D 4 HOH 82  1482 31  HOH HOH A . 
D 4 HOH 83  1483 22  HOH HOH A . 
D 4 HOH 84  1484 39  HOH HOH A . 
D 4 HOH 85  1485 18  HOH HOH A . 
D 4 HOH 86  1486 72  HOH HOH A . 
D 4 HOH 87  1487 49  HOH HOH A . 
D 4 HOH 88  1488 135 HOH HOH A . 
D 4 HOH 89  1489 57  HOH HOH A . 
D 4 HOH 90  1490 78  HOH HOH A . 
D 4 HOH 91  1491 35  HOH HOH A . 
D 4 HOH 92  1492 85  HOH HOH A . 
D 4 HOH 93  1493 95  HOH HOH A . 
D 4 HOH 94  1494 62  HOH HOH A . 
D 4 HOH 95  1495 68  HOH HOH A . 
D 4 HOH 96  1496 56  HOH HOH A . 
D 4 HOH 97  1497 80  HOH HOH A . 
D 4 HOH 98  1498 128 HOH HOH A . 
D 4 HOH 99  1499 131 HOH HOH A . 
D 4 HOH 100 1500 124 HOH HOH A . 
D 4 HOH 101 1501 116 HOH HOH A . 
D 4 HOH 102 1502 110 HOH HOH A . 
D 4 HOH 103 1503 63  HOH HOH A . 
D 4 HOH 104 1504 58  HOH HOH A . 
D 4 HOH 105 1505 108 HOH HOH A . 
D 4 HOH 106 1506 9   HOH HOH A . 
D 4 HOH 107 1507 136 HOH HOH A . 
D 4 HOH 108 1508 84  HOH HOH A . 
D 4 HOH 109 1509 66  HOH HOH A . 
D 4 HOH 110 1510 122 HOH HOH A . 
D 4 HOH 111 1511 71  HOH HOH A . 
# 
_pdbx_struct_assembly.id                   1 
_pdbx_struct_assembly.details              author_defined_assembly 
_pdbx_struct_assembly.method_details       ? 
_pdbx_struct_assembly.oligomeric_details   monomeric 
_pdbx_struct_assembly.oligomeric_count     1 
# 
_pdbx_struct_assembly_gen.assembly_id       1 
_pdbx_struct_assembly_gen.oper_expression   1 
_pdbx_struct_assembly_gen.asym_id_list      A,B,C,D 
# 
loop_
_pdbx_struct_assembly_prop.biol_id 
_pdbx_struct_assembly_prop.type 
_pdbx_struct_assembly_prop.value 
_pdbx_struct_assembly_prop.details 
1 'ABSA (A^2)' 350  ? 
1 MORE         -0   ? 
1 'SSA (A^2)'  8600 ? 
# 
_pdbx_struct_oper_list.id                   1 
_pdbx_struct_oper_list.type                 'identity operation' 
_pdbx_struct_oper_list.name                 1_555 
_pdbx_struct_oper_list.symmetry_operation   x,y,z 
_pdbx_struct_oper_list.matrix[1][1]         1.0000000000 
_pdbx_struct_oper_list.matrix[1][2]         0.0000000000 
_pdbx_struct_oper_list.matrix[1][3]         0.0000000000 
_pdbx_struct_oper_list.vector[1]            0.0000000000 
_pdbx_struct_oper_list.matrix[2][1]         0.0000000000 
_pdbx_struct_oper_list.matrix[2][2]         1.0000000000 
_pdbx_struct_oper_list.matrix[2][3]         0.0000000000 
_pdbx_struct_oper_list.vector[2]            0.0000000000 
_pdbx_struct_oper_list.matrix[3][1]         0.0000000000 
_pdbx_struct_oper_list.matrix[3][2]         0.0000000000 
_pdbx_struct_oper_list.matrix[3][3]         1.0000000000 
_pdbx_struct_oper_list.vector[3]            0.0000000000 
# 
loop_
_pdbx_struct_special_symmetry.id 
_pdbx_struct_special_symmetry.PDB_model_num 
_pdbx_struct_special_symmetry.auth_asym_id 
_pdbx_struct_special_symmetry.auth_comp_id 
_pdbx_struct_special_symmetry.auth_seq_id 
_pdbx_struct_special_symmetry.PDB_ins_code 
_pdbx_struct_special_symmetry.label_asym_id 
_pdbx_struct_special_symmetry.label_comp_id 
_pdbx_struct_special_symmetry.label_seq_id 
1 1 A K   1302 ? C K   . 
2 1 A HOH 1508 ? D HOH . 
# 
loop_
_pdbx_struct_conn_angle.id 
_pdbx_struct_conn_angle.ptnr1_label_atom_id 
_pdbx_struct_conn_angle.ptnr1_label_alt_id 
_pdbx_struct_conn_angle.ptnr1_label_asym_id 
_pdbx_struct_conn_angle.ptnr1_label_comp_id 
_pdbx_struct_conn_angle.ptnr1_label_seq_id 
_pdbx_struct_conn_angle.ptnr1_auth_atom_id 
_pdbx_struct_conn_angle.ptnr1_auth_asym_id 
_pdbx_struct_conn_angle.ptnr1_auth_comp_id 
_pdbx_struct_conn_angle.ptnr1_auth_seq_id 
_pdbx_struct_conn_angle.ptnr1_PDB_ins_code 
_pdbx_struct_conn_angle.ptnr1_symmetry 
_pdbx_struct_conn_angle.ptnr2_label_atom_id 
_pdbx_struct_conn_angle.ptnr2_label_alt_id 
_pdbx_struct_conn_angle.ptnr2_label_asym_id 
_pdbx_struct_conn_angle.ptnr2_label_comp_id 
_pdbx_struct_conn_angle.ptnr2_label_seq_id 
_pdbx_struct_conn_angle.ptnr2_auth_atom_id 
_pdbx_struct_conn_angle.ptnr2_auth_asym_id 
_pdbx_struct_conn_angle.ptnr2_auth_comp_id 
_pdbx_struct_conn_angle.ptnr2_auth_seq_id 
_pdbx_struct_conn_angle.ptnr2_PDB_ins_code 
_pdbx_struct_conn_angle.ptnr2_symmetry 
_pdbx_struct_conn_angle.ptnr3_label_atom_id 
_pdbx_struct_conn_angle.ptnr3_label_alt_id 
_pdbx_struct_conn_angle.ptnr3_label_asym_id 
_pdbx_struct_conn_angle.ptnr3_label_comp_id 
_pdbx_struct_conn_angle.ptnr3_label_seq_id 
_pdbx_struct_conn_angle.ptnr3_auth_atom_id 
_pdbx_struct_conn_angle.ptnr3_auth_asym_id 
_pdbx_struct_conn_angle.ptnr3_auth_comp_id 
_pdbx_struct_conn_angle.ptnr3_auth_seq_id 
_pdbx_struct_conn_angle.ptnr3_PDB_ins_code 
_pdbx_struct_conn_angle.ptnr3_symmetry 
_pdbx_struct_conn_angle.value 
_pdbx_struct_conn_angle.value_esd 
1  OH ? A TYR 11  ? A TYR 1094 ? 1_555 K ? C K . ? A K 1302 ? 1_555 OH ? A TYR 11  ? A TYR 1094 ? 1_555 0.0   ? 
2  OH ? A TYR 11  ? A TYR 1094 ? 1_555 K ? C K . ? A K 1302 ? 1_555 O  ? A THR 160 ? A THR 1243 ? 1_555 73.0  ? 
3  OH ? A TYR 11  ? A TYR 1094 ? 1_555 K ? C K . ? A K 1302 ? 1_555 O  ? A THR 160 ? A THR 1243 ? 1_555 73.0  ? 
4  OH ? A TYR 11  ? A TYR 1094 ? 1_555 K ? C K . ? A K 1302 ? 1_555 O  ? A THR 160 ? A THR 1243 ? 1_555 73.0  ? 
5  OH ? A TYR 11  ? A TYR 1094 ? 1_555 K ? C K . ? A K 1302 ? 1_555 O  ? A THR 160 ? A THR 1243 ? 1_555 73.0  ? 
6  O  ? A THR 160 ? A THR 1243 ? 1_555 K ? C K . ? A K 1302 ? 1_555 O  ? A THR 160 ? A THR 1243 ? 1_555 0.0   ? 
7  OH ? A TYR 11  ? A TYR 1094 ? 1_555 K ? C K . ? A K 1302 ? 1_555 O  ? D HOH .   ? A HOH 1459 ? 1_555 106.5 ? 
8  OH ? A TYR 11  ? A TYR 1094 ? 1_555 K ? C K . ? A K 1302 ? 1_555 O  ? D HOH .   ? A HOH 1459 ? 1_555 106.5 ? 
9  O  ? A THR 160 ? A THR 1243 ? 1_555 K ? C K . ? A K 1302 ? 1_555 O  ? D HOH .   ? A HOH 1459 ? 1_555 81.5  ? 
10 O  ? A THR 160 ? A THR 1243 ? 1_555 K ? C K . ? A K 1302 ? 1_555 O  ? D HOH .   ? A HOH 1459 ? 1_555 81.5  ? 
11 OH ? A TYR 11  ? A TYR 1094 ? 1_555 K ? C K . ? A K 1302 ? 1_555 O  ? D HOH .   ? A HOH 1459 ? 2_555 142.0 ? 
12 OH ? A TYR 11  ? A TYR 1094 ? 1_555 K ? C K . ? A K 1302 ? 1_555 O  ? D HOH .   ? A HOH 1459 ? 2_555 142.0 ? 
13 O  ? A THR 160 ? A THR 1243 ? 1_555 K ? C K . ? A K 1302 ? 1_555 O  ? D HOH .   ? A HOH 1459 ? 2_555 77.6  ? 
14 O  ? A THR 160 ? A THR 1243 ? 1_555 K ? C K . ? A K 1302 ? 1_555 O  ? D HOH .   ? A HOH 1459 ? 2_555 77.6  ? 
15 O  ? D HOH .   ? A HOH 1459 ? 1_555 K ? C K . ? A K 1302 ? 1_555 O  ? D HOH .   ? A HOH 1459 ? 2_555 92.2  ? 
# 
loop_
_pdbx_audit_revision_history.ordinal 
_pdbx_audit_revision_history.data_content_type 
_pdbx_audit_revision_history.major_revision 
_pdbx_audit_revision_history.minor_revision 
_pdbx_audit_revision_history.revision_date 
1 'Structure model' 1 0 2018-05-23 
2 'Structure model' 1 1 2019-06-12 
3 'Structure model' 1 2 2023-10-04 
# 
_pdbx_audit_revision_details.ordinal             1 
_pdbx_audit_revision_details.revision_ordinal    1 
_pdbx_audit_revision_details.data_content_type   'Structure model' 
_pdbx_audit_revision_details.provider            repository 
_pdbx_audit_revision_details.type                'Initial release' 
_pdbx_audit_revision_details.description         ? 
_pdbx_audit_revision_details.details             ? 
# 
loop_
_pdbx_audit_revision_group.ordinal 
_pdbx_audit_revision_group.revision_ordinal 
_pdbx_audit_revision_group.data_content_type 
_pdbx_audit_revision_group.group 
1 2 'Structure model' 'Data collection'        
2 2 'Structure model' 'Database references'    
3 3 'Structure model' 'Data collection'        
4 3 'Structure model' 'Database references'    
5 3 'Structure model' 'Derived calculations'   
6 3 'Structure model' 'Refinement description' 
# 
loop_
_pdbx_audit_revision_category.ordinal 
_pdbx_audit_revision_category.revision_ordinal 
_pdbx_audit_revision_category.data_content_type 
_pdbx_audit_revision_category.category 
1 2 'Structure model' citation                      
2 2 'Structure model' citation_author               
3 3 'Structure model' chem_comp_atom                
4 3 'Structure model' chem_comp_bond                
5 3 'Structure model' database_2                    
6 3 'Structure model' pdbx_initial_refinement_model 
7 3 'Structure model' pdbx_struct_conn_angle        
8 3 'Structure model' struct_conn                   
# 
loop_
_pdbx_audit_revision_item.ordinal 
_pdbx_audit_revision_item.revision_ordinal 
_pdbx_audit_revision_item.data_content_type 
_pdbx_audit_revision_item.item 
1  2 'Structure model' '_citation.journal_abbrev'                    
2  2 'Structure model' '_citation.journal_id_CSD'                    
3  2 'Structure model' '_citation.journal_id_ISSN'                   
4  2 'Structure model' '_citation.journal_volume'                    
5  2 'Structure model' '_citation.pdbx_database_id_DOI'              
6  2 'Structure model' '_citation.pdbx_database_id_PubMed'           
7  2 'Structure model' '_citation.title'                             
8  2 'Structure model' '_citation.year'                              
9  3 'Structure model' '_database_2.pdbx_DOI'                        
10 3 'Structure model' '_database_2.pdbx_database_accession'         
11 3 'Structure model' '_pdbx_struct_conn_angle.ptnr1_auth_comp_id'  
12 3 'Structure model' '_pdbx_struct_conn_angle.ptnr1_auth_seq_id'   
13 3 'Structure model' '_pdbx_struct_conn_angle.ptnr1_label_asym_id' 
14 3 'Structure model' '_pdbx_struct_conn_angle.ptnr1_label_atom_id' 
15 3 'Structure model' '_pdbx_struct_conn_angle.ptnr1_label_comp_id' 
16 3 'Structure model' '_pdbx_struct_conn_angle.ptnr1_label_seq_id'  
17 3 'Structure model' '_pdbx_struct_conn_angle.ptnr3_auth_comp_id'  
18 3 'Structure model' '_pdbx_struct_conn_angle.ptnr3_auth_seq_id'   
19 3 'Structure model' '_pdbx_struct_conn_angle.ptnr3_label_asym_id' 
20 3 'Structure model' '_pdbx_struct_conn_angle.ptnr3_label_atom_id' 
21 3 'Structure model' '_pdbx_struct_conn_angle.ptnr3_label_comp_id' 
22 3 'Structure model' '_pdbx_struct_conn_angle.ptnr3_label_seq_id'  
23 3 'Structure model' '_pdbx_struct_conn_angle.value'               
24 3 'Structure model' '_struct_conn.pdbx_dist_value'                
25 3 'Structure model' '_struct_conn.ptnr1_auth_comp_id'             
26 3 'Structure model' '_struct_conn.ptnr1_auth_seq_id'              
27 3 'Structure model' '_struct_conn.ptnr1_label_asym_id'            
28 3 'Structure model' '_struct_conn.ptnr1_label_atom_id'            
29 3 'Structure model' '_struct_conn.ptnr1_label_comp_id'            
30 3 'Structure model' '_struct_conn.ptnr1_label_seq_id'             
31 3 'Structure model' '_struct_conn.ptnr2_auth_comp_id'             
32 3 'Structure model' '_struct_conn.ptnr2_auth_seq_id'              
33 3 'Structure model' '_struct_conn.ptnr2_label_asym_id'            
34 3 'Structure model' '_struct_conn.ptnr2_label_atom_id'            
35 3 'Structure model' '_struct_conn.ptnr2_label_comp_id'            
36 3 'Structure model' '_struct_conn.ptnr2_symmetry'                 
# 
loop_
_software.citation_id 
_software.classification 
_software.compiler_name 
_software.compiler_version 
_software.contact_author 
_software.contact_author_email 
_software.date 
_software.description 
_software.dependencies 
_software.hardware 
_software.language 
_software.location 
_software.mods 
_software.name 
_software.os 
_software.os_version 
_software.type 
_software.version 
_software.pdbx_ordinal 
? 'data scaling'    ? ? ? ? ? ? ? ? ? ? ? HKL-2000    ? ? ? .           1 
? refinement        ? ? ? ? ? ? ? ? ? ? ? PHENIX      ? ? ? 1.11.1_2575 2 
? 'data extraction' ? ? ? ? ? ? ? ? ? ? ? PDB_EXTRACT ? ? ? 3.22        3 
? 'model building'  ? ? ? ? ? ? ? ? ? ? ? Coot        ? ? ? .           4 
? 'data reduction'  ? ? ? ? ? ? ? ? ? ? ? HKL-2000    ? ? ? .           5 
? phasing           ? ? ? ? ? ? ? ? ? ? ? PHENIX      ? ? ? 1.11.1_2575 6 
# 
_pdbx_validate_close_contact.id               1 
_pdbx_validate_close_contact.PDB_model_num    1 
_pdbx_validate_close_contact.auth_atom_id_1   NH1 
_pdbx_validate_close_contact.auth_asym_id_1   A 
_pdbx_validate_close_contact.auth_comp_id_1   ARG 
_pdbx_validate_close_contact.auth_seq_id_1    1119 
_pdbx_validate_close_contact.PDB_ins_code_1   ? 
_pdbx_validate_close_contact.label_alt_id_1   A 
_pdbx_validate_close_contact.auth_atom_id_2   O 
_pdbx_validate_close_contact.auth_asym_id_2   A 
_pdbx_validate_close_contact.auth_comp_id_2   HOH 
_pdbx_validate_close_contact.auth_seq_id_2    1401 
_pdbx_validate_close_contact.PDB_ins_code_2   ? 
_pdbx_validate_close_contact.label_alt_id_2   ? 
_pdbx_validate_close_contact.dist             2.19 
# 
loop_
_pdbx_validate_torsion.id 
_pdbx_validate_torsion.PDB_model_num 
_pdbx_validate_torsion.auth_comp_id 
_pdbx_validate_torsion.auth_asym_id 
_pdbx_validate_torsion.auth_seq_id 
_pdbx_validate_torsion.PDB_ins_code 
_pdbx_validate_torsion.label_alt_id 
_pdbx_validate_torsion.phi 
_pdbx_validate_torsion.psi 
1 1 LEU A 1124 ? ? -110.35 59.56   
2 1 ASP A 1131 ? ? -136.43 -157.95 
3 1 ASP A 1131 ? ? -136.43 -159.69 
# 
loop_
_pdbx_unobs_or_zero_occ_atoms.id 
_pdbx_unobs_or_zero_occ_atoms.PDB_model_num 
_pdbx_unobs_or_zero_occ_atoms.polymer_flag 
_pdbx_unobs_or_zero_occ_atoms.occupancy_flag 
_pdbx_unobs_or_zero_occ_atoms.auth_asym_id 
_pdbx_unobs_or_zero_occ_atoms.auth_comp_id 
_pdbx_unobs_or_zero_occ_atoms.auth_seq_id 
_pdbx_unobs_or_zero_occ_atoms.PDB_ins_code 
_pdbx_unobs_or_zero_occ_atoms.auth_atom_id 
_pdbx_unobs_or_zero_occ_atoms.label_alt_id 
_pdbx_unobs_or_zero_occ_atoms.label_asym_id 
_pdbx_unobs_or_zero_occ_atoms.label_comp_id 
_pdbx_unobs_or_zero_occ_atoms.label_seq_id 
_pdbx_unobs_or_zero_occ_atoms.label_atom_id 
1  1 Y 1 A ARG 1084 ? CG  ? A ARG 1   CG  
2  1 Y 1 A ARG 1084 ? CD  ? A ARG 1   CD  
3  1 Y 1 A ARG 1084 ? NE  ? A ARG 1   NE  
4  1 Y 1 A ARG 1084 ? CZ  ? A ARG 1   CZ  
5  1 Y 1 A ARG 1084 ? NH1 ? A ARG 1   NH1 
6  1 Y 1 A ARG 1084 ? NH2 ? A ARG 1   NH2 
7  1 Y 1 A PHE 1085 ? CG  ? A PHE 2   CG  
8  1 Y 1 A PHE 1085 ? CD1 ? A PHE 2   CD1 
9  1 Y 1 A PHE 1085 ? CD2 ? A PHE 2   CD2 
10 1 Y 1 A PHE 1085 ? CE1 ? A PHE 2   CE1 
11 1 Y 1 A PHE 1085 ? CE2 ? A PHE 2   CE2 
12 1 Y 1 A PHE 1085 ? CZ  ? A PHE 2   CZ  
13 1 Y 1 A GLN 1123 ? CG  ? A GLN 40  CG  
14 1 Y 1 A GLN 1123 ? CD  ? A GLN 40  CD  
15 1 Y 1 A GLN 1123 ? OE1 ? A GLN 40  OE1 
16 1 Y 1 A GLN 1123 ? NE2 ? A GLN 40  NE2 
17 1 Y 1 A VAL 1209 ? CG1 ? A VAL 126 CG1 
18 1 Y 1 A VAL 1209 ? CG2 ? A VAL 126 CG2 
19 1 Y 1 A LYS 1225 ? CG  ? A LYS 142 CG  
20 1 Y 1 A LYS 1225 ? CD  ? A LYS 142 CD  
21 1 Y 1 A LYS 1225 ? CE  ? A LYS 142 CE  
22 1 Y 1 A LYS 1225 ? NZ  ? A LYS 142 NZ  
# 
loop_
_chem_comp_atom.comp_id 
_chem_comp_atom.atom_id 
_chem_comp_atom.type_symbol 
_chem_comp_atom.pdbx_aromatic_flag 
_chem_comp_atom.pdbx_stereo_config 
_chem_comp_atom.pdbx_ordinal 
ALA N    N N N 1   
ALA CA   C N S 2   
ALA C    C N N 3   
ALA O    O N N 4   
ALA CB   C N N 5   
ALA OXT  O N N 6   
ALA H    H N N 7   
ALA H2   H N N 8   
ALA HA   H N N 9   
ALA HB1  H N N 10  
ALA HB2  H N N 11  
ALA HB3  H N N 12  
ALA HXT  H N N 13  
ARG N    N N N 14  
ARG CA   C N S 15  
ARG C    C N N 16  
ARG O    O N N 17  
ARG CB   C N N 18  
ARG CG   C N N 19  
ARG CD   C N N 20  
ARG NE   N N N 21  
ARG CZ   C N N 22  
ARG NH1  N N N 23  
ARG NH2  N N N 24  
ARG OXT  O N N 25  
ARG H    H N N 26  
ARG H2   H N N 27  
ARG HA   H N N 28  
ARG HB2  H N N 29  
ARG HB3  H N N 30  
ARG HG2  H N N 31  
ARG HG3  H N N 32  
ARG HD2  H N N 33  
ARG HD3  H N N 34  
ARG HE   H N N 35  
ARG HH11 H N N 36  
ARG HH12 H N N 37  
ARG HH21 H N N 38  
ARG HH22 H N N 39  
ARG HXT  H N N 40  
ASN N    N N N 41  
ASN CA   C N S 42  
ASN C    C N N 43  
ASN O    O N N 44  
ASN CB   C N N 45  
ASN CG   C N N 46  
ASN OD1  O N N 47  
ASN ND2  N N N 48  
ASN OXT  O N N 49  
ASN H    H N N 50  
ASN H2   H N N 51  
ASN HA   H N N 52  
ASN HB2  H N N 53  
ASN HB3  H N N 54  
ASN HD21 H N N 55  
ASN HD22 H N N 56  
ASN HXT  H N N 57  
ASP N    N N N 58  
ASP CA   C N S 59  
ASP C    C N N 60  
ASP O    O N N 61  
ASP CB   C N N 62  
ASP CG   C N N 63  
ASP OD1  O N N 64  
ASP OD2  O N N 65  
ASP OXT  O N N 66  
ASP H    H N N 67  
ASP H2   H N N 68  
ASP HA   H N N 69  
ASP HB2  H N N 70  
ASP HB3  H N N 71  
ASP HD2  H N N 72  
ASP HXT  H N N 73  
CYS N    N N N 74  
CYS CA   C N R 75  
CYS C    C N N 76  
CYS O    O N N 77  
CYS CB   C N N 78  
CYS SG   S N N 79  
CYS OXT  O N N 80  
CYS H    H N N 81  
CYS H2   H N N 82  
CYS HA   H N N 83  
CYS HB2  H N N 84  
CYS HB3  H N N 85  
CYS HG   H N N 86  
CYS HXT  H N N 87  
GLN N    N N N 88  
GLN CA   C N S 89  
GLN C    C N N 90  
GLN O    O N N 91  
GLN CB   C N N 92  
GLN CG   C N N 93  
GLN CD   C N N 94  
GLN OE1  O N N 95  
GLN NE2  N N N 96  
GLN OXT  O N N 97  
GLN H    H N N 98  
GLN H2   H N N 99  
GLN HA   H N N 100 
GLN HB2  H N N 101 
GLN HB3  H N N 102 
GLN HG2  H N N 103 
GLN HG3  H N N 104 
GLN HE21 H N N 105 
GLN HE22 H N N 106 
GLN HXT  H N N 107 
GLU N    N N N 108 
GLU CA   C N S 109 
GLU C    C N N 110 
GLU O    O N N 111 
GLU CB   C N N 112 
GLU CG   C N N 113 
GLU CD   C N N 114 
GLU OE1  O N N 115 
GLU OE2  O N N 116 
GLU OXT  O N N 117 
GLU H    H N N 118 
GLU H2   H N N 119 
GLU HA   H N N 120 
GLU HB2  H N N 121 
GLU HB3  H N N 122 
GLU HG2  H N N 123 
GLU HG3  H N N 124 
GLU HE2  H N N 125 
GLU HXT  H N N 126 
GLY N    N N N 127 
GLY CA   C N N 128 
GLY C    C N N 129 
GLY O    O N N 130 
GLY OXT  O N N 131 
GLY H    H N N 132 
GLY H2   H N N 133 
GLY HA2  H N N 134 
GLY HA3  H N N 135 
GLY HXT  H N N 136 
GOL C1   C N N 137 
GOL O1   O N N 138 
GOL C2   C N N 139 
GOL O2   O N N 140 
GOL C3   C N N 141 
GOL O3   O N N 142 
GOL H11  H N N 143 
GOL H12  H N N 144 
GOL HO1  H N N 145 
GOL H2   H N N 146 
GOL HO2  H N N 147 
GOL H31  H N N 148 
GOL H32  H N N 149 
GOL HO3  H N N 150 
HIS N    N N N 151 
HIS CA   C N S 152 
HIS C    C N N 153 
HIS O    O N N 154 
HIS CB   C N N 155 
HIS CG   C Y N 156 
HIS ND1  N Y N 157 
HIS CD2  C Y N 158 
HIS CE1  C Y N 159 
HIS NE2  N Y N 160 
HIS OXT  O N N 161 
HIS H    H N N 162 
HIS H2   H N N 163 
HIS HA   H N N 164 
HIS HB2  H N N 165 
HIS HB3  H N N 166 
HIS HD1  H N N 167 
HIS HD2  H N N 168 
HIS HE1  H N N 169 
HIS HE2  H N N 170 
HIS HXT  H N N 171 
HOH O    O N N 172 
HOH H1   H N N 173 
HOH H2   H N N 174 
ILE N    N N N 175 
ILE CA   C N S 176 
ILE C    C N N 177 
ILE O    O N N 178 
ILE CB   C N S 179 
ILE CG1  C N N 180 
ILE CG2  C N N 181 
ILE CD1  C N N 182 
ILE OXT  O N N 183 
ILE H    H N N 184 
ILE H2   H N N 185 
ILE HA   H N N 186 
ILE HB   H N N 187 
ILE HG12 H N N 188 
ILE HG13 H N N 189 
ILE HG21 H N N 190 
ILE HG22 H N N 191 
ILE HG23 H N N 192 
ILE HD11 H N N 193 
ILE HD12 H N N 194 
ILE HD13 H N N 195 
ILE HXT  H N N 196 
K   K    K N N 197 
LEU N    N N N 198 
LEU CA   C N S 199 
LEU C    C N N 200 
LEU O    O N N 201 
LEU CB   C N N 202 
LEU CG   C N N 203 
LEU CD1  C N N 204 
LEU CD2  C N N 205 
LEU OXT  O N N 206 
LEU H    H N N 207 
LEU H2   H N N 208 
LEU HA   H N N 209 
LEU HB2  H N N 210 
LEU HB3  H N N 211 
LEU HG   H N N 212 
LEU HD11 H N N 213 
LEU HD12 H N N 214 
LEU HD13 H N N 215 
LEU HD21 H N N 216 
LEU HD22 H N N 217 
LEU HD23 H N N 218 
LEU HXT  H N N 219 
LYS N    N N N 220 
LYS CA   C N S 221 
LYS C    C N N 222 
LYS O    O N N 223 
LYS CB   C N N 224 
LYS CG   C N N 225 
LYS CD   C N N 226 
LYS CE   C N N 227 
LYS NZ   N N N 228 
LYS OXT  O N N 229 
LYS H    H N N 230 
LYS H2   H N N 231 
LYS HA   H N N 232 
LYS HB2  H N N 233 
LYS HB3  H N N 234 
LYS HG2  H N N 235 
LYS HG3  H N N 236 
LYS HD2  H N N 237 
LYS HD3  H N N 238 
LYS HE2  H N N 239 
LYS HE3  H N N 240 
LYS HZ1  H N N 241 
LYS HZ2  H N N 242 
LYS HZ3  H N N 243 
LYS HXT  H N N 244 
MET N    N N N 245 
MET CA   C N S 246 
MET C    C N N 247 
MET O    O N N 248 
MET CB   C N N 249 
MET CG   C N N 250 
MET SD   S N N 251 
MET CE   C N N 252 
MET OXT  O N N 253 
MET H    H N N 254 
MET H2   H N N 255 
MET HA   H N N 256 
MET HB2  H N N 257 
MET HB3  H N N 258 
MET HG2  H N N 259 
MET HG3  H N N 260 
MET HE1  H N N 261 
MET HE2  H N N 262 
MET HE3  H N N 263 
MET HXT  H N N 264 
PHE N    N N N 265 
PHE CA   C N S 266 
PHE C    C N N 267 
PHE O    O N N 268 
PHE CB   C N N 269 
PHE CG   C Y N 270 
PHE CD1  C Y N 271 
PHE CD2  C Y N 272 
PHE CE1  C Y N 273 
PHE CE2  C Y N 274 
PHE CZ   C Y N 275 
PHE OXT  O N N 276 
PHE H    H N N 277 
PHE H2   H N N 278 
PHE HA   H N N 279 
PHE HB2  H N N 280 
PHE HB3  H N N 281 
PHE HD1  H N N 282 
PHE HD2  H N N 283 
PHE HE1  H N N 284 
PHE HE2  H N N 285 
PHE HZ   H N N 286 
PHE HXT  H N N 287 
PRO N    N N N 288 
PRO CA   C N S 289 
PRO C    C N N 290 
PRO O    O N N 291 
PRO CB   C N N 292 
PRO CG   C N N 293 
PRO CD   C N N 294 
PRO OXT  O N N 295 
PRO H    H N N 296 
PRO HA   H N N 297 
PRO HB2  H N N 298 
PRO HB3  H N N 299 
PRO HG2  H N N 300 
PRO HG3  H N N 301 
PRO HD2  H N N 302 
PRO HD3  H N N 303 
PRO HXT  H N N 304 
SER N    N N N 305 
SER CA   C N S 306 
SER C    C N N 307 
SER O    O N N 308 
SER CB   C N N 309 
SER OG   O N N 310 
SER OXT  O N N 311 
SER H    H N N 312 
SER H2   H N N 313 
SER HA   H N N 314 
SER HB2  H N N 315 
SER HB3  H N N 316 
SER HG   H N N 317 
SER HXT  H N N 318 
THR N    N N N 319 
THR CA   C N S 320 
THR C    C N N 321 
THR O    O N N 322 
THR CB   C N R 323 
THR OG1  O N N 324 
THR CG2  C N N 325 
THR OXT  O N N 326 
THR H    H N N 327 
THR H2   H N N 328 
THR HA   H N N 329 
THR HB   H N N 330 
THR HG1  H N N 331 
THR HG21 H N N 332 
THR HG22 H N N 333 
THR HG23 H N N 334 
THR HXT  H N N 335 
TRP N    N N N 336 
TRP CA   C N S 337 
TRP C    C N N 338 
TRP O    O N N 339 
TRP CB   C N N 340 
TRP CG   C Y N 341 
TRP CD1  C Y N 342 
TRP CD2  C Y N 343 
TRP NE1  N Y N 344 
TRP CE2  C Y N 345 
TRP CE3  C Y N 346 
TRP CZ2  C Y N 347 
TRP CZ3  C Y N 348 
TRP CH2  C Y N 349 
TRP OXT  O N N 350 
TRP H    H N N 351 
TRP H2   H N N 352 
TRP HA   H N N 353 
TRP HB2  H N N 354 
TRP HB3  H N N 355 
TRP HD1  H N N 356 
TRP HE1  H N N 357 
TRP HE3  H N N 358 
TRP HZ2  H N N 359 
TRP HZ3  H N N 360 
TRP HH2  H N N 361 
TRP HXT  H N N 362 
TYR N    N N N 363 
TYR CA   C N S 364 
TYR C    C N N 365 
TYR O    O N N 366 
TYR CB   C N N 367 
TYR CG   C Y N 368 
TYR CD1  C Y N 369 
TYR CD2  C Y N 370 
TYR CE1  C Y N 371 
TYR CE2  C Y N 372 
TYR CZ   C Y N 373 
TYR OH   O N N 374 
TYR OXT  O N N 375 
TYR H    H N N 376 
TYR H2   H N N 377 
TYR HA   H N N 378 
TYR HB2  H N N 379 
TYR HB3  H N N 380 
TYR HD1  H N N 381 
TYR HD2  H N N 382 
TYR HE1  H N N 383 
TYR HE2  H N N 384 
TYR HH   H N N 385 
TYR HXT  H N N 386 
VAL N    N N N 387 
VAL CA   C N S 388 
VAL C    C N N 389 
VAL O    O N N 390 
VAL CB   C N N 391 
VAL CG1  C N N 392 
VAL CG2  C N N 393 
VAL OXT  O N N 394 
VAL H    H N N 395 
VAL H2   H N N 396 
VAL HA   H N N 397 
VAL HB   H N N 398 
VAL HG11 H N N 399 
VAL HG12 H N N 400 
VAL HG13 H N N 401 
VAL HG21 H N N 402 
VAL HG22 H N N 403 
VAL HG23 H N N 404 
VAL HXT  H N N 405 
# 
loop_
_chem_comp_bond.comp_id 
_chem_comp_bond.atom_id_1 
_chem_comp_bond.atom_id_2 
_chem_comp_bond.value_order 
_chem_comp_bond.pdbx_aromatic_flag 
_chem_comp_bond.pdbx_stereo_config 
_chem_comp_bond.pdbx_ordinal 
ALA N   CA   sing N N 1   
ALA N   H    sing N N 2   
ALA N   H2   sing N N 3   
ALA CA  C    sing N N 4   
ALA CA  CB   sing N N 5   
ALA CA  HA   sing N N 6   
ALA C   O    doub N N 7   
ALA C   OXT  sing N N 8   
ALA CB  HB1  sing N N 9   
ALA CB  HB2  sing N N 10  
ALA CB  HB3  sing N N 11  
ALA OXT HXT  sing N N 12  
ARG N   CA   sing N N 13  
ARG N   H    sing N N 14  
ARG N   H2   sing N N 15  
ARG CA  C    sing N N 16  
ARG CA  CB   sing N N 17  
ARG CA  HA   sing N N 18  
ARG C   O    doub N N 19  
ARG C   OXT  sing N N 20  
ARG CB  CG   sing N N 21  
ARG CB  HB2  sing N N 22  
ARG CB  HB3  sing N N 23  
ARG CG  CD   sing N N 24  
ARG CG  HG2  sing N N 25  
ARG CG  HG3  sing N N 26  
ARG CD  NE   sing N N 27  
ARG CD  HD2  sing N N 28  
ARG CD  HD3  sing N N 29  
ARG NE  CZ   sing N N 30  
ARG NE  HE   sing N N 31  
ARG CZ  NH1  sing N N 32  
ARG CZ  NH2  doub N N 33  
ARG NH1 HH11 sing N N 34  
ARG NH1 HH12 sing N N 35  
ARG NH2 HH21 sing N N 36  
ARG NH2 HH22 sing N N 37  
ARG OXT HXT  sing N N 38  
ASN N   CA   sing N N 39  
ASN N   H    sing N N 40  
ASN N   H2   sing N N 41  
ASN CA  C    sing N N 42  
ASN CA  CB   sing N N 43  
ASN CA  HA   sing N N 44  
ASN C   O    doub N N 45  
ASN C   OXT  sing N N 46  
ASN CB  CG   sing N N 47  
ASN CB  HB2  sing N N 48  
ASN CB  HB3  sing N N 49  
ASN CG  OD1  doub N N 50  
ASN CG  ND2  sing N N 51  
ASN ND2 HD21 sing N N 52  
ASN ND2 HD22 sing N N 53  
ASN OXT HXT  sing N N 54  
ASP N   CA   sing N N 55  
ASP N   H    sing N N 56  
ASP N   H2   sing N N 57  
ASP CA  C    sing N N 58  
ASP CA  CB   sing N N 59  
ASP CA  HA   sing N N 60  
ASP C   O    doub N N 61  
ASP C   OXT  sing N N 62  
ASP CB  CG   sing N N 63  
ASP CB  HB2  sing N N 64  
ASP CB  HB3  sing N N 65  
ASP CG  OD1  doub N N 66  
ASP CG  OD2  sing N N 67  
ASP OD2 HD2  sing N N 68  
ASP OXT HXT  sing N N 69  
CYS N   CA   sing N N 70  
CYS N   H    sing N N 71  
CYS N   H2   sing N N 72  
CYS CA  C    sing N N 73  
CYS CA  CB   sing N N 74  
CYS CA  HA   sing N N 75  
CYS C   O    doub N N 76  
CYS C   OXT  sing N N 77  
CYS CB  SG   sing N N 78  
CYS CB  HB2  sing N N 79  
CYS CB  HB3  sing N N 80  
CYS SG  HG   sing N N 81  
CYS OXT HXT  sing N N 82  
GLN N   CA   sing N N 83  
GLN N   H    sing N N 84  
GLN N   H2   sing N N 85  
GLN CA  C    sing N N 86  
GLN CA  CB   sing N N 87  
GLN CA  HA   sing N N 88  
GLN C   O    doub N N 89  
GLN C   OXT  sing N N 90  
GLN CB  CG   sing N N 91  
GLN CB  HB2  sing N N 92  
GLN CB  HB3  sing N N 93  
GLN CG  CD   sing N N 94  
GLN CG  HG2  sing N N 95  
GLN CG  HG3  sing N N 96  
GLN CD  OE1  doub N N 97  
GLN CD  NE2  sing N N 98  
GLN NE2 HE21 sing N N 99  
GLN NE2 HE22 sing N N 100 
GLN OXT HXT  sing N N 101 
GLU N   CA   sing N N 102 
GLU N   H    sing N N 103 
GLU N   H2   sing N N 104 
GLU CA  C    sing N N 105 
GLU CA  CB   sing N N 106 
GLU CA  HA   sing N N 107 
GLU C   O    doub N N 108 
GLU C   OXT  sing N N 109 
GLU CB  CG   sing N N 110 
GLU CB  HB2  sing N N 111 
GLU CB  HB3  sing N N 112 
GLU CG  CD   sing N N 113 
GLU CG  HG2  sing N N 114 
GLU CG  HG3  sing N N 115 
GLU CD  OE1  doub N N 116 
GLU CD  OE2  sing N N 117 
GLU OE2 HE2  sing N N 118 
GLU OXT HXT  sing N N 119 
GLY N   CA   sing N N 120 
GLY N   H    sing N N 121 
GLY N   H2   sing N N 122 
GLY CA  C    sing N N 123 
GLY CA  HA2  sing N N 124 
GLY CA  HA3  sing N N 125 
GLY C   O    doub N N 126 
GLY C   OXT  sing N N 127 
GLY OXT HXT  sing N N 128 
GOL C1  O1   sing N N 129 
GOL C1  C2   sing N N 130 
GOL C1  H11  sing N N 131 
GOL C1  H12  sing N N 132 
GOL O1  HO1  sing N N 133 
GOL C2  O2   sing N N 134 
GOL C2  C3   sing N N 135 
GOL C2  H2   sing N N 136 
GOL O2  HO2  sing N N 137 
GOL C3  O3   sing N N 138 
GOL C3  H31  sing N N 139 
GOL C3  H32  sing N N 140 
GOL O3  HO3  sing N N 141 
HIS N   CA   sing N N 142 
HIS N   H    sing N N 143 
HIS N   H2   sing N N 144 
HIS CA  C    sing N N 145 
HIS CA  CB   sing N N 146 
HIS CA  HA   sing N N 147 
HIS C   O    doub N N 148 
HIS C   OXT  sing N N 149 
HIS CB  CG   sing N N 150 
HIS CB  HB2  sing N N 151 
HIS CB  HB3  sing N N 152 
HIS CG  ND1  sing Y N 153 
HIS CG  CD2  doub Y N 154 
HIS ND1 CE1  doub Y N 155 
HIS ND1 HD1  sing N N 156 
HIS CD2 NE2  sing Y N 157 
HIS CD2 HD2  sing N N 158 
HIS CE1 NE2  sing Y N 159 
HIS CE1 HE1  sing N N 160 
HIS NE2 HE2  sing N N 161 
HIS OXT HXT  sing N N 162 
HOH O   H1   sing N N 163 
HOH O   H2   sing N N 164 
ILE N   CA   sing N N 165 
ILE N   H    sing N N 166 
ILE N   H2   sing N N 167 
ILE CA  C    sing N N 168 
ILE CA  CB   sing N N 169 
ILE CA  HA   sing N N 170 
ILE C   O    doub N N 171 
ILE C   OXT  sing N N 172 
ILE CB  CG1  sing N N 173 
ILE CB  CG2  sing N N 174 
ILE CB  HB   sing N N 175 
ILE CG1 CD1  sing N N 176 
ILE CG1 HG12 sing N N 177 
ILE CG1 HG13 sing N N 178 
ILE CG2 HG21 sing N N 179 
ILE CG2 HG22 sing N N 180 
ILE CG2 HG23 sing N N 181 
ILE CD1 HD11 sing N N 182 
ILE CD1 HD12 sing N N 183 
ILE CD1 HD13 sing N N 184 
ILE OXT HXT  sing N N 185 
LEU N   CA   sing N N 186 
LEU N   H    sing N N 187 
LEU N   H2   sing N N 188 
LEU CA  C    sing N N 189 
LEU CA  CB   sing N N 190 
LEU CA  HA   sing N N 191 
LEU C   O    doub N N 192 
LEU C   OXT  sing N N 193 
LEU CB  CG   sing N N 194 
LEU CB  HB2  sing N N 195 
LEU CB  HB3  sing N N 196 
LEU CG  CD1  sing N N 197 
LEU CG  CD2  sing N N 198 
LEU CG  HG   sing N N 199 
LEU CD1 HD11 sing N N 200 
LEU CD1 HD12 sing N N 201 
LEU CD1 HD13 sing N N 202 
LEU CD2 HD21 sing N N 203 
LEU CD2 HD22 sing N N 204 
LEU CD2 HD23 sing N N 205 
LEU OXT HXT  sing N N 206 
LYS N   CA   sing N N 207 
LYS N   H    sing N N 208 
LYS N   H2   sing N N 209 
LYS CA  C    sing N N 210 
LYS CA  CB   sing N N 211 
LYS CA  HA   sing N N 212 
LYS C   O    doub N N 213 
LYS C   OXT  sing N N 214 
LYS CB  CG   sing N N 215 
LYS CB  HB2  sing N N 216 
LYS CB  HB3  sing N N 217 
LYS CG  CD   sing N N 218 
LYS CG  HG2  sing N N 219 
LYS CG  HG3  sing N N 220 
LYS CD  CE   sing N N 221 
LYS CD  HD2  sing N N 222 
LYS CD  HD3  sing N N 223 
LYS CE  NZ   sing N N 224 
LYS CE  HE2  sing N N 225 
LYS CE  HE3  sing N N 226 
LYS NZ  HZ1  sing N N 227 
LYS NZ  HZ2  sing N N 228 
LYS NZ  HZ3  sing N N 229 
LYS OXT HXT  sing N N 230 
MET N   CA   sing N N 231 
MET N   H    sing N N 232 
MET N   H2   sing N N 233 
MET CA  C    sing N N 234 
MET CA  CB   sing N N 235 
MET CA  HA   sing N N 236 
MET C   O    doub N N 237 
MET C   OXT  sing N N 238 
MET CB  CG   sing N N 239 
MET CB  HB2  sing N N 240 
MET CB  HB3  sing N N 241 
MET CG  SD   sing N N 242 
MET CG  HG2  sing N N 243 
MET CG  HG3  sing N N 244 
MET SD  CE   sing N N 245 
MET CE  HE1  sing N N 246 
MET CE  HE2  sing N N 247 
MET CE  HE3  sing N N 248 
MET OXT HXT  sing N N 249 
PHE N   CA   sing N N 250 
PHE N   H    sing N N 251 
PHE N   H2   sing N N 252 
PHE CA  C    sing N N 253 
PHE CA  CB   sing N N 254 
PHE CA  HA   sing N N 255 
PHE C   O    doub N N 256 
PHE C   OXT  sing N N 257 
PHE CB  CG   sing N N 258 
PHE CB  HB2  sing N N 259 
PHE CB  HB3  sing N N 260 
PHE CG  CD1  doub Y N 261 
PHE CG  CD2  sing Y N 262 
PHE CD1 CE1  sing Y N 263 
PHE CD1 HD1  sing N N 264 
PHE CD2 CE2  doub Y N 265 
PHE CD2 HD2  sing N N 266 
PHE CE1 CZ   doub Y N 267 
PHE CE1 HE1  sing N N 268 
PHE CE2 CZ   sing Y N 269 
PHE CE2 HE2  sing N N 270 
PHE CZ  HZ   sing N N 271 
PHE OXT HXT  sing N N 272 
PRO N   CA   sing N N 273 
PRO N   CD   sing N N 274 
PRO N   H    sing N N 275 
PRO CA  C    sing N N 276 
PRO CA  CB   sing N N 277 
PRO CA  HA   sing N N 278 
PRO C   O    doub N N 279 
PRO C   OXT  sing N N 280 
PRO CB  CG   sing N N 281 
PRO CB  HB2  sing N N 282 
PRO CB  HB3  sing N N 283 
PRO CG  CD   sing N N 284 
PRO CG  HG2  sing N N 285 
PRO CG  HG3  sing N N 286 
PRO CD  HD2  sing N N 287 
PRO CD  HD3  sing N N 288 
PRO OXT HXT  sing N N 289 
SER N   CA   sing N N 290 
SER N   H    sing N N 291 
SER N   H2   sing N N 292 
SER CA  C    sing N N 293 
SER CA  CB   sing N N 294 
SER CA  HA   sing N N 295 
SER C   O    doub N N 296 
SER C   OXT  sing N N 297 
SER CB  OG   sing N N 298 
SER CB  HB2  sing N N 299 
SER CB  HB3  sing N N 300 
SER OG  HG   sing N N 301 
SER OXT HXT  sing N N 302 
THR N   CA   sing N N 303 
THR N   H    sing N N 304 
THR N   H2   sing N N 305 
THR CA  C    sing N N 306 
THR CA  CB   sing N N 307 
THR CA  HA   sing N N 308 
THR C   O    doub N N 309 
THR C   OXT  sing N N 310 
THR CB  OG1  sing N N 311 
THR CB  CG2  sing N N 312 
THR CB  HB   sing N N 313 
THR OG1 HG1  sing N N 314 
THR CG2 HG21 sing N N 315 
THR CG2 HG22 sing N N 316 
THR CG2 HG23 sing N N 317 
THR OXT HXT  sing N N 318 
TRP N   CA   sing N N 319 
TRP N   H    sing N N 320 
TRP N   H2   sing N N 321 
TRP CA  C    sing N N 322 
TRP CA  CB   sing N N 323 
TRP CA  HA   sing N N 324 
TRP C   O    doub N N 325 
TRP C   OXT  sing N N 326 
TRP CB  CG   sing N N 327 
TRP CB  HB2  sing N N 328 
TRP CB  HB3  sing N N 329 
TRP CG  CD1  doub Y N 330 
TRP CG  CD2  sing Y N 331 
TRP CD1 NE1  sing Y N 332 
TRP CD1 HD1  sing N N 333 
TRP CD2 CE2  doub Y N 334 
TRP CD2 CE3  sing Y N 335 
TRP NE1 CE2  sing Y N 336 
TRP NE1 HE1  sing N N 337 
TRP CE2 CZ2  sing Y N 338 
TRP CE3 CZ3  doub Y N 339 
TRP CE3 HE3  sing N N 340 
TRP CZ2 CH2  doub Y N 341 
TRP CZ2 HZ2  sing N N 342 
TRP CZ3 CH2  sing Y N 343 
TRP CZ3 HZ3  sing N N 344 
TRP CH2 HH2  sing N N 345 
TRP OXT HXT  sing N N 346 
TYR N   CA   sing N N 347 
TYR N   H    sing N N 348 
TYR N   H2   sing N N 349 
TYR CA  C    sing N N 350 
TYR CA  CB   sing N N 351 
TYR CA  HA   sing N N 352 
TYR C   O    doub N N 353 
TYR C   OXT  sing N N 354 
TYR CB  CG   sing N N 355 
TYR CB  HB2  sing N N 356 
TYR CB  HB3  sing N N 357 
TYR CG  CD1  doub Y N 358 
TYR CG  CD2  sing Y N 359 
TYR CD1 CE1  sing Y N 360 
TYR CD1 HD1  sing N N 361 
TYR CD2 CE2  doub Y N 362 
TYR CD2 HD2  sing N N 363 
TYR CE1 CZ   doub Y N 364 
TYR CE1 HE1  sing N N 365 
TYR CE2 CZ   sing Y N 366 
TYR CE2 HE2  sing N N 367 
TYR CZ  OH   sing N N 368 
TYR OH  HH   sing N N 369 
TYR OXT HXT  sing N N 370 
VAL N   CA   sing N N 371 
VAL N   H    sing N N 372 
VAL N   H2   sing N N 373 
VAL CA  C    sing N N 374 
VAL CA  CB   sing N N 375 
VAL CA  HA   sing N N 376 
VAL C   O    doub N N 377 
VAL C   OXT  sing N N 378 
VAL CB  CG1  sing N N 379 
VAL CB  CG2  sing N N 380 
VAL CB  HB   sing N N 381 
VAL CG1 HG11 sing N N 382 
VAL CG1 HG12 sing N N 383 
VAL CG1 HG13 sing N N 384 
VAL CG2 HG21 sing N N 385 
VAL CG2 HG22 sing N N 386 
VAL CG2 HG23 sing N N 387 
VAL OXT HXT  sing N N 388 
# 
loop_
_pdbx_entity_nonpoly.entity_id 
_pdbx_entity_nonpoly.name 
_pdbx_entity_nonpoly.comp_id 
2 GLYCEROL        GOL 
3 'POTASSIUM ION' K   
4 water           HOH 
# 
_pdbx_initial_refinement_model.id               1 
_pdbx_initial_refinement_model.entity_id_list   ? 
_pdbx_initial_refinement_model.type             'experimental model' 
_pdbx_initial_refinement_model.source_name      PDB 
_pdbx_initial_refinement_model.accession_code   4P9I 
_pdbx_initial_refinement_model.details          'PDB entry 4P9I' 
# 
_pdbx_struct_assembly_auth_evidence.id                     1 
_pdbx_struct_assembly_auth_evidence.assembly_id            1 
_pdbx_struct_assembly_auth_evidence.experimental_support   'gel filtration' 
_pdbx_struct_assembly_auth_evidence.details                ? 
# 
